data_3F42
# 
_entry.id   3F42 
# 
_audit_conform.dict_name       mmcif_pdbx.dic 
_audit_conform.dict_version    5.397 
_audit_conform.dict_location   http://mmcif.pdb.org/dictionaries/ascii/mmcif_pdbx.dic 
# 
loop_
_database_2.database_id 
_database_2.database_code 
_database_2.pdbx_database_accession 
_database_2.pdbx_DOI 
PDB   3F42         pdb_00003f42 10.2210/pdb3f42/pdb 
RCSB  RCSB050120   ?            ?                   
WWPDB D_1000050120 ?            ?                   
# 
loop_
_pdbx_audit_revision_history.ordinal 
_pdbx_audit_revision_history.data_content_type 
_pdbx_audit_revision_history.major_revision 
_pdbx_audit_revision_history.minor_revision 
_pdbx_audit_revision_history.revision_date 
1 'Structure model' 1 0 2008-11-18 
2 'Structure model' 1 1 2011-07-13 
3 'Structure model' 1 2 2023-12-27 
4 'Structure model' 1 3 2024-10-30 
# 
_pdbx_audit_revision_details.ordinal             1 
_pdbx_audit_revision_details.revision_ordinal    1 
_pdbx_audit_revision_details.data_content_type   'Structure model' 
_pdbx_audit_revision_details.provider            repository 
_pdbx_audit_revision_details.type                'Initial release' 
_pdbx_audit_revision_details.description         ? 
_pdbx_audit_revision_details.details             ? 
# 
loop_
_pdbx_audit_revision_group.ordinal 
_pdbx_audit_revision_group.revision_ordinal 
_pdbx_audit_revision_group.data_content_type 
_pdbx_audit_revision_group.group 
1 2 'Structure model' Advisory                    
2 2 'Structure model' 'Refinement description'    
3 2 'Structure model' 'Version format compliance' 
4 3 'Structure model' 'Data collection'           
5 3 'Structure model' 'Database references'       
6 3 'Structure model' 'Derived calculations'      
7 4 'Structure model' 'Structure summary'         
# 
loop_
_pdbx_audit_revision_category.ordinal 
_pdbx_audit_revision_category.revision_ordinal 
_pdbx_audit_revision_category.data_content_type 
_pdbx_audit_revision_category.category 
1 3 'Structure model' chem_comp_atom            
2 3 'Structure model' chem_comp_bond            
3 3 'Structure model' database_2                
4 3 'Structure model' struct_conn               
5 3 'Structure model' struct_site               
6 4 'Structure model' pdbx_entry_details        
7 4 'Structure model' pdbx_modification_feature 
# 
loop_
_pdbx_audit_revision_item.ordinal 
_pdbx_audit_revision_item.revision_ordinal 
_pdbx_audit_revision_item.data_content_type 
_pdbx_audit_revision_item.item 
1 3 'Structure model' '_database_2.pdbx_DOI'                
2 3 'Structure model' '_database_2.pdbx_database_accession' 
3 3 'Structure model' '_struct_conn.pdbx_leaving_atom_flag' 
4 3 'Structure model' '_struct_site.pdbx_auth_asym_id'      
5 3 'Structure model' '_struct_site.pdbx_auth_comp_id'      
6 3 'Structure model' '_struct_site.pdbx_auth_seq_id'       
# 
_pdbx_database_status.status_code                     REL 
_pdbx_database_status.entry_id                        3F42 
_pdbx_database_status.recvd_initial_deposition_date   2008-10-31 
_pdbx_database_status.deposit_site                    RCSB 
_pdbx_database_status.process_site                    RCSB 
_pdbx_database_status.status_code_sf                  REL 
_pdbx_database_status.status_code_mr                  ? 
_pdbx_database_status.SG_entry                        Y 
_pdbx_database_status.pdb_format_compatible           Y 
_pdbx_database_status.status_code_cs                  ? 
_pdbx_database_status.status_code_nmr_data            ? 
_pdbx_database_status.methods_development_category    ? 
# 
_pdbx_database_related.db_name        TargetDB 
_pdbx_database_related.db_id          APC7762 
_pdbx_database_related.details        . 
_pdbx_database_related.content_type   unspecified 
# 
loop_
_audit_author.name 
_audit_author.pdbx_ordinal 
'Chang, C.'                                     1 
'Kudritska, M.'                                 2 
'Savchenko, A.'                                 3 
'Edwards, A.'                                   4 
'Joachimiak, A.'                                5 
'Midwest Center for Structural Genomics (MCSG)' 6 
# 
_citation.id                        primary 
_citation.title                     'Crystal structure of uncharacterized protein HP0035 from  Helicobacter pylori' 
_citation.journal_abbrev            'To be Published' 
_citation.journal_volume            ? 
_citation.page_first                ? 
_citation.page_last                 ? 
_citation.year                      ? 
_citation.journal_id_ASTM           ? 
_citation.country                   ? 
_citation.journal_id_ISSN           ? 
_citation.journal_id_CSD            0353 
_citation.book_publisher            ? 
_citation.pdbx_database_id_PubMed   ? 
_citation.pdbx_database_id_DOI      ? 
# 
loop_
_citation_author.citation_id 
_citation_author.name 
_citation_author.ordinal 
_citation_author.identifier_ORCID 
primary 'Chang, C.'      1 ? 
primary 'Kudritska, M.'  2 ? 
primary 'Savchenko, A.'  3 ? 
primary 'Edwards, A.'    4 ? 
primary 'Joachimiak, A.' 5 ? 
# 
loop_
_entity.id 
_entity.type 
_entity.src_method 
_entity.pdbx_description 
_entity.formula_weight 
_entity.pdbx_number_of_molecules 
_entity.pdbx_ec 
_entity.pdbx_mutation 
_entity.pdbx_fragment 
_entity.details 
1 polymer     man 'protein HP0035' 11211.725 2   ? ? ? ? 
2 non-polymer syn 1,2-ETHANEDIOL   62.068    4   ? ? ? ? 
3 water       nat water            18.015    142 ? ? ? ? 
# 
_entity_poly.entity_id                      1 
_entity_poly.type                           'polypeptide(L)' 
_entity_poly.nstd_linkage                   no 
_entity_poly.nstd_monomer                   yes 
_entity_poly.pdbx_seq_one_letter_code       
;GH(MSE)DFSQLGGLLDG(MSE)KKEFSQLEEKNKDTIHTSKSGGG(MSE)VSVSFNGLGELVDLQIDDSLLEDKEA
(MSE)QIYL(MSE)SALNDGYKAVEENRKNLAFN(MSE)LGNFAKL
;
_entity_poly.pdbx_seq_one_letter_code_can   
;GHMDFSQLGGLLDGMKKEFSQLEEKNKDTIHTSKSGGGMVSVSFNGLGELVDLQIDDSLLEDKEAMQIYLMSALNDGYKA
VEENRKNLAFNMLGNFAKL
;
_entity_poly.pdbx_strand_id                 A,B 
_entity_poly.pdbx_target_identifier         APC7762 
# 
loop_
_pdbx_entity_nonpoly.entity_id 
_pdbx_entity_nonpoly.name 
_pdbx_entity_nonpoly.comp_id 
2 1,2-ETHANEDIOL EDO 
3 water          HOH 
# 
loop_
_entity_poly_seq.entity_id 
_entity_poly_seq.num 
_entity_poly_seq.mon_id 
_entity_poly_seq.hetero 
1 1  GLY n 
1 2  HIS n 
1 3  MSE n 
1 4  ASP n 
1 5  PHE n 
1 6  SER n 
1 7  GLN n 
1 8  LEU n 
1 9  GLY n 
1 10 GLY n 
1 11 LEU n 
1 12 LEU n 
1 13 ASP n 
1 14 GLY n 
1 15 MSE n 
1 16 LYS n 
1 17 LYS n 
1 18 GLU n 
1 19 PHE n 
1 20 SER n 
1 21 GLN n 
1 22 LEU n 
1 23 GLU n 
1 24 GLU n 
1 25 LYS n 
1 26 ASN n 
1 27 LYS n 
1 28 ASP n 
1 29 THR n 
1 30 ILE n 
1 31 HIS n 
1 32 THR n 
1 33 SER n 
1 34 LYS n 
1 35 SER n 
1 36 GLY n 
1 37 GLY n 
1 38 GLY n 
1 39 MSE n 
1 40 VAL n 
1 41 SER n 
1 42 VAL n 
1 43 SER n 
1 44 PHE n 
1 45 ASN n 
1 46 GLY n 
1 47 LEU n 
1 48 GLY n 
1 49 GLU n 
1 50 LEU n 
1 51 VAL n 
1 52 ASP n 
1 53 LEU n 
1 54 GLN n 
1 55 ILE n 
1 56 ASP n 
1 57 ASP n 
1 58 SER n 
1 59 LEU n 
1 60 LEU n 
1 61 GLU n 
1 62 ASP n 
1 63 LYS n 
1 64 GLU n 
1 65 ALA n 
1 66 MSE n 
1 67 GLN n 
1 68 ILE n 
1 69 TYR n 
1 70 LEU n 
1 71 MSE n 
1 72 SER n 
1 73 ALA n 
1 74 LEU n 
1 75 ASN n 
1 76 ASP n 
1 77 GLY n 
1 78 TYR n 
1 79 LYS n 
1 80 ALA n 
1 81 VAL n 
1 82 GLU n 
1 83 GLU n 
1 84 ASN n 
1 85 ARG n 
1 86 LYS n 
1 87 ASN n 
1 88 LEU n 
1 89 ALA n 
1 90 PHE n 
1 91 ASN n 
1 92 MSE n 
1 93 LEU n 
1 94 GLY n 
1 95 ASN n 
1 96 PHE n 
1 97 ALA n 
1 98 LYS n 
1 99 LEU n 
# 
_entity_src_gen.entity_id                          1 
_entity_src_gen.pdbx_src_id                        1 
_entity_src_gen.pdbx_alt_source_flag               sample 
_entity_src_gen.pdbx_seq_type                      ? 
_entity_src_gen.pdbx_beg_seq_num                   ? 
_entity_src_gen.pdbx_end_seq_num                   ? 
_entity_src_gen.gene_src_common_name               'Campylobacter pylori' 
_entity_src_gen.gene_src_genus                     ? 
_entity_src_gen.pdbx_gene_src_gene                 HP_0035 
_entity_src_gen.gene_src_species                   ? 
_entity_src_gen.gene_src_strain                    ? 
_entity_src_gen.gene_src_tissue                    ? 
_entity_src_gen.gene_src_tissue_fraction           ? 
_entity_src_gen.gene_src_details                   ? 
_entity_src_gen.pdbx_gene_src_fragment             ? 
_entity_src_gen.pdbx_gene_src_scientific_name      'Helicobacter pylori' 
_entity_src_gen.pdbx_gene_src_ncbi_taxonomy_id     210 
_entity_src_gen.pdbx_gene_src_variant              ? 
_entity_src_gen.pdbx_gene_src_cell_line            ? 
_entity_src_gen.pdbx_gene_src_atcc                 ? 
_entity_src_gen.pdbx_gene_src_organ                ? 
_entity_src_gen.pdbx_gene_src_organelle            ? 
_entity_src_gen.pdbx_gene_src_cell                 ? 
_entity_src_gen.pdbx_gene_src_cellular_location    ? 
_entity_src_gen.host_org_common_name               ? 
_entity_src_gen.pdbx_host_org_scientific_name      'Escherichia coli' 
_entity_src_gen.pdbx_host_org_ncbi_taxonomy_id     562 
_entity_src_gen.host_org_genus                     ? 
_entity_src_gen.pdbx_host_org_gene                 ? 
_entity_src_gen.pdbx_host_org_organ                ? 
_entity_src_gen.host_org_species                   ? 
_entity_src_gen.pdbx_host_org_tissue               ? 
_entity_src_gen.pdbx_host_org_tissue_fraction      ? 
_entity_src_gen.pdbx_host_org_strain               'BL21(DE3) Derivative' 
_entity_src_gen.pdbx_host_org_variant              ? 
_entity_src_gen.pdbx_host_org_cell_line            ? 
_entity_src_gen.pdbx_host_org_atcc                 ? 
_entity_src_gen.pdbx_host_org_culture_collection   ? 
_entity_src_gen.pdbx_host_org_cell                 ? 
_entity_src_gen.pdbx_host_org_organelle            ? 
_entity_src_gen.pdbx_host_org_cellular_location    ? 
_entity_src_gen.pdbx_host_org_vector_type          plasmid 
_entity_src_gen.pdbx_host_org_vector               ? 
_entity_src_gen.host_org_details                   ? 
_entity_src_gen.expression_system_id               ? 
_entity_src_gen.plasmid_name                       'pET derivative' 
_entity_src_gen.plasmid_details                    ? 
_entity_src_gen.pdbx_description                   ? 
# 
loop_
_chem_comp.id 
_chem_comp.type 
_chem_comp.mon_nstd_flag 
_chem_comp.name 
_chem_comp.pdbx_synonyms 
_chem_comp.formula 
_chem_comp.formula_weight 
ALA 'L-peptide linking' y ALANINE          ?                 'C3 H7 N O2'     89.093  
ARG 'L-peptide linking' y ARGININE         ?                 'C6 H15 N4 O2 1' 175.209 
ASN 'L-peptide linking' y ASPARAGINE       ?                 'C4 H8 N2 O3'    132.118 
ASP 'L-peptide linking' y 'ASPARTIC ACID'  ?                 'C4 H7 N O4'     133.103 
EDO non-polymer         . 1,2-ETHANEDIOL   'ETHYLENE GLYCOL' 'C2 H6 O2'       62.068  
GLN 'L-peptide linking' y GLUTAMINE        ?                 'C5 H10 N2 O3'   146.144 
GLU 'L-peptide linking' y 'GLUTAMIC ACID'  ?                 'C5 H9 N O4'     147.129 
GLY 'peptide linking'   y GLYCINE          ?                 'C2 H5 N O2'     75.067  
HIS 'L-peptide linking' y HISTIDINE        ?                 'C6 H10 N3 O2 1' 156.162 
HOH non-polymer         . WATER            ?                 'H2 O'           18.015  
ILE 'L-peptide linking' y ISOLEUCINE       ?                 'C6 H13 N O2'    131.173 
LEU 'L-peptide linking' y LEUCINE          ?                 'C6 H13 N O2'    131.173 
LYS 'L-peptide linking' y LYSINE           ?                 'C6 H15 N2 O2 1' 147.195 
MSE 'L-peptide linking' n SELENOMETHIONINE ?                 'C5 H11 N O2 Se' 196.106 
PHE 'L-peptide linking' y PHENYLALANINE    ?                 'C9 H11 N O2'    165.189 
SER 'L-peptide linking' y SERINE           ?                 'C3 H7 N O3'     105.093 
THR 'L-peptide linking' y THREONINE        ?                 'C4 H9 N O3'     119.119 
TYR 'L-peptide linking' y TYROSINE         ?                 'C9 H11 N O3'    181.189 
VAL 'L-peptide linking' y VALINE           ?                 'C5 H11 N O2'    117.146 
# 
loop_
_pdbx_poly_seq_scheme.asym_id 
_pdbx_poly_seq_scheme.entity_id 
_pdbx_poly_seq_scheme.seq_id 
_pdbx_poly_seq_scheme.mon_id 
_pdbx_poly_seq_scheme.ndb_seq_num 
_pdbx_poly_seq_scheme.pdb_seq_num 
_pdbx_poly_seq_scheme.auth_seq_num 
_pdbx_poly_seq_scheme.pdb_mon_id 
_pdbx_poly_seq_scheme.auth_mon_id 
_pdbx_poly_seq_scheme.pdb_strand_id 
_pdbx_poly_seq_scheme.pdb_ins_code 
_pdbx_poly_seq_scheme.hetero 
A 1 1  GLY 1  -1 ?  ?   ?   A . n 
A 1 2  HIS 2  0  0  HIS ALA A . n 
A 1 3  MSE 3  1  1  MSE MSE A . n 
A 1 4  ASP 4  2  2  ASP ASP A . n 
A 1 5  PHE 5  3  3  PHE PHE A . n 
A 1 6  SER 6  4  4  SER SER A . n 
A 1 7  GLN 7  5  5  GLN GLN A . n 
A 1 8  LEU 8  6  6  LEU LEU A . n 
A 1 9  GLY 9  7  7  GLY GLY A . n 
A 1 10 GLY 10 8  8  GLY GLY A . n 
A 1 11 LEU 11 9  9  LEU LEU A . n 
A 1 12 LEU 12 10 10 LEU LEU A . n 
A 1 13 ASP 13 11 11 ASP ASP A . n 
A 1 14 GLY 14 12 12 GLY GLY A . n 
A 1 15 MSE 15 13 13 MSE MSE A . n 
A 1 16 LYS 16 14 14 LYS LYS A . n 
A 1 17 LYS 17 15 15 LYS LYS A . n 
A 1 18 GLU 18 16 16 GLU GLU A . n 
A 1 19 PHE 19 17 17 PHE PHE A . n 
A 1 20 SER 20 18 18 SER SER A . n 
A 1 21 GLN 21 19 19 GLN GLN A . n 
A 1 22 LEU 22 20 20 LEU LEU A . n 
A 1 23 GLU 23 21 21 GLU GLU A . n 
A 1 24 GLU 24 22 22 GLU GLU A . n 
A 1 25 LYS 25 23 23 LYS LYS A . n 
A 1 26 ASN 26 24 24 ASN ASN A . n 
A 1 27 LYS 27 25 25 LYS LYS A . n 
A 1 28 ASP 28 26 26 ASP ASP A . n 
A 1 29 THR 29 27 27 THR THR A . n 
A 1 30 ILE 30 28 28 ILE ILE A . n 
A 1 31 HIS 31 29 29 HIS HIS A . n 
A 1 32 THR 32 30 30 THR THR A . n 
A 1 33 SER 33 31 31 SER SER A . n 
A 1 34 LYS 34 32 32 LYS LYS A . n 
A 1 35 SER 35 33 33 SER SER A . n 
A 1 36 GLY 36 34 34 GLY GLY A . n 
A 1 37 GLY 37 35 35 GLY GLY A . n 
A 1 38 GLY 38 36 36 GLY GLY A . n 
A 1 39 MSE 39 37 37 MSE MSE A . n 
A 1 40 VAL 40 38 38 VAL VAL A . n 
A 1 41 SER 41 39 39 SER SER A . n 
A 1 42 VAL 42 40 40 VAL VAL A . n 
A 1 43 SER 43 41 41 SER SER A . n 
A 1 44 PHE 44 42 42 PHE PHE A . n 
A 1 45 ASN 45 43 43 ASN ASN A . n 
A 1 46 GLY 46 44 44 GLY GLY A . n 
A 1 47 LEU 47 45 45 LEU LEU A . n 
A 1 48 GLY 48 46 46 GLY GLY A . n 
A 1 49 GLU 49 47 47 GLU GLU A . n 
A 1 50 LEU 50 48 48 LEU LEU A . n 
A 1 51 VAL 51 49 49 VAL VAL A . n 
A 1 52 ASP 52 50 50 ASP ASP A . n 
A 1 53 LEU 53 51 51 LEU LEU A . n 
A 1 54 GLN 54 52 52 GLN GLN A . n 
A 1 55 ILE 55 53 53 ILE ILE A . n 
A 1 56 ASP 56 54 54 ASP ASP A . n 
A 1 57 ASP 57 55 55 ASP ASP A . n 
A 1 58 SER 58 56 56 SER SER A . n 
A 1 59 LEU 59 57 57 LEU LEU A . n 
A 1 60 LEU 60 58 58 LEU LEU A . n 
A 1 61 GLU 61 59 59 GLU GLU A . n 
A 1 62 ASP 62 60 60 ASP ASP A . n 
A 1 63 LYS 63 61 61 LYS LYS A . n 
A 1 64 GLU 64 62 62 GLU GLU A . n 
A 1 65 ALA 65 63 63 ALA ALA A . n 
A 1 66 MSE 66 64 64 MSE MSE A . n 
A 1 67 GLN 67 65 65 GLN GLN A . n 
A 1 68 ILE 68 66 66 ILE ILE A . n 
A 1 69 TYR 69 67 67 TYR TYR A . n 
A 1 70 LEU 70 68 68 LEU LEU A . n 
A 1 71 MSE 71 69 69 MSE MSE A . n 
A 1 72 SER 72 70 70 SER SER A . n 
A 1 73 ALA 73 71 71 ALA ALA A . n 
A 1 74 LEU 74 72 72 LEU LEU A . n 
A 1 75 ASN 75 73 73 ASN ASN A . n 
A 1 76 ASP 76 74 74 ASP ASP A . n 
A 1 77 GLY 77 75 75 GLY GLY A . n 
A 1 78 TYR 78 76 76 TYR TYR A . n 
A 1 79 LYS 79 77 77 LYS LYS A . n 
A 1 80 ALA 80 78 78 ALA ALA A . n 
A 1 81 VAL 81 79 79 VAL VAL A . n 
A 1 82 GLU 82 80 80 GLU GLU A . n 
A 1 83 GLU 83 81 81 GLU GLU A . n 
A 1 84 ASN 84 82 82 ASN ASN A . n 
A 1 85 ARG 85 83 83 ARG ARG A . n 
A 1 86 LYS 86 84 84 LYS LYS A . n 
A 1 87 ASN 87 85 85 ASN ASN A . n 
A 1 88 LEU 88 86 86 LEU LEU A . n 
A 1 89 ALA 89 87 87 ALA ALA A . n 
A 1 90 PHE 90 88 88 PHE PHE A . n 
A 1 91 ASN 91 89 89 ASN ASN A . n 
A 1 92 MSE 92 90 90 MSE MSE A . n 
A 1 93 LEU 93 91 91 LEU LEU A . n 
A 1 94 GLY 94 92 92 GLY GLY A . n 
A 1 95 ASN 95 93 ?  ?   ?   A . n 
A 1 96 PHE 96 94 ?  ?   ?   A . n 
A 1 97 ALA 97 95 ?  ?   ?   A . n 
A 1 98 LYS 98 96 ?  ?   ?   A . n 
A 1 99 LEU 99 97 ?  ?   ?   A . n 
B 1 1  GLY 1  -1 ?  ?   ?   B . n 
B 1 2  HIS 2  0  ?  ?   ?   B . n 
B 1 3  MSE 3  1  ?  ?   ?   B . n 
B 1 4  ASP 4  2  ?  ?   ?   B . n 
B 1 5  PHE 5  3  ?  ?   ?   B . n 
B 1 6  SER 6  4  ?  ?   ?   B . n 
B 1 7  GLN 7  5  ?  ?   ?   B . n 
B 1 8  LEU 8  6  ?  ?   ?   B . n 
B 1 9  GLY 9  7  ?  ?   ?   B . n 
B 1 10 GLY 10 8  8  GLY GLY B . n 
B 1 11 LEU 11 9  9  LEU LEU B . n 
B 1 12 LEU 12 10 10 LEU LEU B . n 
B 1 13 ASP 13 11 11 ASP ASP B . n 
B 1 14 GLY 14 12 12 GLY GLY B . n 
B 1 15 MSE 15 13 13 MSE MSE B . n 
B 1 16 LYS 16 14 14 LYS LYS B . n 
B 1 17 LYS 17 15 15 LYS ALA B . n 
B 1 18 GLU 18 16 16 GLU GLU B . n 
B 1 19 PHE 19 17 17 PHE PHE B . n 
B 1 20 SER 20 18 18 SER SER B . n 
B 1 21 GLN 21 19 19 GLN GLN B . n 
B 1 22 LEU 22 20 20 LEU ALA B . n 
B 1 23 GLU 23 21 21 GLU GLU B . n 
B 1 24 GLU 24 22 22 GLU ALA B . n 
B 1 25 LYS 25 23 23 LYS ALA B . n 
B 1 26 ASN 26 24 24 ASN ALA B . n 
B 1 27 LYS 27 25 25 LYS ALA B . n 
B 1 28 ASP 28 26 26 ASP ALA B . n 
B 1 29 THR 29 27 27 THR THR B . n 
B 1 30 ILE 30 28 28 ILE ILE B . n 
B 1 31 HIS 31 29 29 HIS HIS B . n 
B 1 32 THR 32 30 30 THR THR B . n 
B 1 33 SER 33 31 31 SER SER B . n 
B 1 34 LYS 34 32 32 LYS LYS B . n 
B 1 35 SER 35 33 33 SER SER B . n 
B 1 36 GLY 36 34 34 GLY GLY B . n 
B 1 37 GLY 37 35 35 GLY GLY B . n 
B 1 38 GLY 38 36 36 GLY GLY B . n 
B 1 39 MSE 39 37 37 MSE MSE B . n 
B 1 40 VAL 40 38 38 VAL VAL B . n 
B 1 41 SER 41 39 39 SER SER B . n 
B 1 42 VAL 42 40 40 VAL VAL B . n 
B 1 43 SER 43 41 41 SER SER B . n 
B 1 44 PHE 44 42 42 PHE PHE B . n 
B 1 45 ASN 45 43 43 ASN ASN B . n 
B 1 46 GLY 46 44 44 GLY GLY B . n 
B 1 47 LEU 47 45 45 LEU LEU B . n 
B 1 48 GLY 48 46 46 GLY GLY B . n 
B 1 49 GLU 49 47 47 GLU GLU B . n 
B 1 50 LEU 50 48 48 LEU LEU B . n 
B 1 51 VAL 51 49 49 VAL VAL B . n 
B 1 52 ASP 52 50 50 ASP ASP B . n 
B 1 53 LEU 53 51 51 LEU LEU B . n 
B 1 54 GLN 54 52 52 GLN GLN B . n 
B 1 55 ILE 55 53 53 ILE ILE B . n 
B 1 56 ASP 56 54 54 ASP ASP B . n 
B 1 57 ASP 57 55 55 ASP ASP B . n 
B 1 58 SER 58 56 56 SER SER B . n 
B 1 59 LEU 59 57 57 LEU LEU B . n 
B 1 60 LEU 60 58 58 LEU LEU B . n 
B 1 61 GLU 61 59 59 GLU GLU B . n 
B 1 62 ASP 62 60 60 ASP ASP B . n 
B 1 63 LYS 63 61 61 LYS LYS B . n 
B 1 64 GLU 64 62 62 GLU GLU B . n 
B 1 65 ALA 65 63 63 ALA ALA B . n 
B 1 66 MSE 66 64 64 MSE MSE B . n 
B 1 67 GLN 67 65 65 GLN GLN B . n 
B 1 68 ILE 68 66 66 ILE ILE B . n 
B 1 69 TYR 69 67 67 TYR TYR B . n 
B 1 70 LEU 70 68 68 LEU LEU B . n 
B 1 71 MSE 71 69 69 MSE MSE B . n 
B 1 72 SER 72 70 70 SER SER B . n 
B 1 73 ALA 73 71 71 ALA ALA B . n 
B 1 74 LEU 74 72 72 LEU LEU B . n 
B 1 75 ASN 75 73 73 ASN ASN B . n 
B 1 76 ASP 76 74 74 ASP ASP B . n 
B 1 77 GLY 77 75 75 GLY GLY B . n 
B 1 78 TYR 78 76 76 TYR TYR B . n 
B 1 79 LYS 79 77 77 LYS LYS B . n 
B 1 80 ALA 80 78 78 ALA ALA B . n 
B 1 81 VAL 81 79 79 VAL VAL B . n 
B 1 82 GLU 82 80 80 GLU GLU B . n 
B 1 83 GLU 83 81 81 GLU GLU B . n 
B 1 84 ASN 84 82 82 ASN ASN B . n 
B 1 85 ARG 85 83 83 ARG ARG B . n 
B 1 86 LYS 86 84 84 LYS LYS B . n 
B 1 87 ASN 87 85 85 ASN ASN B . n 
B 1 88 LEU 88 86 86 LEU LEU B . n 
B 1 89 ALA 89 87 87 ALA ALA B . n 
B 1 90 PHE 90 88 88 PHE PHE B . n 
B 1 91 ASN 91 89 89 ASN ASN B . n 
B 1 92 MSE 92 90 90 MSE ALA B . n 
B 1 93 LEU 93 91 91 LEU ALA B . n 
B 1 94 GLY 94 92 ?  ?   ?   B . n 
B 1 95 ASN 95 93 ?  ?   ?   B . n 
B 1 96 PHE 96 94 ?  ?   ?   B . n 
B 1 97 ALA 97 95 ?  ?   ?   B . n 
B 1 98 LYS 98 96 ?  ?   ?   B . n 
B 1 99 LEU 99 97 ?  ?   ?   B . n 
# 
loop_
_pdbx_nonpoly_scheme.asym_id 
_pdbx_nonpoly_scheme.entity_id 
_pdbx_nonpoly_scheme.mon_id 
_pdbx_nonpoly_scheme.ndb_seq_num 
_pdbx_nonpoly_scheme.pdb_seq_num 
_pdbx_nonpoly_scheme.auth_seq_num 
_pdbx_nonpoly_scheme.pdb_mon_id 
_pdbx_nonpoly_scheme.auth_mon_id 
_pdbx_nonpoly_scheme.pdb_strand_id 
_pdbx_nonpoly_scheme.pdb_ins_code 
C 2 EDO 1  101 101 EDO EDO A . 
D 2 EDO 1  103 103 EDO EDO A . 
E 2 EDO 1  102 102 EDO EDO B . 
F 2 EDO 1  101 101 EDO EDO B . 
G 3 HOH 1  98  1   HOH HOH A . 
G 3 HOH 2  99  3   HOH HOH A . 
G 3 HOH 3  100 100 HOH HOH A . 
G 3 HOH 4  102 6   HOH HOH A . 
G 3 HOH 5  104 7   HOH HOH A . 
G 3 HOH 6  105 105 HOH HOH A . 
G 3 HOH 7  106 106 HOH HOH A . 
G 3 HOH 8  107 107 HOH HOH A . 
G 3 HOH 9  108 8   HOH HOH A . 
G 3 HOH 10 109 9   HOH HOH A . 
G 3 HOH 11 110 10  HOH HOH A . 
G 3 HOH 12 111 111 HOH HOH A . 
G 3 HOH 13 112 112 HOH HOH A . 
G 3 HOH 14 113 12  HOH HOH A . 
G 3 HOH 15 114 14  HOH HOH A . 
G 3 HOH 16 115 15  HOH HOH A . 
G 3 HOH 17 116 16  HOH HOH A . 
G 3 HOH 18 117 17  HOH HOH A . 
G 3 HOH 19 118 18  HOH HOH A . 
G 3 HOH 20 119 119 HOH HOH A . 
G 3 HOH 21 120 19  HOH HOH A . 
G 3 HOH 22 121 21  HOH HOH A . 
G 3 HOH 23 122 122 HOH HOH A . 
G 3 HOH 24 123 22  HOH HOH A . 
G 3 HOH 25 124 23  HOH HOH A . 
G 3 HOH 26 125 26  HOH HOH A . 
G 3 HOH 27 126 126 HOH HOH A . 
G 3 HOH 28 127 127 HOH HOH A . 
G 3 HOH 29 128 128 HOH HOH A . 
G 3 HOH 30 129 31  HOH HOH A . 
G 3 HOH 31 130 33  HOH HOH A . 
G 3 HOH 32 131 131 HOH HOH A . 
G 3 HOH 33 132 35  HOH HOH A . 
G 3 HOH 34 133 133 HOH HOH A . 
G 3 HOH 35 134 134 HOH HOH A . 
G 3 HOH 36 135 36  HOH HOH A . 
G 3 HOH 37 136 37  HOH HOH A . 
G 3 HOH 38 137 39  HOH HOH A . 
G 3 HOH 39 138 138 HOH HOH A . 
G 3 HOH 40 139 139 HOH HOH A . 
G 3 HOH 41 140 40  HOH HOH A . 
G 3 HOH 42 141 141 HOH HOH A . 
G 3 HOH 43 142 142 HOH HOH A . 
G 3 HOH 44 143 41  HOH HOH A . 
G 3 HOH 45 144 42  HOH HOH A . 
G 3 HOH 46 145 43  HOH HOH A . 
G 3 HOH 47 146 44  HOH HOH A . 
G 3 HOH 48 147 45  HOH HOH A . 
G 3 HOH 49 148 46  HOH HOH A . 
G 3 HOH 50 149 47  HOH HOH A . 
G 3 HOH 51 150 51  HOH HOH A . 
G 3 HOH 52 151 53  HOH HOH A . 
G 3 HOH 53 152 55  HOH HOH A . 
G 3 HOH 54 153 56  HOH HOH A . 
G 3 HOH 55 154 57  HOH HOH A . 
G 3 HOH 56 155 59  HOH HOH A . 
G 3 HOH 57 156 60  HOH HOH A . 
G 3 HOH 58 157 61  HOH HOH A . 
G 3 HOH 59 158 62  HOH HOH A . 
G 3 HOH 60 159 63  HOH HOH A . 
G 3 HOH 61 160 64  HOH HOH A . 
G 3 HOH 62 161 65  HOH HOH A . 
G 3 HOH 63 162 68  HOH HOH A . 
G 3 HOH 64 163 70  HOH HOH A . 
G 3 HOH 65 164 71  HOH HOH A . 
G 3 HOH 66 165 72  HOH HOH A . 
G 3 HOH 67 166 73  HOH HOH A . 
G 3 HOH 68 167 74  HOH HOH A . 
G 3 HOH 69 168 75  HOH HOH A . 
G 3 HOH 70 169 77  HOH HOH A . 
G 3 HOH 71 170 78  HOH HOH A . 
G 3 HOH 72 171 79  HOH HOH A . 
G 3 HOH 73 172 80  HOH HOH A . 
G 3 HOH 74 173 82  HOH HOH A . 
G 3 HOH 75 174 83  HOH HOH A . 
G 3 HOH 76 175 84  HOH HOH A . 
G 3 HOH 77 176 85  HOH HOH A . 
G 3 HOH 78 177 86  HOH HOH A . 
G 3 HOH 79 178 88  HOH HOH A . 
G 3 HOH 80 179 91  HOH HOH A . 
G 3 HOH 81 180 93  HOH HOH A . 
G 3 HOH 82 181 94  HOH HOH A . 
G 3 HOH 83 182 95  HOH HOH A . 
G 3 HOH 84 183 96  HOH HOH A . 
G 3 HOH 85 184 97  HOH HOH A . 
G 3 HOH 86 185 110 HOH HOH A . 
G 3 HOH 87 186 132 HOH HOH A . 
H 3 HOH 1  98  98  HOH HOH B . 
H 3 HOH 2  99  99  HOH HOH B . 
H 3 HOH 3  100 2   HOH HOH B . 
H 3 HOH 4  103 103 HOH HOH B . 
H 3 HOH 5  104 104 HOH HOH B . 
H 3 HOH 6  105 4   HOH HOH B . 
H 3 HOH 7  106 5   HOH HOH B . 
H 3 HOH 8  107 11  HOH HOH B . 
H 3 HOH 9  108 108 HOH HOH B . 
H 3 HOH 10 109 109 HOH HOH B . 
H 3 HOH 11 111 13  HOH HOH B . 
H 3 HOH 12 112 20  HOH HOH B . 
H 3 HOH 13 113 113 HOH HOH B . 
H 3 HOH 14 114 114 HOH HOH B . 
H 3 HOH 15 115 115 HOH HOH B . 
H 3 HOH 16 116 116 HOH HOH B . 
H 3 HOH 17 117 117 HOH HOH B . 
H 3 HOH 18 118 118 HOH HOH B . 
H 3 HOH 19 119 24  HOH HOH B . 
H 3 HOH 20 120 120 HOH HOH B . 
H 3 HOH 21 121 121 HOH HOH B . 
H 3 HOH 22 122 25  HOH HOH B . 
H 3 HOH 23 123 123 HOH HOH B . 
H 3 HOH 24 124 124 HOH HOH B . 
H 3 HOH 25 125 125 HOH HOH B . 
H 3 HOH 26 126 27  HOH HOH B . 
H 3 HOH 27 127 28  HOH HOH B . 
H 3 HOH 28 128 29  HOH HOH B . 
H 3 HOH 29 129 129 HOH HOH B . 
H 3 HOH 30 130 130 HOH HOH B . 
H 3 HOH 31 131 30  HOH HOH B . 
H 3 HOH 32 133 32  HOH HOH B . 
H 3 HOH 33 134 34  HOH HOH B . 
H 3 HOH 34 135 135 HOH HOH B . 
H 3 HOH 35 136 136 HOH HOH B . 
H 3 HOH 36 137 137 HOH HOH B . 
H 3 HOH 37 138 38  HOH HOH B . 
H 3 HOH 38 139 48  HOH HOH B . 
H 3 HOH 39 140 140 HOH HOH B . 
H 3 HOH 40 141 49  HOH HOH B . 
H 3 HOH 41 142 50  HOH HOH B . 
H 3 HOH 42 143 52  HOH HOH B . 
H 3 HOH 43 144 54  HOH HOH B . 
H 3 HOH 44 145 58  HOH HOH B . 
H 3 HOH 45 146 66  HOH HOH B . 
H 3 HOH 46 147 67  HOH HOH B . 
H 3 HOH 47 148 69  HOH HOH B . 
H 3 HOH 48 149 76  HOH HOH B . 
H 3 HOH 49 150 81  HOH HOH B . 
H 3 HOH 50 151 87  HOH HOH B . 
H 3 HOH 51 152 89  HOH HOH B . 
H 3 HOH 52 153 90  HOH HOH B . 
H 3 HOH 53 154 92  HOH HOH B . 
H 3 HOH 54 155 101 HOH HOH B . 
H 3 HOH 55 156 102 HOH HOH B . 
# 
loop_
_pdbx_unobs_or_zero_occ_atoms.id 
_pdbx_unobs_or_zero_occ_atoms.PDB_model_num 
_pdbx_unobs_or_zero_occ_atoms.polymer_flag 
_pdbx_unobs_or_zero_occ_atoms.occupancy_flag 
_pdbx_unobs_or_zero_occ_atoms.auth_asym_id 
_pdbx_unobs_or_zero_occ_atoms.auth_comp_id 
_pdbx_unobs_or_zero_occ_atoms.auth_seq_id 
_pdbx_unobs_or_zero_occ_atoms.PDB_ins_code 
_pdbx_unobs_or_zero_occ_atoms.auth_atom_id 
_pdbx_unobs_or_zero_occ_atoms.label_alt_id 
_pdbx_unobs_or_zero_occ_atoms.label_asym_id 
_pdbx_unobs_or_zero_occ_atoms.label_comp_id 
_pdbx_unobs_or_zero_occ_atoms.label_seq_id 
_pdbx_unobs_or_zero_occ_atoms.label_atom_id 
1  1 Y 1 A HIS 0  ? CG  ? A HIS 2  CG  
2  1 Y 1 A HIS 0  ? ND1 ? A HIS 2  ND1 
3  1 Y 1 A HIS 0  ? CD2 ? A HIS 2  CD2 
4  1 Y 1 A HIS 0  ? CE1 ? A HIS 2  CE1 
5  1 Y 1 A HIS 0  ? NE2 ? A HIS 2  NE2 
6  1 Y 1 B LYS 15 ? CG  ? B LYS 17 CG  
7  1 Y 1 B LYS 15 ? CD  ? B LYS 17 CD  
8  1 Y 1 B LYS 15 ? CE  ? B LYS 17 CE  
9  1 Y 1 B LYS 15 ? NZ  ? B LYS 17 NZ  
10 1 Y 1 B LEU 20 ? CG  ? B LEU 22 CG  
11 1 Y 1 B LEU 20 ? CD1 ? B LEU 22 CD1 
12 1 Y 1 B LEU 20 ? CD2 ? B LEU 22 CD2 
13 1 Y 1 B GLU 22 ? CG  ? B GLU 24 CG  
14 1 Y 1 B GLU 22 ? CD  ? B GLU 24 CD  
15 1 Y 1 B GLU 22 ? OE1 ? B GLU 24 OE1 
16 1 Y 1 B GLU 22 ? OE2 ? B GLU 24 OE2 
17 1 Y 1 B LYS 23 ? CG  ? B LYS 25 CG  
18 1 Y 1 B LYS 23 ? CD  ? B LYS 25 CD  
19 1 Y 1 B LYS 23 ? CE  ? B LYS 25 CE  
20 1 Y 1 B LYS 23 ? NZ  ? B LYS 25 NZ  
21 1 Y 1 B ASN 24 ? CG  ? B ASN 26 CG  
22 1 Y 1 B ASN 24 ? OD1 ? B ASN 26 OD1 
23 1 Y 1 B ASN 24 ? ND2 ? B ASN 26 ND2 
24 1 Y 1 B LYS 25 ? CG  ? B LYS 27 CG  
25 1 Y 1 B LYS 25 ? CD  ? B LYS 27 CD  
26 1 Y 1 B LYS 25 ? CE  ? B LYS 27 CE  
27 1 Y 1 B LYS 25 ? NZ  ? B LYS 27 NZ  
28 1 Y 1 B ASP 26 ? CG  ? B ASP 28 CG  
29 1 Y 1 B ASP 26 ? OD1 ? B ASP 28 OD1 
30 1 Y 1 B ASP 26 ? OD2 ? B ASP 28 OD2 
31 1 Y 1 B MSE 90 ? CG  ? B MSE 92 CG  
32 1 Y 1 B MSE 90 ? SE  ? B MSE 92 SE  
33 1 Y 1 B MSE 90 ? CE  ? B MSE 92 CE  
34 1 Y 1 B LEU 91 ? CG  ? B LEU 93 CG  
35 1 Y 1 B LEU 91 ? CD1 ? B LEU 93 CD1 
36 1 Y 1 B LEU 91 ? CD2 ? B LEU 93 CD2 
# 
loop_
_software.name 
_software.classification 
_software.version 
_software.citation_id 
_software.pdbx_ordinal 
SBC-Collect 'data collection' .        ? 1  
HKL-3000    phasing           .        ? 2  
MLPHARE     phasing           .        ? 3  
DM          'model building'  .        ? 4  
SHELXD      phasing           .        ? 5  
RESOLVE     'model building'  .        ? 6  
Coot        'model building'  .        ? 7  
REFMAC      refinement        5.5.0054 ? 8  
HKL-3000    'data reduction'  .        ? 9  
HKL-3000    'data scaling'    .        ? 10 
DM          phasing           .        ? 11 
RESOLVE     phasing           .        ? 12 
# 
_cell.entry_id           3F42 
_cell.length_a           87.129 
_cell.length_b           99.566 
_cell.length_c           45.196 
_cell.angle_alpha        90.00 
_cell.angle_beta         90.00 
_cell.angle_gamma        90.00 
_cell.Z_PDB              16 
_cell.pdbx_unique_axis   ? 
_cell.length_a_esd       ? 
_cell.length_b_esd       ? 
_cell.length_c_esd       ? 
_cell.angle_alpha_esd    ? 
_cell.angle_beta_esd     ? 
_cell.angle_gamma_esd    ? 
# 
_symmetry.entry_id                         3F42 
_symmetry.space_group_name_H-M             'C 2 2 21' 
_symmetry.pdbx_full_space_group_name_H-M   ? 
_symmetry.cell_setting                     ? 
_symmetry.Int_Tables_number                20 
_symmetry.space_group_name_Hall            ? 
# 
_exptl.entry_id          3F42 
_exptl.method            'X-RAY DIFFRACTION' 
_exptl.crystals_number   1 
# 
_exptl_crystal.id                    1 
_exptl_crystal.density_meas          ? 
_exptl_crystal.density_Matthews      2.19 
_exptl_crystal.density_percent_sol   43.72 
_exptl_crystal.description           ? 
_exptl_crystal.F_000                 ? 
_exptl_crystal.preparation           ? 
# 
_exptl_crystal_grow.crystal_id      1 
_exptl_crystal_grow.method          'VAPOR DIFFUSION, HANGING DROP' 
_exptl_crystal_grow.temp            297 
_exptl_crystal_grow.temp_details    ? 
_exptl_crystal_grow.pH              5.6 
_exptl_crystal_grow.pdbx_details    
'30% PEG 4K,0.2M Ammonium Acetate, 0.1M Sodium Citrate pH5.6, VAPOR DIFFUSION, HANGING DROP, temperature 297K' 
_exptl_crystal_grow.pdbx_pH_range   ? 
# 
_diffrn.id                     1 
_diffrn.ambient_temp           100 
_diffrn.ambient_temp_details   ? 
_diffrn.crystal_id             1 
# 
_diffrn_detector.diffrn_id              1 
_diffrn_detector.detector               CCD 
_diffrn_detector.type                   'ADSC QUANTUM 315' 
_diffrn_detector.pdbx_collection_date   2008-08-07 
_diffrn_detector.details                ? 
# 
_diffrn_radiation.diffrn_id                        1 
_diffrn_radiation.wavelength_id                    1 
_diffrn_radiation.pdbx_monochromatic_or_laue_m_l   M 
_diffrn_radiation.monochromator                    'Si(III)' 
_diffrn_radiation.pdbx_diffrn_protocol             'SINGLE WAVELENGTH' 
_diffrn_radiation.pdbx_scattering_type             x-ray 
# 
_diffrn_radiation_wavelength.id           1 
_diffrn_radiation_wavelength.wavelength   0.97935 
_diffrn_radiation_wavelength.wt           1.0 
# 
_diffrn_source.diffrn_id                   1 
_diffrn_source.source                      SYNCHROTRON 
_diffrn_source.type                        'APS BEAMLINE 19-ID' 
_diffrn_source.pdbx_synchrotron_site       APS 
_diffrn_source.pdbx_synchrotron_beamline   19-ID 
_diffrn_source.pdbx_wavelength             0.97935 
_diffrn_source.pdbx_wavelength_list        ? 
# 
_reflns.entry_id                     3F42 
_reflns.observed_criterion_sigma_I   -3 
_reflns.observed_criterion_sigma_F   ? 
_reflns.d_resolution_low             50 
_reflns.d_resolution_high            1.78 
_reflns.number_obs                   19185 
_reflns.number_all                   19258 
_reflns.percent_possible_obs         99.6 
_reflns.pdbx_Rmerge_I_obs            0.074 
_reflns.pdbx_Rsym_value              ? 
_reflns.pdbx_netI_over_sigmaI        50.3 
_reflns.B_iso_Wilson_estimate        29.060 
_reflns.pdbx_redundancy              7.1 
_reflns.R_free_details               ? 
_reflns.limit_h_max                  ? 
_reflns.limit_h_min                  ? 
_reflns.limit_k_max                  ? 
_reflns.limit_k_min                  ? 
_reflns.limit_l_max                  ? 
_reflns.limit_l_min                  ? 
_reflns.observed_criterion_F_max     ? 
_reflns.observed_criterion_F_min     ? 
_reflns.pdbx_chi_squared             ? 
_reflns.pdbx_scaling_rejects         ? 
_reflns.pdbx_ordinal                 1 
_reflns.pdbx_diffrn_id               1 
# 
_reflns_shell.d_res_high             1.78 
_reflns_shell.d_res_low              1.81 
_reflns_shell.percent_possible_all   100 
_reflns_shell.Rmerge_I_obs           0.680 
_reflns_shell.pdbx_Rsym_value        ? 
_reflns_shell.meanI_over_sigI_obs    ? 
_reflns_shell.pdbx_redundancy        6.1 
_reflns_shell.percent_possible_obs   ? 
_reflns_shell.number_unique_all      940 
_reflns_shell.number_measured_all    ? 
_reflns_shell.number_measured_obs    ? 
_reflns_shell.number_unique_obs      ? 
_reflns_shell.pdbx_chi_squared       ? 
_reflns_shell.pdbx_ordinal           1 
_reflns_shell.pdbx_diffrn_id         1 
# 
_refine.entry_id                                 3F42 
_refine.ls_number_reflns_obs                     19143 
_refine.ls_number_reflns_all                     19143 
_refine.pdbx_ls_sigma_I                          ? 
_refine.pdbx_ls_sigma_F                          0 
_refine.pdbx_data_cutoff_high_absF               ? 
_refine.pdbx_data_cutoff_low_absF                ? 
_refine.pdbx_data_cutoff_high_rms_absF           ? 
_refine.ls_d_res_low                             50 
_refine.ls_d_res_high                            1.78 
_refine.ls_percent_reflns_obs                    99.44 
_refine.ls_R_factor_obs                          0.18190 
_refine.ls_R_factor_all                          0.18190 
_refine.ls_R_factor_R_work                       0.17989 
_refine.ls_R_factor_R_free                       0.21980 
_refine.ls_R_factor_R_free_error                 ? 
_refine.ls_R_factor_R_free_error_details         ? 
_refine.ls_percent_reflns_R_free                 5.1 
_refine.ls_number_reflns_R_free                  982 
_refine.ls_number_parameters                     ? 
_refine.ls_number_restraints                     ? 
_refine.occupancy_min                            ? 
_refine.occupancy_max                            ? 
_refine.correlation_coeff_Fo_to_Fc               0.960 
_refine.correlation_coeff_Fo_to_Fc_free          0.942 
_refine.B_iso_mean                               28.204 
_refine.aniso_B[1][1]                            0.01 
_refine.aniso_B[2][2]                            -0.41 
_refine.aniso_B[3][3]                            0.40 
_refine.aniso_B[1][2]                            0.00 
_refine.aniso_B[1][3]                            0.00 
_refine.aniso_B[2][3]                            0.00 
_refine.solvent_model_details                    MASK 
_refine.solvent_model_param_ksol                 ? 
_refine.solvent_model_param_bsol                 ? 
_refine.pdbx_solvent_vdw_probe_radii             1.20 
_refine.pdbx_solvent_ion_probe_radii             0.80 
_refine.pdbx_solvent_shrinkage_radii             0.80 
_refine.pdbx_ls_cross_valid_method               THROUGHOUT 
_refine.details                                  'HYDROGENS HAVE BEEN ADDED IN THE RIDING POSITIONS' 
_refine.pdbx_starting_model                      ? 
_refine.pdbx_method_to_determine_struct          SAD 
_refine.pdbx_isotropic_thermal_model             ? 
_refine.pdbx_stereochemistry_target_values       'MAXIMUM LIKELIHOOD' 
_refine.pdbx_stereochem_target_val_spec_case     ? 
_refine.pdbx_R_Free_selection_details            RANDOM 
_refine.pdbx_overall_ESU_R                       0.117 
_refine.pdbx_overall_ESU_R_Free                  0.116 
_refine.overall_SU_ML                            0.072 
_refine.overall_SU_B                             4.940 
_refine.ls_redundancy_reflns_obs                 ? 
_refine.B_iso_min                                ? 
_refine.B_iso_max                                ? 
_refine.overall_SU_R_Cruickshank_DPI             ? 
_refine.overall_SU_R_free                        ? 
_refine.ls_wR_factor_R_free                      ? 
_refine.ls_wR_factor_R_work                      ? 
_refine.overall_FOM_free_R_set                   ? 
_refine.overall_FOM_work_R_set                   ? 
_refine.pdbx_overall_phase_error                 ? 
_refine.pdbx_refine_id                           'X-RAY DIFFRACTION' 
_refine.pdbx_TLS_residual_ADP_flag               'LIKELY RESIDUAL' 
_refine.pdbx_diffrn_id                           1 
_refine.pdbx_overall_SU_R_free_Cruickshank_DPI   ? 
_refine.pdbx_overall_SU_R_Blow_DPI               ? 
_refine.pdbx_overall_SU_R_free_Blow_DPI          ? 
# 
_refine_hist.pdbx_refine_id                   'X-RAY DIFFRACTION' 
_refine_hist.cycle_id                         LAST 
_refine_hist.pdbx_number_atoms_protein        1330 
_refine_hist.pdbx_number_atoms_nucleic_acid   0 
_refine_hist.pdbx_number_atoms_ligand         16 
_refine_hist.number_atoms_solvent             142 
_refine_hist.number_atoms_total               1488 
_refine_hist.d_res_high                       1.78 
_refine_hist.d_res_low                        50 
# 
loop_
_refine_ls_restr.type 
_refine_ls_restr.dev_ideal 
_refine_ls_restr.dev_ideal_target 
_refine_ls_restr.weight 
_refine_ls_restr.number 
_refine_ls_restr.pdbx_refine_id 
_refine_ls_restr.pdbx_restraint_function 
r_bond_refined_d             0.015  0.022  ? 1415 'X-RAY DIFFRACTION' ? 
r_bond_other_d               ?      ?      ? ?    'X-RAY DIFFRACTION' ? 
r_angle_refined_deg          1.373  1.985  ? 1898 'X-RAY DIFFRACTION' ? 
r_angle_other_deg            ?      ?      ? ?    'X-RAY DIFFRACTION' ? 
r_dihedral_angle_1_deg       4.523  5.000  ? 192  'X-RAY DIFFRACTION' ? 
r_dihedral_angle_2_deg       39.573 27.536 ? 69   'X-RAY DIFFRACTION' ? 
r_dihedral_angle_3_deg       13.194 15.000 ? 273  'X-RAY DIFFRACTION' ? 
r_dihedral_angle_4_deg       14.438 15.000 ? 2    'X-RAY DIFFRACTION' ? 
r_chiral_restr               0.096  0.200  ? 209  'X-RAY DIFFRACTION' ? 
r_gen_planes_refined         0.005  0.020  ? 1059 'X-RAY DIFFRACTION' ? 
r_gen_planes_other           ?      ?      ? ?    'X-RAY DIFFRACTION' ? 
r_nbd_refined                ?      ?      ? ?    'X-RAY DIFFRACTION' ? 
r_nbd_other                  ?      ?      ? ?    'X-RAY DIFFRACTION' ? 
r_nbtor_refined              ?      ?      ? ?    'X-RAY DIFFRACTION' ? 
r_nbtor_other                ?      ?      ? ?    'X-RAY DIFFRACTION' ? 
r_xyhbond_nbd_refined        ?      ?      ? ?    'X-RAY DIFFRACTION' ? 
r_xyhbond_nbd_other          ?      ?      ? ?    'X-RAY DIFFRACTION' ? 
r_metal_ion_refined          ?      ?      ? ?    'X-RAY DIFFRACTION' ? 
r_metal_ion_other            ?      ?      ? ?    'X-RAY DIFFRACTION' ? 
r_symmetry_vdw_refined       ?      ?      ? ?    'X-RAY DIFFRACTION' ? 
r_symmetry_vdw_other         ?      ?      ? ?    'X-RAY DIFFRACTION' ? 
r_symmetry_hbond_refined     ?      ?      ? ?    'X-RAY DIFFRACTION' ? 
r_symmetry_hbond_other       ?      ?      ? ?    'X-RAY DIFFRACTION' ? 
r_symmetry_metal_ion_refined ?      ?      ? ?    'X-RAY DIFFRACTION' ? 
r_symmetry_metal_ion_other   ?      ?      ? ?    'X-RAY DIFFRACTION' ? 
r_mcbond_it                  0.879  1.500  ? 895  'X-RAY DIFFRACTION' ? 
r_mcbond_other               ?      ?      ? ?    'X-RAY DIFFRACTION' ? 
r_mcangle_it                 1.585  2.000  ? 1415 'X-RAY DIFFRACTION' ? 
r_scbond_it                  2.779  3.000  ? 520  'X-RAY DIFFRACTION' ? 
r_scangle_it                 4.409  4.500  ? 475  'X-RAY DIFFRACTION' ? 
r_rigid_bond_restr           ?      ?      ? ?    'X-RAY DIFFRACTION' ? 
r_sphericity_free            ?      ?      ? ?    'X-RAY DIFFRACTION' ? 
r_sphericity_bonded          ?      ?      ? ?    'X-RAY DIFFRACTION' ? 
# 
_refine_ls_shell.pdbx_total_number_of_bins_used   20 
_refine_ls_shell.d_res_high                       1.780 
_refine_ls_shell.d_res_low                        1.827 
_refine_ls_shell.number_reflns_R_work             1312 
_refine_ls_shell.R_factor_R_work                  0.247 
_refine_ls_shell.percent_reflns_obs               99.14 
_refine_ls_shell.R_factor_R_free                  0.311 
_refine_ls_shell.R_factor_R_free_error            ? 
_refine_ls_shell.percent_reflns_R_free            ? 
_refine_ls_shell.number_reflns_R_free             66 
_refine_ls_shell.number_reflns_all                ? 
_refine_ls_shell.R_factor_all                     ? 
_refine_ls_shell.number_reflns_obs                1378 
_refine_ls_shell.redundancy_reflns_obs            ? 
_refine_ls_shell.pdbx_refine_id                   'X-RAY DIFFRACTION' 
# 
_struct.entry_id                  3F42 
_struct.title                     'Crystal structure of uncharacterized protein HP0035 from Helicobacter pylori' 
_struct.pdbx_model_details        ? 
_struct.pdbx_CASP_flag            ? 
_struct.pdbx_model_type_details   ? 
# 
_struct_keywords.entry_id        3F42 
_struct_keywords.pdbx_keywords   'structural genomics, unknown function' 
_struct_keywords.text            
;Helicobacter pylori Unknown-function, Structural Genomics, PSI-2, Protein Structure Initiative, Midwest Center for Structural Genomics, MCSG, unknown function
;
# 
loop_
_struct_asym.id 
_struct_asym.pdbx_blank_PDB_chainid_flag 
_struct_asym.pdbx_modified 
_struct_asym.entity_id 
_struct_asym.details 
A N N 1 ? 
B N N 1 ? 
C N N 2 ? 
D N N 2 ? 
E N N 2 ? 
F N N 2 ? 
G N N 3 ? 
H N N 3 ? 
# 
_struct_ref.id                         1 
_struct_ref.db_name                    UNP 
_struct_ref.db_code                    Y035_HELPY 
_struct_ref.pdbx_db_accession          O24876 
_struct_ref.entity_id                  1 
_struct_ref.pdbx_seq_one_letter_code   
;MDFSQLGGLLDGMKKEFSQLEEKNKDTIHTSKSGGGMVSVSFNGLGELVDLQIDDSLLEDKEAMQIYLMSALNDGYKAVE
ENRKNLAFNMLGNFAKL
;
_struct_ref.pdbx_align_begin           1 
_struct_ref.pdbx_db_isoform            ? 
# 
loop_
_struct_ref_seq.align_id 
_struct_ref_seq.ref_id 
_struct_ref_seq.pdbx_PDB_id_code 
_struct_ref_seq.pdbx_strand_id 
_struct_ref_seq.seq_align_beg 
_struct_ref_seq.pdbx_seq_align_beg_ins_code 
_struct_ref_seq.seq_align_end 
_struct_ref_seq.pdbx_seq_align_end_ins_code 
_struct_ref_seq.pdbx_db_accession 
_struct_ref_seq.db_align_beg 
_struct_ref_seq.pdbx_db_align_beg_ins_code 
_struct_ref_seq.db_align_end 
_struct_ref_seq.pdbx_db_align_end_ins_code 
_struct_ref_seq.pdbx_auth_seq_align_beg 
_struct_ref_seq.pdbx_auth_seq_align_end 
1 1 3F42 A 3 ? 99 ? O24876 1 ? 97 ? 1 97 
2 1 3F42 B 3 ? 99 ? O24876 1 ? 97 ? 1 97 
# 
loop_
_struct_ref_seq_dif.align_id 
_struct_ref_seq_dif.pdbx_pdb_id_code 
_struct_ref_seq_dif.mon_id 
_struct_ref_seq_dif.pdbx_pdb_strand_id 
_struct_ref_seq_dif.seq_num 
_struct_ref_seq_dif.pdbx_pdb_ins_code 
_struct_ref_seq_dif.pdbx_seq_db_name 
_struct_ref_seq_dif.pdbx_seq_db_accession_code 
_struct_ref_seq_dif.db_mon_id 
_struct_ref_seq_dif.pdbx_seq_db_seq_num 
_struct_ref_seq_dif.details 
_struct_ref_seq_dif.pdbx_auth_seq_num 
_struct_ref_seq_dif.pdbx_ordinal 
1 3F42 GLY A 1 ? UNP O24876 ? ? 'expression tag' -1 1 
1 3F42 HIS A 2 ? UNP O24876 ? ? 'expression tag' 0  2 
2 3F42 GLY B 1 ? UNP O24876 ? ? 'expression tag' -1 3 
2 3F42 HIS B 2 ? UNP O24876 ? ? 'expression tag' 0  4 
# 
_pdbx_struct_assembly.id                   1 
_pdbx_struct_assembly.details              author_and_software_defined_assembly 
_pdbx_struct_assembly.method_details       PISA 
_pdbx_struct_assembly.oligomeric_details   tetrameric 
_pdbx_struct_assembly.oligomeric_count     4 
# 
loop_
_pdbx_struct_assembly_prop.biol_id 
_pdbx_struct_assembly_prop.type 
_pdbx_struct_assembly_prop.value 
_pdbx_struct_assembly_prop.details 
1 'ABSA (A^2)' 10390 ? 
1 MORE         -39   ? 
1 'SSA (A^2)'  16390 ? 
# 
_pdbx_struct_assembly_gen.assembly_id       1 
_pdbx_struct_assembly_gen.oper_expression   1,2 
_pdbx_struct_assembly_gen.asym_id_list      A,B,C,D,E,F,G,H 
# 
loop_
_pdbx_struct_oper_list.id 
_pdbx_struct_oper_list.type 
_pdbx_struct_oper_list.name 
_pdbx_struct_oper_list.symmetry_operation 
_pdbx_struct_oper_list.matrix[1][1] 
_pdbx_struct_oper_list.matrix[1][2] 
_pdbx_struct_oper_list.matrix[1][3] 
_pdbx_struct_oper_list.vector[1] 
_pdbx_struct_oper_list.matrix[2][1] 
_pdbx_struct_oper_list.matrix[2][2] 
_pdbx_struct_oper_list.matrix[2][3] 
_pdbx_struct_oper_list.vector[2] 
_pdbx_struct_oper_list.matrix[3][1] 
_pdbx_struct_oper_list.matrix[3][2] 
_pdbx_struct_oper_list.matrix[3][3] 
_pdbx_struct_oper_list.vector[3] 
1 'identity operation'         1_555 x,y,z     1.0000000000  0.0000000000  0.0000000000 0.0000000000   0.0000000000  1.0000000000  0.0000000000  0.0000000000   0.0000000000 0.0000000000  1.0000000000 0.0000000000 
2 'crystal symmetry operation' 4_565 x,-y+1,-z -0.7168219553 -0.3929937008 0.5759533276 -38.6156265640 -0.3929937008 -0.4546044379 -0.7993064219 -25.9295988683 0.5759533276 -0.7993064219 0.1714263932 1.2933836325 
# 
_struct_biol.id        1 
_struct_biol.details   'tetramer by vector (x,y,z),(x,1-y,-z)' 
# 
loop_
_struct_conf.conf_type_id 
_struct_conf.id 
_struct_conf.pdbx_PDB_helix_id 
_struct_conf.beg_label_comp_id 
_struct_conf.beg_label_asym_id 
_struct_conf.beg_label_seq_id 
_struct_conf.pdbx_beg_PDB_ins_code 
_struct_conf.end_label_comp_id 
_struct_conf.end_label_asym_id 
_struct_conf.end_label_seq_id 
_struct_conf.pdbx_end_PDB_ins_code 
_struct_conf.beg_auth_comp_id 
_struct_conf.beg_auth_asym_id 
_struct_conf.beg_auth_seq_id 
_struct_conf.end_auth_comp_id 
_struct_conf.end_auth_asym_id 
_struct_conf.end_auth_seq_id 
_struct_conf.pdbx_PDB_helix_class 
_struct_conf.details 
_struct_conf.pdbx_PDB_helix_length 
HELX_P HELX_P1 1 ASP A 4  ? ASP A 28 ? ASP A 2  ASP A 26 1 ? 25 
HELX_P HELX_P2 2 GLY A 36 ? GLY A 38 ? GLY A 34 GLY A 36 5 ? 3  
HELX_P HELX_P3 3 ASP A 57 ? GLU A 61 ? ASP A 55 GLU A 59 5 ? 5  
HELX_P HELX_P4 4 ASP A 62 ? GLY A 94 ? ASP A 60 GLY A 92 1 ? 33 
HELX_P HELX_P5 5 GLY B 10 ? SER B 20 ? GLY B 8  SER B 18 1 ? 11 
HELX_P HELX_P6 6 SER B 20 ? LYS B 25 ? SER B 18 LYS B 23 1 ? 6  
HELX_P HELX_P7 7 ASN B 26 ? ASP B 28 ? ASN B 24 ASP B 26 5 ? 3  
HELX_P HELX_P8 8 ASP B 57 ? GLU B 61 ? ASP B 55 GLU B 59 5 ? 5  
HELX_P HELX_P9 9 ASP B 62 ? LEU B 93 ? ASP B 60 LEU B 91 1 ? 32 
# 
_struct_conf_type.id          HELX_P 
_struct_conf_type.criteria    ? 
_struct_conf_type.reference   ? 
# 
loop_
_struct_conn.id 
_struct_conn.conn_type_id 
_struct_conn.pdbx_leaving_atom_flag 
_struct_conn.pdbx_PDB_id 
_struct_conn.ptnr1_label_asym_id 
_struct_conn.ptnr1_label_comp_id 
_struct_conn.ptnr1_label_seq_id 
_struct_conn.ptnr1_label_atom_id 
_struct_conn.pdbx_ptnr1_label_alt_id 
_struct_conn.pdbx_ptnr1_PDB_ins_code 
_struct_conn.pdbx_ptnr1_standard_comp_id 
_struct_conn.ptnr1_symmetry 
_struct_conn.ptnr2_label_asym_id 
_struct_conn.ptnr2_label_comp_id 
_struct_conn.ptnr2_label_seq_id 
_struct_conn.ptnr2_label_atom_id 
_struct_conn.pdbx_ptnr2_label_alt_id 
_struct_conn.pdbx_ptnr2_PDB_ins_code 
_struct_conn.ptnr1_auth_asym_id 
_struct_conn.ptnr1_auth_comp_id 
_struct_conn.ptnr1_auth_seq_id 
_struct_conn.ptnr2_auth_asym_id 
_struct_conn.ptnr2_auth_comp_id 
_struct_conn.ptnr2_auth_seq_id 
_struct_conn.ptnr2_symmetry 
_struct_conn.pdbx_ptnr3_label_atom_id 
_struct_conn.pdbx_ptnr3_label_seq_id 
_struct_conn.pdbx_ptnr3_label_comp_id 
_struct_conn.pdbx_ptnr3_label_asym_id 
_struct_conn.pdbx_ptnr3_label_alt_id 
_struct_conn.pdbx_ptnr3_PDB_ins_code 
_struct_conn.details 
_struct_conn.pdbx_dist_value 
_struct_conn.pdbx_value_order 
_struct_conn.pdbx_role 
covale1  covale both ? A HIS 2  C ? ? ? 1_555 A MSE 3  N ? ? A HIS 0  A MSE 1  1_555 ? ? ? ? ? ? ? 1.327 ? ? 
covale2  covale both ? A MSE 3  C ? ? ? 1_555 A ASP 4  N ? ? A MSE 1  A ASP 2  1_555 ? ? ? ? ? ? ? 1.323 ? ? 
covale3  covale both ? A GLY 14 C ? ? ? 1_555 A MSE 15 N ? ? A GLY 12 A MSE 13 1_555 ? ? ? ? ? ? ? 1.330 ? ? 
covale4  covale both ? A MSE 15 C ? ? ? 1_555 A LYS 16 N ? ? A MSE 13 A LYS 14 1_555 ? ? ? ? ? ? ? 1.342 ? ? 
covale5  covale both ? A GLY 38 C ? ? ? 1_555 A MSE 39 N ? ? A GLY 36 A MSE 37 1_555 ? ? ? ? ? ? ? 1.329 ? ? 
covale6  covale both ? A MSE 39 C ? ? ? 1_555 A VAL 40 N ? ? A MSE 37 A VAL 38 1_555 ? ? ? ? ? ? ? 1.336 ? ? 
covale7  covale both ? A ALA 65 C ? ? ? 1_555 A MSE 66 N ? ? A ALA 63 A MSE 64 1_555 ? ? ? ? ? ? ? 1.315 ? ? 
covale8  covale both ? A MSE 66 C ? ? ? 1_555 A GLN 67 N ? ? A MSE 64 A GLN 65 1_555 ? ? ? ? ? ? ? 1.322 ? ? 
covale9  covale both ? A LEU 70 C ? ? ? 1_555 A MSE 71 N ? ? A LEU 68 A MSE 69 1_555 ? ? ? ? ? ? ? 1.319 ? ? 
covale10 covale both ? A MSE 71 C ? ? ? 1_555 A SER 72 N ? ? A MSE 69 A SER 70 1_555 ? ? ? ? ? ? ? 1.345 ? ? 
covale11 covale both ? A ASN 91 C ? ? ? 1_555 A MSE 92 N ? ? A ASN 89 A MSE 90 1_555 ? ? ? ? ? ? ? 1.333 ? ? 
covale12 covale both ? A MSE 92 C ? ? ? 1_555 A LEU 93 N ? ? A MSE 90 A LEU 91 1_555 ? ? ? ? ? ? ? 1.334 ? ? 
covale13 covale both ? B GLY 14 C ? ? ? 1_555 B MSE 15 N ? ? B GLY 12 B MSE 13 1_555 ? ? ? ? ? ? ? 1.334 ? ? 
covale14 covale both ? B MSE 15 C ? ? ? 1_555 B LYS 16 N ? ? B MSE 13 B LYS 14 1_555 ? ? ? ? ? ? ? 1.336 ? ? 
covale15 covale both ? B GLY 38 C ? ? ? 1_555 B MSE 39 N ? ? B GLY 36 B MSE 37 1_555 ? ? ? ? ? ? ? 1.334 ? ? 
covale16 covale both ? B MSE 39 C ? ? ? 1_555 B VAL 40 N ? ? B MSE 37 B VAL 38 1_555 ? ? ? ? ? ? ? 1.324 ? ? 
covale17 covale both ? B ALA 65 C ? ? ? 1_555 B MSE 66 N ? ? B ALA 63 B MSE 64 1_555 ? ? ? ? ? ? ? 1.335 ? ? 
covale18 covale both ? B MSE 66 C ? ? ? 1_555 B GLN 67 N ? ? B MSE 64 B GLN 65 1_555 ? ? ? ? ? ? ? 1.329 ? ? 
covale19 covale both ? B LEU 70 C ? ? ? 1_555 B MSE 71 N ? ? B LEU 68 B MSE 69 1_555 ? ? ? ? ? ? ? 1.330 ? ? 
covale20 covale both ? B MSE 71 C ? ? ? 1_555 B SER 72 N ? ? B MSE 69 B SER 70 1_555 ? ? ? ? ? ? ? 1.341 ? ? 
covale21 covale both ? B ASN 91 C ? ? ? 1_555 B MSE 92 N ? ? B ASN 89 B MSE 90 1_555 ? ? ? ? ? ? ? 1.330 ? ? 
covale22 covale both ? B MSE 92 C ? ? ? 1_555 B LEU 93 N ? ? B MSE 90 B LEU 91 1_555 ? ? ? ? ? ? ? 1.338 ? ? 
# 
_struct_conn_type.id          covale 
_struct_conn_type.criteria    ? 
_struct_conn_type.reference   ? 
# 
loop_
_pdbx_modification_feature.ordinal 
_pdbx_modification_feature.label_comp_id 
_pdbx_modification_feature.label_asym_id 
_pdbx_modification_feature.label_seq_id 
_pdbx_modification_feature.label_alt_id 
_pdbx_modification_feature.modified_residue_label_comp_id 
_pdbx_modification_feature.modified_residue_label_asym_id 
_pdbx_modification_feature.modified_residue_label_seq_id 
_pdbx_modification_feature.modified_residue_label_alt_id 
_pdbx_modification_feature.auth_comp_id 
_pdbx_modification_feature.auth_asym_id 
_pdbx_modification_feature.auth_seq_id 
_pdbx_modification_feature.PDB_ins_code 
_pdbx_modification_feature.symmetry 
_pdbx_modification_feature.modified_residue_auth_comp_id 
_pdbx_modification_feature.modified_residue_auth_asym_id 
_pdbx_modification_feature.modified_residue_auth_seq_id 
_pdbx_modification_feature.modified_residue_PDB_ins_code 
_pdbx_modification_feature.modified_residue_symmetry 
_pdbx_modification_feature.comp_id_linking_atom 
_pdbx_modification_feature.modified_residue_id_linking_atom 
_pdbx_modification_feature.modified_residue_id 
_pdbx_modification_feature.ref_pcm_id 
_pdbx_modification_feature.ref_comp_id 
_pdbx_modification_feature.type 
_pdbx_modification_feature.category 
1  MSE A 3  ? . . . . MSE A 1  ? 1_555 . . . . . . . MET 1 MSE Selenomethionine 'Named protein modification' 
2  MSE A 15 ? . . . . MSE A 13 ? 1_555 . . . . . . . MET 1 MSE Selenomethionine 'Named protein modification' 
3  MSE A 39 ? . . . . MSE A 37 ? 1_555 . . . . . . . MET 1 MSE Selenomethionine 'Named protein modification' 
4  MSE A 66 ? . . . . MSE A 64 ? 1_555 . . . . . . . MET 1 MSE Selenomethionine 'Named protein modification' 
5  MSE A 71 ? . . . . MSE A 69 ? 1_555 . . . . . . . MET 1 MSE Selenomethionine 'Named protein modification' 
6  MSE A 92 ? . . . . MSE A 90 ? 1_555 . . . . . . . MET 1 MSE Selenomethionine 'Named protein modification' 
7  MSE B 15 ? . . . . MSE B 13 ? 1_555 . . . . . . . MET 1 MSE Selenomethionine 'Named protein modification' 
8  MSE B 39 ? . . . . MSE B 37 ? 1_555 . . . . . . . MET 1 MSE Selenomethionine 'Named protein modification' 
9  MSE B 66 ? . . . . MSE B 64 ? 1_555 . . . . . . . MET 1 MSE Selenomethionine 'Named protein modification' 
10 MSE B 71 ? . . . . MSE B 69 ? 1_555 . . . . . . . MET 1 MSE Selenomethionine 'Named protein modification' 
11 MSE B 92 ? . . . . MSE B 90 ? 1_555 . . . . . . . MET 1 MSE Selenomethionine 'Named protein modification' 
# 
loop_
_struct_sheet.id 
_struct_sheet.type 
_struct_sheet.number_strands 
_struct_sheet.details 
A ? 3 ? 
B ? 3 ? 
# 
loop_
_struct_sheet_order.sheet_id 
_struct_sheet_order.range_id_1 
_struct_sheet_order.range_id_2 
_struct_sheet_order.offset 
_struct_sheet_order.sense 
A 1 2 ? anti-parallel 
A 2 3 ? anti-parallel 
B 1 2 ? anti-parallel 
B 2 3 ? anti-parallel 
# 
loop_
_struct_sheet_range.sheet_id 
_struct_sheet_range.id 
_struct_sheet_range.beg_label_comp_id 
_struct_sheet_range.beg_label_asym_id 
_struct_sheet_range.beg_label_seq_id 
_struct_sheet_range.pdbx_beg_PDB_ins_code 
_struct_sheet_range.end_label_comp_id 
_struct_sheet_range.end_label_asym_id 
_struct_sheet_range.end_label_seq_id 
_struct_sheet_range.pdbx_end_PDB_ins_code 
_struct_sheet_range.beg_auth_comp_id 
_struct_sheet_range.beg_auth_asym_id 
_struct_sheet_range.beg_auth_seq_id 
_struct_sheet_range.end_auth_comp_id 
_struct_sheet_range.end_auth_asym_id 
_struct_sheet_range.end_auth_seq_id 
A 1 ILE A 30 ? SER A 35 ? ILE A 28 SER A 33 
A 2 VAL A 40 ? ASN A 45 ? VAL A 38 ASN A 43 
A 3 LEU A 50 ? ILE A 55 ? LEU A 48 ILE A 53 
B 1 ILE B 30 ? SER B 35 ? ILE B 28 SER B 33 
B 2 VAL B 40 ? ASN B 45 ? VAL B 38 ASN B 43 
B 3 LEU B 50 ? ILE B 55 ? LEU B 48 ILE B 53 
# 
loop_
_pdbx_struct_sheet_hbond.sheet_id 
_pdbx_struct_sheet_hbond.range_id_1 
_pdbx_struct_sheet_hbond.range_id_2 
_pdbx_struct_sheet_hbond.range_1_label_atom_id 
_pdbx_struct_sheet_hbond.range_1_label_comp_id 
_pdbx_struct_sheet_hbond.range_1_label_asym_id 
_pdbx_struct_sheet_hbond.range_1_label_seq_id 
_pdbx_struct_sheet_hbond.range_1_PDB_ins_code 
_pdbx_struct_sheet_hbond.range_1_auth_atom_id 
_pdbx_struct_sheet_hbond.range_1_auth_comp_id 
_pdbx_struct_sheet_hbond.range_1_auth_asym_id 
_pdbx_struct_sheet_hbond.range_1_auth_seq_id 
_pdbx_struct_sheet_hbond.range_2_label_atom_id 
_pdbx_struct_sheet_hbond.range_2_label_comp_id 
_pdbx_struct_sheet_hbond.range_2_label_asym_id 
_pdbx_struct_sheet_hbond.range_2_label_seq_id 
_pdbx_struct_sheet_hbond.range_2_PDB_ins_code 
_pdbx_struct_sheet_hbond.range_2_auth_atom_id 
_pdbx_struct_sheet_hbond.range_2_auth_comp_id 
_pdbx_struct_sheet_hbond.range_2_auth_asym_id 
_pdbx_struct_sheet_hbond.range_2_auth_seq_id 
A 1 2 N HIS A 31 ? N HIS A 29 O PHE A 44 ? O PHE A 42 
A 2 3 N SER A 43 ? N SER A 41 O VAL A 51 ? O VAL A 49 
B 1 2 N SER B 33 ? N SER B 31 O VAL B 42 ? O VAL B 40 
B 2 3 N SER B 41 ? N SER B 39 O GLN B 54 ? O GLN B 52 
# 
loop_
_struct_site.id 
_struct_site.pdbx_evidence_code 
_struct_site.pdbx_auth_asym_id 
_struct_site.pdbx_auth_comp_id 
_struct_site.pdbx_auth_seq_id 
_struct_site.pdbx_auth_ins_code 
_struct_site.pdbx_num_residues 
_struct_site.details 
AC1 Software A EDO 101 ? 4 'BINDING SITE FOR RESIDUE EDO A 101' 
AC2 Software A EDO 103 ? 5 'BINDING SITE FOR RESIDUE EDO A 103' 
AC3 Software B EDO 102 ? 6 'BINDING SITE FOR RESIDUE EDO B 102' 
AC4 Software B EDO 101 ? 5 'BINDING SITE FOR RESIDUE EDO B 101' 
# 
loop_
_struct_site_gen.id 
_struct_site_gen.site_id 
_struct_site_gen.pdbx_num_res 
_struct_site_gen.label_comp_id 
_struct_site_gen.label_asym_id 
_struct_site_gen.label_seq_id 
_struct_site_gen.pdbx_auth_ins_code 
_struct_site_gen.auth_comp_id 
_struct_site_gen.auth_asym_id 
_struct_site_gen.auth_seq_id 
_struct_site_gen.label_atom_id 
_struct_site_gen.label_alt_id 
_struct_site_gen.symmetry 
_struct_site_gen.details 
1  AC1 4 MSE A 39 ? MSE A 37  . ? 1_555 ? 
2  AC1 4 ASP A 62 ? ASP A 60  . ? 1_555 ? 
3  AC1 4 TYR A 69 ? TYR A 67  . ? 1_555 ? 
4  AC1 4 LYS B 16 ? LYS B 14  . ? 6_555 ? 
5  AC2 5 GLU A 49 ? GLU A 47  . ? 1_555 ? 
6  AC2 5 HOH G .  ? HOH A 124 . ? 1_555 ? 
7  AC2 5 HOH G .  ? HOH A 165 . ? 1_555 ? 
8  AC2 5 LYS B 79 ? LYS B 77  . ? 1_555 ? 
9  AC2 5 HOH H .  ? HOH B 143 . ? 1_555 ? 
10 AC3 6 GLU A 82 ? GLU A 80  . ? 1_555 ? 
11 AC3 6 HOH G .  ? HOH A 129 . ? 1_555 ? 
12 AC3 6 LEU B 47 ? LEU B 45  . ? 1_555 ? 
13 AC3 6 GLY B 48 ? GLY B 46  . ? 1_555 ? 
14 AC3 6 GLU B 49 ? GLU B 47  . ? 1_555 ? 
15 AC3 6 HOH H .  ? HOH B 151 . ? 1_555 ? 
16 AC4 5 ASN A 75 ? ASN A 73  . ? 1_555 ? 
17 AC4 5 HOH G .  ? HOH A 141 . ? 1_555 ? 
18 AC4 5 GLU B 49 ? GLU B 47  . ? 1_555 ? 
19 AC4 5 LEU B 50 ? LEU B 48  . ? 1_555 ? 
20 AC4 5 HOH H .  ? HOH B 104 . ? 1_555 ? 
# 
_pdbx_entry_details.entry_id                   3F42 
_pdbx_entry_details.compound_details           ? 
_pdbx_entry_details.source_details             ? 
_pdbx_entry_details.nonpolymer_details         ? 
_pdbx_entry_details.sequence_details           ? 
_pdbx_entry_details.has_ligand_of_interest     ? 
_pdbx_entry_details.has_protein_modification   Y 
# 
_pdbx_validate_close_contact.id               1 
_pdbx_validate_close_contact.PDB_model_num    1 
_pdbx_validate_close_contact.auth_atom_id_1   ND1 
_pdbx_validate_close_contact.auth_asym_id_1   A 
_pdbx_validate_close_contact.auth_comp_id_1   HIS 
_pdbx_validate_close_contact.auth_seq_id_1    29 
_pdbx_validate_close_contact.PDB_ins_code_1   ? 
_pdbx_validate_close_contact.label_alt_id_1   ? 
_pdbx_validate_close_contact.auth_atom_id_2   O 
_pdbx_validate_close_contact.auth_asym_id_2   A 
_pdbx_validate_close_contact.auth_comp_id_2   HOH 
_pdbx_validate_close_contact.auth_seq_id_2    112 
_pdbx_validate_close_contact.PDB_ins_code_2   ? 
_pdbx_validate_close_contact.label_alt_id_2   ? 
_pdbx_validate_close_contact.dist             2.04 
# 
_pdbx_validate_symm_contact.id                1 
_pdbx_validate_symm_contact.PDB_model_num     1 
_pdbx_validate_symm_contact.auth_atom_id_1    OD2 
_pdbx_validate_symm_contact.auth_asym_id_1    B 
_pdbx_validate_symm_contact.auth_comp_id_1    ASP 
_pdbx_validate_symm_contact.auth_seq_id_1     54 
_pdbx_validate_symm_contact.PDB_ins_code_1    ? 
_pdbx_validate_symm_contact.label_alt_id_1    ? 
_pdbx_validate_symm_contact.site_symmetry_1   1_555 
_pdbx_validate_symm_contact.auth_atom_id_2    OD2 
_pdbx_validate_symm_contact.auth_asym_id_2    B 
_pdbx_validate_symm_contact.auth_comp_id_2    ASP 
_pdbx_validate_symm_contact.auth_seq_id_2     54 
_pdbx_validate_symm_contact.PDB_ins_code_2    ? 
_pdbx_validate_symm_contact.label_alt_id_2    ? 
_pdbx_validate_symm_contact.site_symmetry_2   3_556 
_pdbx_validate_symm_contact.dist              2.11 
# 
loop_
_pdbx_validate_torsion.id 
_pdbx_validate_torsion.PDB_model_num 
_pdbx_validate_torsion.auth_comp_id 
_pdbx_validate_torsion.auth_asym_id 
_pdbx_validate_torsion.auth_seq_id 
_pdbx_validate_torsion.PDB_ins_code 
_pdbx_validate_torsion.label_alt_id 
_pdbx_validate_torsion.phi 
_pdbx_validate_torsion.psi 
1 1 LEU B 20 ? ? -78.75  44.87 
2 1 ASP B 60 ? ? -150.69 80.82 
# 
_pdbx_SG_project.id                    1 
_pdbx_SG_project.project_name          'PSI, Protein Structure Initiative' 
_pdbx_SG_project.full_name_of_center   'Midwest Center for Structural Genomics' 
_pdbx_SG_project.initial_of_center     MCSG 
# 
loop_
_pdbx_struct_mod_residue.id 
_pdbx_struct_mod_residue.label_asym_id 
_pdbx_struct_mod_residue.label_comp_id 
_pdbx_struct_mod_residue.label_seq_id 
_pdbx_struct_mod_residue.auth_asym_id 
_pdbx_struct_mod_residue.auth_comp_id 
_pdbx_struct_mod_residue.auth_seq_id 
_pdbx_struct_mod_residue.PDB_ins_code 
_pdbx_struct_mod_residue.parent_comp_id 
_pdbx_struct_mod_residue.details 
1  A MSE 3  A MSE 1  ? MET SELENOMETHIONINE 
2  A MSE 15 A MSE 13 ? MET SELENOMETHIONINE 
3  A MSE 39 A MSE 37 ? MET SELENOMETHIONINE 
4  A MSE 66 A MSE 64 ? MET SELENOMETHIONINE 
5  A MSE 71 A MSE 69 ? MET SELENOMETHIONINE 
6  A MSE 92 A MSE 90 ? MET SELENOMETHIONINE 
7  B MSE 15 B MSE 13 ? MET SELENOMETHIONINE 
8  B MSE 39 B MSE 37 ? MET SELENOMETHIONINE 
9  B MSE 66 B MSE 64 ? MET SELENOMETHIONINE 
10 B MSE 71 B MSE 69 ? MET SELENOMETHIONINE 
11 B MSE 92 B MSE 90 ? MET SELENOMETHIONINE 
# 
_pdbx_struct_special_symmetry.id              1 
_pdbx_struct_special_symmetry.PDB_model_num   1 
_pdbx_struct_special_symmetry.auth_asym_id    A 
_pdbx_struct_special_symmetry.auth_comp_id    HOH 
_pdbx_struct_special_symmetry.auth_seq_id     102 
_pdbx_struct_special_symmetry.PDB_ins_code    ? 
_pdbx_struct_special_symmetry.label_asym_id   G 
_pdbx_struct_special_symmetry.label_comp_id   HOH 
_pdbx_struct_special_symmetry.label_seq_id    . 
# 
loop_
_pdbx_refine_tls.pdbx_refine_id 
_pdbx_refine_tls.id 
_pdbx_refine_tls.details 
_pdbx_refine_tls.method 
_pdbx_refine_tls.origin_x 
_pdbx_refine_tls.origin_y 
_pdbx_refine_tls.origin_z 
_pdbx_refine_tls.T[1][1] 
_pdbx_refine_tls.T[2][2] 
_pdbx_refine_tls.T[3][3] 
_pdbx_refine_tls.T[1][2] 
_pdbx_refine_tls.T[1][3] 
_pdbx_refine_tls.T[2][3] 
_pdbx_refine_tls.L[1][1] 
_pdbx_refine_tls.L[2][2] 
_pdbx_refine_tls.L[3][3] 
_pdbx_refine_tls.L[1][2] 
_pdbx_refine_tls.L[1][3] 
_pdbx_refine_tls.L[2][3] 
_pdbx_refine_tls.S[1][1] 
_pdbx_refine_tls.S[2][2] 
_pdbx_refine_tls.S[3][3] 
_pdbx_refine_tls.S[1][2] 
_pdbx_refine_tls.S[1][3] 
_pdbx_refine_tls.S[2][3] 
_pdbx_refine_tls.S[2][1] 
_pdbx_refine_tls.S[3][1] 
_pdbx_refine_tls.S[3][2] 
'X-RAY DIFFRACTION' 1 ? refined -16.5698 -16.0975 -2.6065 0.0079 0.0256 0.0858 -0.0059 -0.0169 0.0375  10.6066 0.4979 0.2110 1.6630  0.0138  0.2259  0.1143  -0.0349 -0.0794 0.0804  -0.4453 -0.1513 0.0577  0.0375  -0.0446 
'X-RAY DIFFRACTION' 2 ? refined 10.6489  -3.8526  -2.9003 0.0117 0.0211 0.0586 0.0101  0.0087  -0.0072 2.4087  1.9144 1.6037 1.1447  -0.2920 -0.4531 0.0706  -0.0002 -0.0703 0.1876  -0.1677 -0.2036 -0.0596 0.0091  -0.0088 
'X-RAY DIFFRACTION' 3 ? refined 13.4338  8.6536   -1.9878 0.0629 0.0189 0.0489 0.0038  0.0238  0.0222  3.3085  2.4526 2.0945 1.6078  1.2887  0.2270  0.0098  0.0261  -0.0359 0.1956  0.1527  -0.1395 0.0478  -0.2878 0.0404  
'X-RAY DIFFRACTION' 4 ? refined -7.9910  -4.8608  -9.6814 0.0320 0.0641 0.0111 0.0074  0.0099  0.0136  5.3202  3.3677 3.5853 2.8709  0.9014  -0.5388 0.0002  0.0740  -0.0742 0.1795  -0.1363 -0.1311 -0.2048 -0.0412 -0.1249 
'X-RAY DIFFRACTION' 5 ? refined -18.4136 4.3772   -4.0396 0.0982 0.1507 0.1517 0.0608  0.0903  0.0100  8.5248  7.6891 4.8009 3.5720  6.3385  2.0550  -0.2547 0.0622  0.1925  -0.0639 0.3544  0.2482  -0.0269 -0.2473 -0.0837 
'X-RAY DIFFRACTION' 6 ? refined 4.4482   9.7484   6.8439  0.1040 0.0262 0.0681 0.0286  0.0032  -0.0109 3.0209  2.1698 3.4508 0.4129  1.1693  0.5449  -0.1242 -0.0382 0.1624  -0.0696 0.4296  0.1164  0.2001  -0.3669 -0.2962 
'X-RAY DIFFRACTION' 7 ? refined 12.5820  1.3917   8.4420  0.0508 0.0011 0.0121 -0.0070 -0.0109 0.0007  5.5771  1.2891 1.8361 -0.3388 1.1348  -0.4529 0.0265  -0.0150 -0.0115 0.0136  0.0148  -0.1134 0.1624  -0.0434 0.0079  
'X-RAY DIFFRACTION' 8 ? refined -12.3231 -0.5882  5.2500  0.0314 0.0560 0.0377 0.0003  0.0154  -0.0109 9.7826  5.6202 2.7485 5.4971  0.6036  -1.6305 0.1148  -0.0061 -0.1087 -0.3906 0.4966  0.3672  0.2897  -0.1018 -0.3173 
# 
loop_
_pdbx_refine_tls_group.pdbx_refine_id 
_pdbx_refine_tls_group.id 
_pdbx_refine_tls_group.refine_tls_id 
_pdbx_refine_tls_group.beg_auth_asym_id 
_pdbx_refine_tls_group.beg_auth_seq_id 
_pdbx_refine_tls_group.end_auth_asym_id 
_pdbx_refine_tls_group.end_auth_seq_id 
_pdbx_refine_tls_group.selection_details 
_pdbx_refine_tls_group.beg_label_asym_id 
_pdbx_refine_tls_group.beg_label_seq_id 
_pdbx_refine_tls_group.end_label_asym_id 
_pdbx_refine_tls_group.end_label_seq_id 
_pdbx_refine_tls_group.selection 
'X-RAY DIFFRACTION' 1 1 A 1  A 24 ? . . . . ? 
'X-RAY DIFFRACTION' 2 2 A 25 A 55 ? . . . . ? 
'X-RAY DIFFRACTION' 3 3 A 56 A 77 ? . . . . ? 
'X-RAY DIFFRACTION' 4 4 A 78 A 92 ? . . . . ? 
'X-RAY DIFFRACTION' 5 5 B 8  B 24 ? . . . . ? 
'X-RAY DIFFRACTION' 6 6 B 25 B 55 ? . . . . ? 
'X-RAY DIFFRACTION' 7 7 B 56 B 77 ? . . . . ? 
'X-RAY DIFFRACTION' 8 8 B 78 B 91 ? . . . . ? 
# 
loop_
_pdbx_unobs_or_zero_occ_residues.id 
_pdbx_unobs_or_zero_occ_residues.PDB_model_num 
_pdbx_unobs_or_zero_occ_residues.polymer_flag 
_pdbx_unobs_or_zero_occ_residues.occupancy_flag 
_pdbx_unobs_or_zero_occ_residues.auth_asym_id 
_pdbx_unobs_or_zero_occ_residues.auth_comp_id 
_pdbx_unobs_or_zero_occ_residues.auth_seq_id 
_pdbx_unobs_or_zero_occ_residues.PDB_ins_code 
_pdbx_unobs_or_zero_occ_residues.label_asym_id 
_pdbx_unobs_or_zero_occ_residues.label_comp_id 
_pdbx_unobs_or_zero_occ_residues.label_seq_id 
1  1 Y 1 A GLY -1 ? A GLY 1  
2  1 Y 1 A ASN 93 ? A ASN 95 
3  1 Y 1 A PHE 94 ? A PHE 96 
4  1 Y 1 A ALA 95 ? A ALA 97 
5  1 Y 1 A LYS 96 ? A LYS 98 
6  1 Y 1 A LEU 97 ? A LEU 99 
7  1 Y 1 B GLY -1 ? B GLY 1  
8  1 Y 1 B HIS 0  ? B HIS 2  
9  1 Y 1 B MSE 1  ? B MSE 3  
10 1 Y 1 B ASP 2  ? B ASP 4  
11 1 Y 1 B PHE 3  ? B PHE 5  
12 1 Y 1 B SER 4  ? B SER 6  
13 1 Y 1 B GLN 5  ? B GLN 7  
14 1 Y 1 B LEU 6  ? B LEU 8  
15 1 Y 1 B GLY 7  ? B GLY 9  
16 1 Y 1 B GLY 92 ? B GLY 94 
17 1 Y 1 B ASN 93 ? B ASN 95 
18 1 Y 1 B PHE 94 ? B PHE 96 
19 1 Y 1 B ALA 95 ? B ALA 97 
20 1 Y 1 B LYS 96 ? B LYS 98 
21 1 Y 1 B LEU 97 ? B LEU 99 
# 
loop_
_chem_comp_atom.comp_id 
_chem_comp_atom.atom_id 
_chem_comp_atom.type_symbol 
_chem_comp_atom.pdbx_aromatic_flag 
_chem_comp_atom.pdbx_stereo_config 
_chem_comp_atom.pdbx_ordinal 
ALA N    N  N N 1   
ALA CA   C  N S 2   
ALA C    C  N N 3   
ALA O    O  N N 4   
ALA CB   C  N N 5   
ALA OXT  O  N N 6   
ALA H    H  N N 7   
ALA H2   H  N N 8   
ALA HA   H  N N 9   
ALA HB1  H  N N 10  
ALA HB2  H  N N 11  
ALA HB3  H  N N 12  
ALA HXT  H  N N 13  
ARG N    N  N N 14  
ARG CA   C  N S 15  
ARG C    C  N N 16  
ARG O    O  N N 17  
ARG CB   C  N N 18  
ARG CG   C  N N 19  
ARG CD   C  N N 20  
ARG NE   N  N N 21  
ARG CZ   C  N N 22  
ARG NH1  N  N N 23  
ARG NH2  N  N N 24  
ARG OXT  O  N N 25  
ARG H    H  N N 26  
ARG H2   H  N N 27  
ARG HA   H  N N 28  
ARG HB2  H  N N 29  
ARG HB3  H  N N 30  
ARG HG2  H  N N 31  
ARG HG3  H  N N 32  
ARG HD2  H  N N 33  
ARG HD3  H  N N 34  
ARG HE   H  N N 35  
ARG HH11 H  N N 36  
ARG HH12 H  N N 37  
ARG HH21 H  N N 38  
ARG HH22 H  N N 39  
ARG HXT  H  N N 40  
ASN N    N  N N 41  
ASN CA   C  N S 42  
ASN C    C  N N 43  
ASN O    O  N N 44  
ASN CB   C  N N 45  
ASN CG   C  N N 46  
ASN OD1  O  N N 47  
ASN ND2  N  N N 48  
ASN OXT  O  N N 49  
ASN H    H  N N 50  
ASN H2   H  N N 51  
ASN HA   H  N N 52  
ASN HB2  H  N N 53  
ASN HB3  H  N N 54  
ASN HD21 H  N N 55  
ASN HD22 H  N N 56  
ASN HXT  H  N N 57  
ASP N    N  N N 58  
ASP CA   C  N S 59  
ASP C    C  N N 60  
ASP O    O  N N 61  
ASP CB   C  N N 62  
ASP CG   C  N N 63  
ASP OD1  O  N N 64  
ASP OD2  O  N N 65  
ASP OXT  O  N N 66  
ASP H    H  N N 67  
ASP H2   H  N N 68  
ASP HA   H  N N 69  
ASP HB2  H  N N 70  
ASP HB3  H  N N 71  
ASP HD2  H  N N 72  
ASP HXT  H  N N 73  
EDO C1   C  N N 74  
EDO O1   O  N N 75  
EDO C2   C  N N 76  
EDO O2   O  N N 77  
EDO H11  H  N N 78  
EDO H12  H  N N 79  
EDO HO1  H  N N 80  
EDO H21  H  N N 81  
EDO H22  H  N N 82  
EDO HO2  H  N N 83  
GLN N    N  N N 84  
GLN CA   C  N S 85  
GLN C    C  N N 86  
GLN O    O  N N 87  
GLN CB   C  N N 88  
GLN CG   C  N N 89  
GLN CD   C  N N 90  
GLN OE1  O  N N 91  
GLN NE2  N  N N 92  
GLN OXT  O  N N 93  
GLN H    H  N N 94  
GLN H2   H  N N 95  
GLN HA   H  N N 96  
GLN HB2  H  N N 97  
GLN HB3  H  N N 98  
GLN HG2  H  N N 99  
GLN HG3  H  N N 100 
GLN HE21 H  N N 101 
GLN HE22 H  N N 102 
GLN HXT  H  N N 103 
GLU N    N  N N 104 
GLU CA   C  N S 105 
GLU C    C  N N 106 
GLU O    O  N N 107 
GLU CB   C  N N 108 
GLU CG   C  N N 109 
GLU CD   C  N N 110 
GLU OE1  O  N N 111 
GLU OE2  O  N N 112 
GLU OXT  O  N N 113 
GLU H    H  N N 114 
GLU H2   H  N N 115 
GLU HA   H  N N 116 
GLU HB2  H  N N 117 
GLU HB3  H  N N 118 
GLU HG2  H  N N 119 
GLU HG3  H  N N 120 
GLU HE2  H  N N 121 
GLU HXT  H  N N 122 
GLY N    N  N N 123 
GLY CA   C  N N 124 
GLY C    C  N N 125 
GLY O    O  N N 126 
GLY OXT  O  N N 127 
GLY H    H  N N 128 
GLY H2   H  N N 129 
GLY HA2  H  N N 130 
GLY HA3  H  N N 131 
GLY HXT  H  N N 132 
HIS N    N  N N 133 
HIS CA   C  N S 134 
HIS C    C  N N 135 
HIS O    O  N N 136 
HIS CB   C  N N 137 
HIS CG   C  Y N 138 
HIS ND1  N  Y N 139 
HIS CD2  C  Y N 140 
HIS CE1  C  Y N 141 
HIS NE2  N  Y N 142 
HIS OXT  O  N N 143 
HIS H    H  N N 144 
HIS H2   H  N N 145 
HIS HA   H  N N 146 
HIS HB2  H  N N 147 
HIS HB3  H  N N 148 
HIS HD1  H  N N 149 
HIS HD2  H  N N 150 
HIS HE1  H  N N 151 
HIS HE2  H  N N 152 
HIS HXT  H  N N 153 
HOH O    O  N N 154 
HOH H1   H  N N 155 
HOH H2   H  N N 156 
ILE N    N  N N 157 
ILE CA   C  N S 158 
ILE C    C  N N 159 
ILE O    O  N N 160 
ILE CB   C  N S 161 
ILE CG1  C  N N 162 
ILE CG2  C  N N 163 
ILE CD1  C  N N 164 
ILE OXT  O  N N 165 
ILE H    H  N N 166 
ILE H2   H  N N 167 
ILE HA   H  N N 168 
ILE HB   H  N N 169 
ILE HG12 H  N N 170 
ILE HG13 H  N N 171 
ILE HG21 H  N N 172 
ILE HG22 H  N N 173 
ILE HG23 H  N N 174 
ILE HD11 H  N N 175 
ILE HD12 H  N N 176 
ILE HD13 H  N N 177 
ILE HXT  H  N N 178 
LEU N    N  N N 179 
LEU CA   C  N S 180 
LEU C    C  N N 181 
LEU O    O  N N 182 
LEU CB   C  N N 183 
LEU CG   C  N N 184 
LEU CD1  C  N N 185 
LEU CD2  C  N N 186 
LEU OXT  O  N N 187 
LEU H    H  N N 188 
LEU H2   H  N N 189 
LEU HA   H  N N 190 
LEU HB2  H  N N 191 
LEU HB3  H  N N 192 
LEU HG   H  N N 193 
LEU HD11 H  N N 194 
LEU HD12 H  N N 195 
LEU HD13 H  N N 196 
LEU HD21 H  N N 197 
LEU HD22 H  N N 198 
LEU HD23 H  N N 199 
LEU HXT  H  N N 200 
LYS N    N  N N 201 
LYS CA   C  N S 202 
LYS C    C  N N 203 
LYS O    O  N N 204 
LYS CB   C  N N 205 
LYS CG   C  N N 206 
LYS CD   C  N N 207 
LYS CE   C  N N 208 
LYS NZ   N  N N 209 
LYS OXT  O  N N 210 
LYS H    H  N N 211 
LYS H2   H  N N 212 
LYS HA   H  N N 213 
LYS HB2  H  N N 214 
LYS HB3  H  N N 215 
LYS HG2  H  N N 216 
LYS HG3  H  N N 217 
LYS HD2  H  N N 218 
LYS HD3  H  N N 219 
LYS HE2  H  N N 220 
LYS HE3  H  N N 221 
LYS HZ1  H  N N 222 
LYS HZ2  H  N N 223 
LYS HZ3  H  N N 224 
LYS HXT  H  N N 225 
MSE N    N  N N 226 
MSE CA   C  N S 227 
MSE C    C  N N 228 
MSE O    O  N N 229 
MSE OXT  O  N N 230 
MSE CB   C  N N 231 
MSE CG   C  N N 232 
MSE SE   SE N N 233 
MSE CE   C  N N 234 
MSE H    H  N N 235 
MSE H2   H  N N 236 
MSE HA   H  N N 237 
MSE HXT  H  N N 238 
MSE HB2  H  N N 239 
MSE HB3  H  N N 240 
MSE HG2  H  N N 241 
MSE HG3  H  N N 242 
MSE HE1  H  N N 243 
MSE HE2  H  N N 244 
MSE HE3  H  N N 245 
PHE N    N  N N 246 
PHE CA   C  N S 247 
PHE C    C  N N 248 
PHE O    O  N N 249 
PHE CB   C  N N 250 
PHE CG   C  Y N 251 
PHE CD1  C  Y N 252 
PHE CD2  C  Y N 253 
PHE CE1  C  Y N 254 
PHE CE2  C  Y N 255 
PHE CZ   C  Y N 256 
PHE OXT  O  N N 257 
PHE H    H  N N 258 
PHE H2   H  N N 259 
PHE HA   H  N N 260 
PHE HB2  H  N N 261 
PHE HB3  H  N N 262 
PHE HD1  H  N N 263 
PHE HD2  H  N N 264 
PHE HE1  H  N N 265 
PHE HE2  H  N N 266 
PHE HZ   H  N N 267 
PHE HXT  H  N N 268 
SER N    N  N N 269 
SER CA   C  N S 270 
SER C    C  N N 271 
SER O    O  N N 272 
SER CB   C  N N 273 
SER OG   O  N N 274 
SER OXT  O  N N 275 
SER H    H  N N 276 
SER H2   H  N N 277 
SER HA   H  N N 278 
SER HB2  H  N N 279 
SER HB3  H  N N 280 
SER HG   H  N N 281 
SER HXT  H  N N 282 
THR N    N  N N 283 
THR CA   C  N S 284 
THR C    C  N N 285 
THR O    O  N N 286 
THR CB   C  N R 287 
THR OG1  O  N N 288 
THR CG2  C  N N 289 
THR OXT  O  N N 290 
THR H    H  N N 291 
THR H2   H  N N 292 
THR HA   H  N N 293 
THR HB   H  N N 294 
THR HG1  H  N N 295 
THR HG21 H  N N 296 
THR HG22 H  N N 297 
THR HG23 H  N N 298 
THR HXT  H  N N 299 
TYR N    N  N N 300 
TYR CA   C  N S 301 
TYR C    C  N N 302 
TYR O    O  N N 303 
TYR CB   C  N N 304 
TYR CG   C  Y N 305 
TYR CD1  C  Y N 306 
TYR CD2  C  Y N 307 
TYR CE1  C  Y N 308 
TYR CE2  C  Y N 309 
TYR CZ   C  Y N 310 
TYR OH   O  N N 311 
TYR OXT  O  N N 312 
TYR H    H  N N 313 
TYR H2   H  N N 314 
TYR HA   H  N N 315 
TYR HB2  H  N N 316 
TYR HB3  H  N N 317 
TYR HD1  H  N N 318 
TYR HD2  H  N N 319 
TYR HE1  H  N N 320 
TYR HE2  H  N N 321 
TYR HH   H  N N 322 
TYR HXT  H  N N 323 
VAL N    N  N N 324 
VAL CA   C  N S 325 
VAL C    C  N N 326 
VAL O    O  N N 327 
VAL CB   C  N N 328 
VAL CG1  C  N N 329 
VAL CG2  C  N N 330 
VAL OXT  O  N N 331 
VAL H    H  N N 332 
VAL H2   H  N N 333 
VAL HA   H  N N 334 
VAL HB   H  N N 335 
VAL HG11 H  N N 336 
VAL HG12 H  N N 337 
VAL HG13 H  N N 338 
VAL HG21 H  N N 339 
VAL HG22 H  N N 340 
VAL HG23 H  N N 341 
VAL HXT  H  N N 342 
# 
loop_
_chem_comp_bond.comp_id 
_chem_comp_bond.atom_id_1 
_chem_comp_bond.atom_id_2 
_chem_comp_bond.value_order 
_chem_comp_bond.pdbx_aromatic_flag 
_chem_comp_bond.pdbx_stereo_config 
_chem_comp_bond.pdbx_ordinal 
ALA N   CA   sing N N 1   
ALA N   H    sing N N 2   
ALA N   H2   sing N N 3   
ALA CA  C    sing N N 4   
ALA CA  CB   sing N N 5   
ALA CA  HA   sing N N 6   
ALA C   O    doub N N 7   
ALA C   OXT  sing N N 8   
ALA CB  HB1  sing N N 9   
ALA CB  HB2  sing N N 10  
ALA CB  HB3  sing N N 11  
ALA OXT HXT  sing N N 12  
ARG N   CA   sing N N 13  
ARG N   H    sing N N 14  
ARG N   H2   sing N N 15  
ARG CA  C    sing N N 16  
ARG CA  CB   sing N N 17  
ARG CA  HA   sing N N 18  
ARG C   O    doub N N 19  
ARG C   OXT  sing N N 20  
ARG CB  CG   sing N N 21  
ARG CB  HB2  sing N N 22  
ARG CB  HB3  sing N N 23  
ARG CG  CD   sing N N 24  
ARG CG  HG2  sing N N 25  
ARG CG  HG3  sing N N 26  
ARG CD  NE   sing N N 27  
ARG CD  HD2  sing N N 28  
ARG CD  HD3  sing N N 29  
ARG NE  CZ   sing N N 30  
ARG NE  HE   sing N N 31  
ARG CZ  NH1  sing N N 32  
ARG CZ  NH2  doub N N 33  
ARG NH1 HH11 sing N N 34  
ARG NH1 HH12 sing N N 35  
ARG NH2 HH21 sing N N 36  
ARG NH2 HH22 sing N N 37  
ARG OXT HXT  sing N N 38  
ASN N   CA   sing N N 39  
ASN N   H    sing N N 40  
ASN N   H2   sing N N 41  
ASN CA  C    sing N N 42  
ASN CA  CB   sing N N 43  
ASN CA  HA   sing N N 44  
ASN C   O    doub N N 45  
ASN C   OXT  sing N N 46  
ASN CB  CG   sing N N 47  
ASN CB  HB2  sing N N 48  
ASN CB  HB3  sing N N 49  
ASN CG  OD1  doub N N 50  
ASN CG  ND2  sing N N 51  
ASN ND2 HD21 sing N N 52  
ASN ND2 HD22 sing N N 53  
ASN OXT HXT  sing N N 54  
ASP N   CA   sing N N 55  
ASP N   H    sing N N 56  
ASP N   H2   sing N N 57  
ASP CA  C    sing N N 58  
ASP CA  CB   sing N N 59  
ASP CA  HA   sing N N 60  
ASP C   O    doub N N 61  
ASP C   OXT  sing N N 62  
ASP CB  CG   sing N N 63  
ASP CB  HB2  sing N N 64  
ASP CB  HB3  sing N N 65  
ASP CG  OD1  doub N N 66  
ASP CG  OD2  sing N N 67  
ASP OD2 HD2  sing N N 68  
ASP OXT HXT  sing N N 69  
EDO C1  O1   sing N N 70  
EDO C1  C2   sing N N 71  
EDO C1  H11  sing N N 72  
EDO C1  H12  sing N N 73  
EDO O1  HO1  sing N N 74  
EDO C2  O2   sing N N 75  
EDO C2  H21  sing N N 76  
EDO C2  H22  sing N N 77  
EDO O2  HO2  sing N N 78  
GLN N   CA   sing N N 79  
GLN N   H    sing N N 80  
GLN N   H2   sing N N 81  
GLN CA  C    sing N N 82  
GLN CA  CB   sing N N 83  
GLN CA  HA   sing N N 84  
GLN C   O    doub N N 85  
GLN C   OXT  sing N N 86  
GLN CB  CG   sing N N 87  
GLN CB  HB2  sing N N 88  
GLN CB  HB3  sing N N 89  
GLN CG  CD   sing N N 90  
GLN CG  HG2  sing N N 91  
GLN CG  HG3  sing N N 92  
GLN CD  OE1  doub N N 93  
GLN CD  NE2  sing N N 94  
GLN NE2 HE21 sing N N 95  
GLN NE2 HE22 sing N N 96  
GLN OXT HXT  sing N N 97  
GLU N   CA   sing N N 98  
GLU N   H    sing N N 99  
GLU N   H2   sing N N 100 
GLU CA  C    sing N N 101 
GLU CA  CB   sing N N 102 
GLU CA  HA   sing N N 103 
GLU C   O    doub N N 104 
GLU C   OXT  sing N N 105 
GLU CB  CG   sing N N 106 
GLU CB  HB2  sing N N 107 
GLU CB  HB3  sing N N 108 
GLU CG  CD   sing N N 109 
GLU CG  HG2  sing N N 110 
GLU CG  HG3  sing N N 111 
GLU CD  OE1  doub N N 112 
GLU CD  OE2  sing N N 113 
GLU OE2 HE2  sing N N 114 
GLU OXT HXT  sing N N 115 
GLY N   CA   sing N N 116 
GLY N   H    sing N N 117 
GLY N   H2   sing N N 118 
GLY CA  C    sing N N 119 
GLY CA  HA2  sing N N 120 
GLY CA  HA3  sing N N 121 
GLY C   O    doub N N 122 
GLY C   OXT  sing N N 123 
GLY OXT HXT  sing N N 124 
HIS N   CA   sing N N 125 
HIS N   H    sing N N 126 
HIS N   H2   sing N N 127 
HIS CA  C    sing N N 128 
HIS CA  CB   sing N N 129 
HIS CA  HA   sing N N 130 
HIS C   O    doub N N 131 
HIS C   OXT  sing N N 132 
HIS CB  CG   sing N N 133 
HIS CB  HB2  sing N N 134 
HIS CB  HB3  sing N N 135 
HIS CG  ND1  sing Y N 136 
HIS CG  CD2  doub Y N 137 
HIS ND1 CE1  doub Y N 138 
HIS ND1 HD1  sing N N 139 
HIS CD2 NE2  sing Y N 140 
HIS CD2 HD2  sing N N 141 
HIS CE1 NE2  sing Y N 142 
HIS CE1 HE1  sing N N 143 
HIS NE2 HE2  sing N N 144 
HIS OXT HXT  sing N N 145 
HOH O   H1   sing N N 146 
HOH O   H2   sing N N 147 
ILE N   CA   sing N N 148 
ILE N   H    sing N N 149 
ILE N   H2   sing N N 150 
ILE CA  C    sing N N 151 
ILE CA  CB   sing N N 152 
ILE CA  HA   sing N N 153 
ILE C   O    doub N N 154 
ILE C   OXT  sing N N 155 
ILE CB  CG1  sing N N 156 
ILE CB  CG2  sing N N 157 
ILE CB  HB   sing N N 158 
ILE CG1 CD1  sing N N 159 
ILE CG1 HG12 sing N N 160 
ILE CG1 HG13 sing N N 161 
ILE CG2 HG21 sing N N 162 
ILE CG2 HG22 sing N N 163 
ILE CG2 HG23 sing N N 164 
ILE CD1 HD11 sing N N 165 
ILE CD1 HD12 sing N N 166 
ILE CD1 HD13 sing N N 167 
ILE OXT HXT  sing N N 168 
LEU N   CA   sing N N 169 
LEU N   H    sing N N 170 
LEU N   H2   sing N N 171 
LEU CA  C    sing N N 172 
LEU CA  CB   sing N N 173 
LEU CA  HA   sing N N 174 
LEU C   O    doub N N 175 
LEU C   OXT  sing N N 176 
LEU CB  CG   sing N N 177 
LEU CB  HB2  sing N N 178 
LEU CB  HB3  sing N N 179 
LEU CG  CD1  sing N N 180 
LEU CG  CD2  sing N N 181 
LEU CG  HG   sing N N 182 
LEU CD1 HD11 sing N N 183 
LEU CD1 HD12 sing N N 184 
LEU CD1 HD13 sing N N 185 
LEU CD2 HD21 sing N N 186 
LEU CD2 HD22 sing N N 187 
LEU CD2 HD23 sing N N 188 
LEU OXT HXT  sing N N 189 
LYS N   CA   sing N N 190 
LYS N   H    sing N N 191 
LYS N   H2   sing N N 192 
LYS CA  C    sing N N 193 
LYS CA  CB   sing N N 194 
LYS CA  HA   sing N N 195 
LYS C   O    doub N N 196 
LYS C   OXT  sing N N 197 
LYS CB  CG   sing N N 198 
LYS CB  HB2  sing N N 199 
LYS CB  HB3  sing N N 200 
LYS CG  CD   sing N N 201 
LYS CG  HG2  sing N N 202 
LYS CG  HG3  sing N N 203 
LYS CD  CE   sing N N 204 
LYS CD  HD2  sing N N 205 
LYS CD  HD3  sing N N 206 
LYS CE  NZ   sing N N 207 
LYS CE  HE2  sing N N 208 
LYS CE  HE3  sing N N 209 
LYS NZ  HZ1  sing N N 210 
LYS NZ  HZ2  sing N N 211 
LYS NZ  HZ3  sing N N 212 
LYS OXT HXT  sing N N 213 
MSE N   CA   sing N N 214 
MSE N   H    sing N N 215 
MSE N   H2   sing N N 216 
MSE CA  C    sing N N 217 
MSE CA  CB   sing N N 218 
MSE CA  HA   sing N N 219 
MSE C   O    doub N N 220 
MSE C   OXT  sing N N 221 
MSE OXT HXT  sing N N 222 
MSE CB  CG   sing N N 223 
MSE CB  HB2  sing N N 224 
MSE CB  HB3  sing N N 225 
MSE CG  SE   sing N N 226 
MSE CG  HG2  sing N N 227 
MSE CG  HG3  sing N N 228 
MSE SE  CE   sing N N 229 
MSE CE  HE1  sing N N 230 
MSE CE  HE2  sing N N 231 
MSE CE  HE3  sing N N 232 
PHE N   CA   sing N N 233 
PHE N   H    sing N N 234 
PHE N   H2   sing N N 235 
PHE CA  C    sing N N 236 
PHE CA  CB   sing N N 237 
PHE CA  HA   sing N N 238 
PHE C   O    doub N N 239 
PHE C   OXT  sing N N 240 
PHE CB  CG   sing N N 241 
PHE CB  HB2  sing N N 242 
PHE CB  HB3  sing N N 243 
PHE CG  CD1  doub Y N 244 
PHE CG  CD2  sing Y N 245 
PHE CD1 CE1  sing Y N 246 
PHE CD1 HD1  sing N N 247 
PHE CD2 CE2  doub Y N 248 
PHE CD2 HD2  sing N N 249 
PHE CE1 CZ   doub Y N 250 
PHE CE1 HE1  sing N N 251 
PHE CE2 CZ   sing Y N 252 
PHE CE2 HE2  sing N N 253 
PHE CZ  HZ   sing N N 254 
PHE OXT HXT  sing N N 255 
SER N   CA   sing N N 256 
SER N   H    sing N N 257 
SER N   H2   sing N N 258 
SER CA  C    sing N N 259 
SER CA  CB   sing N N 260 
SER CA  HA   sing N N 261 
SER C   O    doub N N 262 
SER C   OXT  sing N N 263 
SER CB  OG   sing N N 264 
SER CB  HB2  sing N N 265 
SER CB  HB3  sing N N 266 
SER OG  HG   sing N N 267 
SER OXT HXT  sing N N 268 
THR N   CA   sing N N 269 
THR N   H    sing N N 270 
THR N   H2   sing N N 271 
THR CA  C    sing N N 272 
THR CA  CB   sing N N 273 
THR CA  HA   sing N N 274 
THR C   O    doub N N 275 
THR C   OXT  sing N N 276 
THR CB  OG1  sing N N 277 
THR CB  CG2  sing N N 278 
THR CB  HB   sing N N 279 
THR OG1 HG1  sing N N 280 
THR CG2 HG21 sing N N 281 
THR CG2 HG22 sing N N 282 
THR CG2 HG23 sing N N 283 
THR OXT HXT  sing N N 284 
TYR N   CA   sing N N 285 
TYR N   H    sing N N 286 
TYR N   H2   sing N N 287 
TYR CA  C    sing N N 288 
TYR CA  CB   sing N N 289 
TYR CA  HA   sing N N 290 
TYR C   O    doub N N 291 
TYR C   OXT  sing N N 292 
TYR CB  CG   sing N N 293 
TYR CB  HB2  sing N N 294 
TYR CB  HB3  sing N N 295 
TYR CG  CD1  doub Y N 296 
TYR CG  CD2  sing Y N 297 
TYR CD1 CE1  sing Y N 298 
TYR CD1 HD1  sing N N 299 
TYR CD2 CE2  doub Y N 300 
TYR CD2 HD2  sing N N 301 
TYR CE1 CZ   doub Y N 302 
TYR CE1 HE1  sing N N 303 
TYR CE2 CZ   sing Y N 304 
TYR CE2 HE2  sing N N 305 
TYR CZ  OH   sing N N 306 
TYR OH  HH   sing N N 307 
TYR OXT HXT  sing N N 308 
VAL N   CA   sing N N 309 
VAL N   H    sing N N 310 
VAL N   H2   sing N N 311 
VAL CA  C    sing N N 312 
VAL CA  CB   sing N N 313 
VAL CA  HA   sing N N 314 
VAL C   O    doub N N 315 
VAL C   OXT  sing N N 316 
VAL CB  CG1  sing N N 317 
VAL CB  CG2  sing N N 318 
VAL CB  HB   sing N N 319 
VAL CG1 HG11 sing N N 320 
VAL CG1 HG12 sing N N 321 
VAL CG1 HG13 sing N N 322 
VAL CG2 HG21 sing N N 323 
VAL CG2 HG22 sing N N 324 
VAL CG2 HG23 sing N N 325 
VAL OXT HXT  sing N N 326 
# 
_atom_sites.entry_id                    3F42 
_atom_sites.fract_transf_matrix[1][1]   -0.00431860 
_atom_sites.fract_transf_matrix[1][2]   0.00599334 
_atom_sites.fract_transf_matrix[1][3]   -0.00878357 
_atom_sites.fract_transf_matrix[2][1]   -0.00920972 
_atom_sites.fract_transf_matrix[2][2]   -0.00091897 
_atom_sites.fract_transf_matrix[2][3]   0.00390109 
_atom_sites.fract_transf_matrix[3][1]   0.00293838 
_atom_sites.fract_transf_matrix[3][2]   0.01876059 
_atom_sites.fract_transf_matrix[3][3]   0.01135632 
_atom_sites.fract_transf_vector[1]      0.139318 
_atom_sites.fract_transf_vector[2]      0.307764 
_atom_sites.fract_transf_vector[3]      0.292617 
# 
loop_
_atom_type.symbol 
C  
N  
O  
SE 
# 
loop_
_atom_site.group_PDB 
_atom_site.id 
_atom_site.type_symbol 
_atom_site.label_atom_id 
_atom_site.label_alt_id 
_atom_site.label_comp_id 
_atom_site.label_asym_id 
_atom_site.label_entity_id 
_atom_site.label_seq_id 
_atom_site.pdbx_PDB_ins_code 
_atom_site.Cartn_x 
_atom_site.Cartn_y 
_atom_site.Cartn_z 
_atom_site.occupancy 
_atom_site.B_iso_or_equiv 
_atom_site.pdbx_formal_charge 
_atom_site.auth_seq_id 
_atom_site.auth_comp_id 
_atom_site.auth_asym_id 
_atom_site.auth_atom_id 
_atom_site.pdbx_PDB_model_num 
ATOM   1    N  N   . HIS A 1 2  ? -33.599 -13.553 -10.786 1.00 40.47 ? 0   HIS A N   1 
ATOM   2    C  CA  . HIS A 1 2  ? -34.139 -14.932 -10.549 1.00 37.42 ? 0   HIS A CA  1 
ATOM   3    C  C   . HIS A 1 2  ? -33.150 -15.520 -9.565  1.00 36.26 ? 0   HIS A C   1 
ATOM   4    O  O   . HIS A 1 2  ? -32.141 -16.123 -9.973  1.00 37.91 ? 0   HIS A O   1 
ATOM   5    C  CB  . HIS A 1 2  ? -34.140 -15.742 -11.863 1.00 38.59 ? 0   HIS A CB  1 
HETATM 6    N  N   . MSE A 1 3  ? -33.387 -15.293 -8.279  1.00 31.42 ? 1   MSE A N   1 
HETATM 7    C  CA  . MSE A 1 3  ? -32.411 -15.688 -7.263  1.00 29.48 ? 1   MSE A CA  1 
HETATM 8    C  C   . MSE A 1 3  ? -33.077 -15.724 -5.906  1.00 26.98 ? 1   MSE A C   1 
HETATM 9    O  O   . MSE A 1 3  ? -33.809 -14.797 -5.565  1.00 28.17 ? 1   MSE A O   1 
HETATM 10   C  CB  . MSE A 1 3  ? -31.262 -14.706 -7.225  1.00 29.90 ? 1   MSE A CB  1 
HETATM 11   C  CG  . MSE A 1 3  ? -30.068 -15.301 -6.523  1.00 31.28 ? 1   MSE A CG  1 
HETATM 12   SE SE  . MSE A 1 3  ? -28.668 -14.032 -6.088  0.50 39.69 ? 1   MSE A SE  1 
HETATM 13   C  CE  . MSE A 1 3  ? -29.779 -12.455 -5.830  1.00 26.07 ? 1   MSE A CE  1 
ATOM   14   N  N   . ASP A 1 4  ? -32.903 -16.801 -5.159  1.00 23.47 ? 2   ASP A N   1 
ATOM   15   C  CA  . ASP A 1 4  ? -33.440 -16.803 -3.817  1.00 21.63 ? 2   ASP A CA  1 
ATOM   16   C  C   . ASP A 1 4  ? -32.321 -16.665 -2.772  1.00 20.39 ? 2   ASP A C   1 
ATOM   17   O  O   . ASP A 1 4  ? -31.123 -16.571 -3.130  1.00 19.28 ? 2   ASP A O   1 
ATOM   18   C  CB  . ASP A 1 4  ? -34.336 -18.042 -3.567  1.00 20.87 ? 2   ASP A CB  1 
ATOM   19   C  CG  . ASP A 1 4  ? -33.575 -19.357 -3.674  1.00 23.28 ? 2   ASP A CG  1 
ATOM   20   O  OD1 . ASP A 1 4  ? -32.353 -19.365 -3.402  1.00 22.35 ? 2   ASP A OD1 1 
ATOM   21   O  OD2 . ASP A 1 4  ? -34.226 -20.380 -4.023  1.00 21.74 ? 2   ASP A OD2 1 
ATOM   22   N  N   . PHE A 1 5  ? -32.698 -16.619 -1.493  1.00 19.50 ? 3   PHE A N   1 
ATOM   23   C  CA  . PHE A 1 5  ? -31.711 -16.262 -0.445  1.00 19.49 ? 3   PHE A CA  1 
ATOM   24   C  C   . PHE A 1 5  ? -30.670 -17.365 -0.365  1.00 19.36 ? 3   PHE A C   1 
ATOM   25   O  O   . PHE A 1 5  ? -29.491 -17.097 -0.157  1.00 19.53 ? 3   PHE A O   1 
ATOM   26   C  CB  . PHE A 1 5  ? -32.421 -16.094 0.896   1.00 18.61 ? 3   PHE A CB  1 
ATOM   27   C  CG  . PHE A 1 5  ? -31.718 -15.158 1.853   1.00 19.12 ? 3   PHE A CG  1 
ATOM   28   C  CD1 . PHE A 1 5  ? -31.384 -13.851 1.470   1.00 20.22 ? 3   PHE A CD1 1 
ATOM   29   C  CD2 . PHE A 1 5  ? -31.433 -15.564 3.137   1.00 19.09 ? 3   PHE A CD2 1 
ATOM   30   C  CE1 . PHE A 1 5  ? -30.749 -12.996 2.362   1.00 20.01 ? 3   PHE A CE1 1 
ATOM   31   C  CE2 . PHE A 1 5  ? -30.770 -14.710 4.047   1.00 18.80 ? 3   PHE A CE2 1 
ATOM   32   C  CZ  . PHE A 1 5  ? -30.438 -13.419 3.657   1.00 21.07 ? 3   PHE A CZ  1 
ATOM   33   N  N   . SER A 1 6  ? -31.109 -18.612 -0.539  1.00 19.18 ? 4   SER A N   1 
ATOM   34   C  CA  . SER A 1 6  ? -30.132 -19.709 -0.503  1.00 20.11 ? 4   SER A CA  1 
ATOM   35   C  C   . SER A 1 6  ? -29.091 -19.607 -1.619  1.00 20.05 ? 4   SER A C   1 
ATOM   36   O  O   . SER A 1 6  ? -27.875 -19.787 -1.377  1.00 20.07 ? 4   SER A O   1 
ATOM   37   C  CB  . SER A 1 6  ? -30.869 -21.042 -0.524  1.00 20.27 ? 4   SER A CB  1 
ATOM   38   O  OG  . SER A 1 6  ? -31.548 -21.206 0.702   1.00 19.40 ? 4   SER A OG  1 
ATOM   39   N  N   . GLN A 1 7  ? -29.542 -19.244 -2.825  1.00 19.78 ? 5   GLN A N   1 
ATOM   40   C  CA  . GLN A 1 7  ? -28.628 -19.050 -3.941  1.00 21.13 ? 5   GLN A CA  1 
ATOM   41   C  C   . GLN A 1 7  ? -27.681 -17.896 -3.657  1.00 21.63 ? 5   GLN A C   1 
ATOM   42   O  O   . GLN A 1 7  ? -26.489 -18.008 -3.923  1.00 22.87 ? 5   GLN A O   1 
ATOM   43   C  CB  . GLN A 1 7  ? -29.373 -18.821 -5.243  1.00 20.32 ? 5   GLN A CB  1 
ATOM   44   C  CG  . GLN A 1 7  ? -30.139 -20.048 -5.658  1.00 22.66 ? 5   GLN A CG  1 
ATOM   45   C  CD  . GLN A 1 7  ? -31.071 -19.820 -6.789  1.00 28.12 ? 5   GLN A CD  1 
ATOM   46   O  OE1 . GLN A 1 7  ? -31.795 -18.826 -6.826  1.00 27.96 ? 5   GLN A OE1 1 
ATOM   47   N  NE2 . GLN A 1 7  ? -31.109 -20.775 -7.716  1.00 29.59 ? 5   GLN A NE2 1 
ATOM   48   N  N   . LEU A 1 8  ? -28.187 -16.816 -3.081  1.00 21.65 ? 6   LEU A N   1 
ATOM   49   C  CA  . LEU A 1 8  ? -27.333 -15.679 -2.749  1.00 22.43 ? 6   LEU A CA  1 
ATOM   50   C  C   . LEU A 1 8  ? -26.258 -16.071 -1.747  1.00 22.88 ? 6   LEU A C   1 
ATOM   51   O  O   . LEU A 1 8  ? -25.102 -15.662 -1.890  1.00 22.44 ? 6   LEU A O   1 
ATOM   52   C  CB  . LEU A 1 8  ? -28.159 -14.501 -2.209  1.00 22.44 ? 6   LEU A CB  1 
ATOM   53   C  CG  . LEU A 1 8  ? -27.421 -13.272 -1.645  1.00 23.56 ? 6   LEU A CG  1 
ATOM   54   C  CD1 . LEU A 1 8  ? -26.485 -12.682 -2.721  1.00 21.62 ? 6   LEU A CD1 1 
ATOM   55   C  CD2 . LEU A 1 8  ? -28.433 -12.190 -1.139  1.00 23.45 ? 6   LEU A CD2 1 
ATOM   56   N  N   . GLY A 1 9  ? -26.628 -16.860 -0.742  1.00 22.14 ? 7   GLY A N   1 
ATOM   57   C  CA  . GLY A 1 9  ? -25.655 -17.294 0.268   1.00 21.99 ? 7   GLY A CA  1 
ATOM   58   C  C   . GLY A 1 9  ? -24.577 -18.168 -0.362  1.00 22.43 ? 7   GLY A C   1 
ATOM   59   O  O   . GLY A 1 9  ? -23.389 -18.047 -0.016  1.00 22.44 ? 7   GLY A O   1 
ATOM   60   N  N   . GLY A 1 10 ? -24.984 -19.024 -1.292  1.00 22.27 ? 8   GLY A N   1 
ATOM   61   C  CA  . GLY A 1 10 ? -24.055 -19.888 -2.043  1.00 23.31 ? 8   GLY A CA  1 
ATOM   62   C  C   . GLY A 1 10 ? -23.088 -19.057 -2.897  1.00 24.02 ? 8   GLY A C   1 
ATOM   63   O  O   . GLY A 1 10 ? -21.864 -19.330 -2.944  1.00 22.71 ? 8   GLY A O   1 
ATOM   64   N  N   . LEU A 1 11 ? -23.630 -18.051 -3.582  1.00 23.55 ? 9   LEU A N   1 
ATOM   65   C  CA  . LEU A 1 11 ? -22.784 -17.117 -4.343  1.00 24.72 ? 9   LEU A CA  1 
ATOM   66   C  C   . LEU A 1 11 ? -21.789 -16.377 -3.458  1.00 23.73 ? 9   LEU A C   1 
ATOM   67   O  O   . LEU A 1 11 ? -20.592 -16.272 -3.805  1.00 23.12 ? 9   LEU A O   1 
ATOM   68   C  CB  . LEU A 1 11 ? -23.652 -16.108 -5.085  1.00 25.23 ? 9   LEU A CB  1 
ATOM   69   C  CG  . LEU A 1 11 ? -22.927 -15.521 -6.284  1.00 32.06 ? 9   LEU A CG  1 
ATOM   70   C  CD1 . LEU A 1 11 ? -23.160 -16.497 -7.473  1.00 35.06 ? 9   LEU A CD1 1 
ATOM   71   C  CD2 . LEU A 1 11 ? -23.489 -14.126 -6.535  1.00 35.09 ? 9   LEU A CD2 1 
ATOM   72   N  N   . LEU A 1 12 ? -22.259 -15.859 -2.321  1.00 22.96 ? 10  LEU A N   1 
ATOM   73   C  CA  . LEU A 1 12 ? -21.382 -15.135 -1.394  1.00 23.61 ? 10  LEU A CA  1 
ATOM   74   C  C   . LEU A 1 12 ? -20.268 -16.059 -0.902  1.00 23.79 ? 10  LEU A C   1 
ATOM   75   O  O   . LEU A 1 12 ? -19.086 -15.656 -0.848  1.00 23.63 ? 10  LEU A O   1 
ATOM   76   C  CB  . LEU A 1 12 ? -22.149 -14.572 -0.202  1.00 23.44 ? 10  LEU A CB  1 
ATOM   77   C  CG  . LEU A 1 12 ? -23.069 -13.375 -0.465  1.00 25.06 ? 10  LEU A CG  1 
ATOM   78   C  CD1 . LEU A 1 12 ? -23.825 -12.938 0.826   1.00 26.74 ? 10  LEU A CD1 1 
ATOM   79   C  CD2 . LEU A 1 12 ? -22.324 -12.169 -1.041  1.00 25.66 ? 10  LEU A CD2 1 
ATOM   80   N  N   . ASP A 1 13 ? -20.628 -17.301 -0.573  1.00 23.79 ? 11  ASP A N   1 
ATOM   81   C  CA  . ASP A 1 13 ? -19.607 -18.267 -0.093  1.00 24.43 ? 11  ASP A CA  1 
ATOM   82   C  C   . ASP A 1 13 ? -18.567 -18.577 -1.170  1.00 24.08 ? 11  ASP A C   1 
ATOM   83   O  O   . ASP A 1 13 ? -17.359 -18.617 -0.870  1.00 24.50 ? 11  ASP A O   1 
ATOM   84   C  CB  . ASP A 1 13 ? -20.224 -19.554 0.439   1.00 24.86 ? 11  ASP A CB  1 
ATOM   85   C  CG  . ASP A 1 13 ? -20.913 -19.369 1.752   1.00 27.44 ? 11  ASP A CG  1 
ATOM   86   O  OD1 . ASP A 1 13 ? -20.635 -18.377 2.460   1.00 33.45 ? 11  ASP A OD1 1 
ATOM   87   O  OD2 . ASP A 1 13 ? -21.736 -20.233 2.109   1.00 29.96 ? 11  ASP A OD2 1 
ATOM   88   N  N   . GLY A 1 14 ? -19.029 -18.765 -2.404  1.00 22.89 ? 12  GLY A N   1 
ATOM   89   C  CA  . GLY A 1 14 ? -18.169 -19.030 -3.562  1.00 23.03 ? 12  GLY A CA  1 
ATOM   90   C  C   . GLY A 1 14 ? -17.249 -17.843 -3.848  1.00 22.92 ? 12  GLY A C   1 
ATOM   91   O  O   . GLY A 1 14 ? -16.038 -18.010 -4.124  1.00 22.93 ? 12  GLY A O   1 
HETATM 92   N  N   . MSE A 1 15 ? -17.818 -16.642 -3.788  1.00 22.93 ? 13  MSE A N   1 
HETATM 93   C  CA  . MSE A 1 15 ? -17.022 -15.428 -4.003  1.00 24.59 ? 13  MSE A CA  1 
HETATM 94   C  C   . MSE A 1 15 ? -15.959 -15.256 -2.924  1.00 25.42 ? 13  MSE A C   1 
HETATM 95   O  O   . MSE A 1 15 ? -14.816 -14.883 -3.240  1.00 24.68 ? 13  MSE A O   1 
HETATM 96   C  CB  . MSE A 1 15 ? -17.921 -14.214 -4.110  1.00 24.92 ? 13  MSE A CB  1 
HETATM 97   C  CG  . MSE A 1 15 ? -18.588 -14.186 -5.430  1.00 27.07 ? 13  MSE A CG  1 
HETATM 98   SE SE  . MSE A 1 15 ? -19.771 -12.666 -5.437  0.50 33.13 ? 13  MSE A SE  1 
HETATM 99   C  CE  . MSE A 1 15 ? -18.505 -11.341 -5.873  1.00 36.46 ? 13  MSE A CE  1 
ATOM   100  N  N   . LYS A 1 16 ? -16.300 -15.587 -1.669  1.00 25.17 ? 14  LYS A N   1 
ATOM   101  C  CA  . LYS A 1 16 ? -15.335 -15.462 -0.573  1.00 25.64 ? 14  LYS A CA  1 
ATOM   102  C  C   . LYS A 1 16 ? -14.233 -16.508 -0.724  1.00 25.50 ? 14  LYS A C   1 
ATOM   103  O  O   . LYS A 1 16 ? -13.084 -16.235 -0.406  1.00 25.17 ? 14  LYS A O   1 
ATOM   104  C  CB  . LYS A 1 16 ? -16.021 -15.553 0.795   1.00 26.60 ? 14  LYS A CB  1 
ATOM   105  C  CG  . LYS A 1 16 ? -15.040 -15.401 1.994   1.00 31.14 ? 14  LYS A CG  1 
ATOM   106  C  CD  . LYS A 1 16 ? -15.631 -15.969 3.294   1.00 39.41 ? 14  LYS A CD  1 
ATOM   107  C  CE  . LYS A 1 16 ? -14.525 -16.132 4.355   1.00 42.92 ? 14  LYS A CE  1 
ATOM   108  N  NZ  . LYS A 1 16 ? -15.054 -16.695 5.634   1.00 45.69 ? 14  LYS A NZ  1 
ATOM   109  N  N   . LYS A 1 17 ? -14.579 -17.685 -1.235  1.00 24.48 ? 15  LYS A N   1 
ATOM   110  C  CA  . LYS A 1 17 ? -13.567 -18.707 -1.488  1.00 25.53 ? 15  LYS A CA  1 
ATOM   111  C  C   . LYS A 1 17 ? -12.572 -18.246 -2.568  1.00 25.42 ? 15  LYS A C   1 
ATOM   112  O  O   . LYS A 1 17 ? -11.337 -18.324 -2.373  1.00 25.46 ? 15  LYS A O   1 
ATOM   113  C  CB  . LYS A 1 17 ? -14.223 -20.035 -1.877  1.00 25.30 ? 15  LYS A CB  1 
ATOM   114  C  CG  . LYS A 1 17 ? -13.204 -21.101 -2.297  1.00 28.26 ? 15  LYS A CG  1 
ATOM   115  C  CD  . LYS A 1 17 ? -13.899 -22.456 -2.435  1.00 32.93 ? 15  LYS A CD  1 
ATOM   116  C  CE  . LYS A 1 17 ? -12.925 -23.601 -2.654  1.00 35.54 ? 15  LYS A CE  1 
ATOM   117  N  NZ  . LYS A 1 17 ? -12.250 -23.505 -3.977  1.00 39.09 ? 15  LYS A NZ  1 
ATOM   118  N  N   . GLU A 1 18 ? -13.109 -17.751 -3.685  1.00 24.72 ? 16  GLU A N   1 
ATOM   119  C  CA  . GLU A 1 18 ? -12.309 -17.211 -4.781  1.00 25.23 ? 16  GLU A CA  1 
ATOM   120  C  C   . GLU A 1 18 ? -11.448 -16.051 -4.281  1.00 24.60 ? 16  GLU A C   1 
ATOM   121  O  O   . GLU A 1 18 ? -10.238 -15.959 -4.630  1.00 24.55 ? 16  GLU A O   1 
ATOM   122  C  CB  . GLU A 1 18 ? -13.216 -16.690 -5.899  1.00 26.17 ? 16  GLU A CB  1 
ATOM   123  C  CG  . GLU A 1 18 ? -12.443 -16.427 -7.191  1.00 30.13 ? 16  GLU A CG  1 
ATOM   124  C  CD  . GLU A 1 18 ? -13.262 -15.728 -8.271  1.00 35.15 ? 16  GLU A CD  1 
ATOM   125  O  OE1 . GLU A 1 18 ? -14.500 -15.553 -8.135  1.00 36.32 ? 16  GLU A OE1 1 
ATOM   126  O  OE2 . GLU A 1 18 ? -12.640 -15.324 -9.275  1.00 36.93 ? 16  GLU A OE2 1 
ATOM   127  N  N   . PHE A 1 19 ? -12.052 -15.157 -3.505  1.00 23.40 ? 17  PHE A N   1 
ATOM   128  C  CA  . PHE A 1 19 ? -11.334 -13.998 -2.995  1.00 23.64 ? 17  PHE A CA  1 
ATOM   129  C  C   . PHE A 1 19 ? -10.097 -14.461 -2.181  1.00 24.07 ? 17  PHE A C   1 
ATOM   130  O  O   . PHE A 1 19 ? -8.980  -13.928 -2.350  1.00 23.80 ? 17  PHE A O   1 
ATOM   131  C  CB  . PHE A 1 19 ? -12.259 -13.138 -2.127  1.00 23.60 ? 17  PHE A CB  1 
ATOM   132  C  CG  . PHE A 1 19 ? -11.640 -11.866 -1.677  1.00 22.72 ? 17  PHE A CG  1 
ATOM   133  C  CD1 . PHE A 1 19 ? -11.796 -10.712 -2.432  1.00 21.64 ? 17  PHE A CD1 1 
ATOM   134  C  CD2 . PHE A 1 19 ? -10.827 -11.826 -0.555  1.00 22.57 ? 17  PHE A CD2 1 
ATOM   135  C  CE1 . PHE A 1 19 ? -11.194 -9.526  -2.052  1.00 22.69 ? 17  PHE A CE1 1 
ATOM   136  C  CE2 . PHE A 1 19 ? -10.196 -10.637 -0.162  1.00 23.31 ? 17  PHE A CE2 1 
ATOM   137  C  CZ  . PHE A 1 19 ? -10.369 -9.485  -0.902  1.00 22.89 ? 17  PHE A CZ  1 
ATOM   138  N  N   . SER A 1 20 ? -10.294 -15.408 -1.272  1.00 23.66 ? 18  SER A N   1 
ATOM   139  C  CA  . SER A 1 20 ? -9.174  -15.917 -0.460  1.00 25.33 ? 18  SER A CA  1 
ATOM   140  C  C   . SER A 1 20 ? -8.093  -16.592 -1.266  1.00 25.37 ? 18  SER A C   1 
ATOM   141  O  O   . SER A 1 20 ? -6.893  -16.459 -0.968  1.00 25.13 ? 18  SER A O   1 
ATOM   142  C  CB  . SER A 1 20 ? -9.696  -16.880 0.615   1.00 26.60 ? 18  SER A CB  1 
ATOM   143  O  OG  . SER A 1 20 ? -10.545 -16.113 1.451   1.00 31.32 ? 18  SER A OG  1 
ATOM   144  N  N   . GLN A 1 21 ? -8.497  -17.318 -2.291  1.00 24.90 ? 19  GLN A N   1 
ATOM   145  C  CA  . GLN A 1 21 ? -7.538  -17.962 -3.186  1.00 25.78 ? 19  GLN A CA  1 
ATOM   146  C  C   . GLN A 1 21 ? -6.685  -16.945 -3.943  1.00 24.94 ? 19  GLN A C   1 
ATOM   147  O  O   . GLN A 1 21 ? -5.445  -17.110 -4.070  1.00 24.89 ? 19  GLN A O   1 
ATOM   148  C  CB  . GLN A 1 21 ? -8.268  -18.870 -4.159  1.00 27.21 ? 19  GLN A CB  1 
ATOM   149  C  CG  . GLN A 1 21 ? -8.790  -20.122 -3.463  1.00 30.28 ? 19  GLN A CG  1 
ATOM   150  C  CD  . GLN A 1 21 ? -9.261  -21.170 -4.433  1.00 34.49 ? 19  GLN A CD  1 
ATOM   151  O  OE1 . GLN A 1 21 ? -9.996  -20.880 -5.370  1.00 37.05 ? 19  GLN A OE1 1 
ATOM   152  N  NE2 . GLN A 1 21 ? -8.847  -22.409 -4.204  1.00 38.73 ? 19  GLN A NE2 1 
ATOM   153  N  N   . LEU A 1 22 ? -7.337  -15.895 -4.420  1.00 23.97 ? 20  LEU A N   1 
ATOM   154  C  CA  . LEU A 1 22 ? -6.642  -14.793 -5.056  1.00 23.94 ? 20  LEU A CA  1 
ATOM   155  C  C   . LEU A 1 22 ? -5.727  -14.033 -4.128  1.00 23.28 ? 20  LEU A C   1 
ATOM   156  O  O   . LEU A 1 22 ? -4.629  -13.626 -4.561  1.00 23.46 ? 20  LEU A O   1 
ATOM   157  C  CB  . LEU A 1 22 ? -7.606  -13.836 -5.758  1.00 23.04 ? 20  LEU A CB  1 
ATOM   158  C  CG  . LEU A 1 22 ? -8.327  -14.422 -6.983  1.00 25.37 ? 20  LEU A CG  1 
ATOM   159  C  CD1 . LEU A 1 22 ? -9.424  -13.457 -7.423  1.00 25.50 ? 20  LEU A CD1 1 
ATOM   160  C  CD2 . LEU A 1 22 ? -7.353  -14.688 -8.127  1.00 24.98 ? 20  LEU A CD2 1 
ATOM   161  N  N   . GLU A 1 23 ? -6.157  -13.805 -2.887  1.00 22.39 ? 21  GLU A N   1 
ATOM   162  C  CA  . GLU A 1 23 ? -5.312  -13.075 -1.948  1.00 23.71 ? 21  GLU A CA  1 
ATOM   163  C  C   . GLU A 1 23 ? -4.040  -13.869 -1.637  1.00 24.05 ? 21  GLU A C   1 
ATOM   164  O  O   . GLU A 1 23 ? -2.954  -13.281 -1.480  1.00 22.90 ? 21  GLU A O   1 
ATOM   165  C  CB  . GLU A 1 23 ? -6.012  -12.715 -0.630  1.00 24.30 ? 21  GLU A CB  1 
ATOM   166  C  CG  . GLU A 1 23 ? -6.885  -11.474 -0.611  1.00 26.28 ? 21  GLU A CG  1 
ATOM   167  C  CD  . GLU A 1 23 ? -6.132  -10.149 -0.931  1.00 24.50 ? 21  GLU A CD  1 
ATOM   168  O  OE1 . GLU A 1 23 ? -5.402  -10.100 -1.957  1.00 22.38 ? 21  GLU A OE1 1 
ATOM   169  O  OE2 . GLU A 1 23 ? -6.326  -9.171  -0.183  1.00 21.46 ? 21  GLU A OE2 1 
ATOM   170  N  N   . GLU A 1 24 ? -4.164  -15.188 -1.514  1.00 23.51 ? 22  GLU A N   1 
ATOM   171  C  CA  A GLU A 1 24 ? -2.961  -16.015 -1.301  0.50 24.08 ? 22  GLU A CA  1 
ATOM   172  C  CA  B GLU A 1 24 ? -2.974  -16.038 -1.318  0.50 23.80 ? 22  GLU A CA  1 
ATOM   173  C  C   . GLU A 1 24 ? -1.977  -15.897 -2.479  1.00 23.51 ? 22  GLU A C   1 
ATOM   174  O  O   . GLU A 1 24 ? -0.757  -15.743 -2.270  1.00 23.35 ? 22  GLU A O   1 
ATOM   175  C  CB  A GLU A 1 24 ? -3.301  -17.482 -0.950  0.50 24.78 ? 22  GLU A CB  1 
ATOM   176  C  CB  B GLU A 1 24 ? -3.384  -17.503 -1.112  0.50 24.29 ? 22  GLU A CB  1 
ATOM   177  C  CG  A GLU A 1 24 ? -3.910  -18.320 -2.060  0.50 27.83 ? 22  GLU A CG  1 
ATOM   178  C  CG  B GLU A 1 24 ? -4.118  -17.752 0.200   0.50 26.04 ? 22  GLU A CG  1 
ATOM   179  C  CD  A GLU A 1 24 ? -3.913  -19.818 -1.755  0.50 30.71 ? 22  GLU A CD  1 
ATOM   180  C  CD  B GLU A 1 24 ? -4.203  -19.229 0.576   0.50 29.43 ? 22  GLU A CD  1 
ATOM   181  O  OE1 A GLU A 1 24 ? -4.978  -20.350 -1.362  0.50 32.76 ? 22  GLU A OE1 1 
ATOM   182  O  OE1 B GLU A 1 24 ? -3.151  -19.903 0.577   0.50 29.56 ? 22  GLU A OE1 1 
ATOM   183  O  OE2 A GLU A 1 24 ? -2.852  -20.461 -1.915  0.50 29.61 ? 22  GLU A OE2 1 
ATOM   184  O  OE2 B GLU A 1 24 ? -5.321  -19.710 0.886   0.50 30.43 ? 22  GLU A OE2 1 
ATOM   185  N  N   . LYS A 1 25 ? -2.493  -15.936 -3.707  1.00 22.56 ? 23  LYS A N   1 
ATOM   186  C  CA  . LYS A 1 25 ? -1.680  -15.743 -4.899  1.00 23.16 ? 23  LYS A CA  1 
ATOM   187  C  C   . LYS A 1 25 ? -1.053  -14.343 -4.886  1.00 23.03 ? 23  LYS A C   1 
ATOM   188  O  O   . LYS A 1 25 ? 0.118   -14.188 -5.186  1.00 22.04 ? 23  LYS A O   1 
ATOM   189  C  CB  . LYS A 1 25 ? -2.534  -15.933 -6.145  1.00 23.40 ? 23  LYS A CB  1 
ATOM   190  C  CG  . LYS A 1 25 ? -1.788  -15.866 -7.434  1.00 28.72 ? 23  LYS A CG  1 
ATOM   191  C  CD  . LYS A 1 25 ? -2.631  -16.506 -8.509  1.00 33.69 ? 23  LYS A CD  1 
ATOM   192  C  CE  . LYS A 1 25 ? -1.805  -16.992 -9.690  1.00 35.09 ? 23  LYS A CE  1 
ATOM   193  N  NZ  . LYS A 1 25 ? -2.773  -17.687 -10.625 1.00 38.13 ? 23  LYS A NZ  1 
ATOM   194  N  N   . ASN A 1 26 ? -1.845  -13.322 -4.553  1.00 22.15 ? 24  ASN A N   1 
ATOM   195  C  CA  . ASN A 1 26 ? -1.304  -11.964 -4.502  1.00 22.58 ? 24  ASN A CA  1 
ATOM   196  C  C   . ASN A 1 26 ? -0.139  -11.881 -3.512  1.00 22.44 ? 24  ASN A C   1 
ATOM   197  O  O   . ASN A 1 26 ? 0.866   -11.217 -3.787  1.00 21.44 ? 24  ASN A O   1 
ATOM   198  C  CB  . ASN A 1 26 ? -2.356  -10.959 -4.056  1.00 22.57 ? 24  ASN A CB  1 
ATOM   199  C  CG  . ASN A 1 26 ? -3.390  -10.705 -5.103  1.00 25.71 ? 24  ASN A CG  1 
ATOM   200  O  OD1 . ASN A 1 26 ? -3.130  -10.845 -6.308  1.00 25.90 ? 24  ASN A OD1 1 
ATOM   201  N  ND2 . ASN A 1 26 ? -4.596  -10.334 -4.660  1.00 24.35 ? 24  ASN A ND2 1 
ATOM   202  N  N   . LYS A 1 27 ? -0.298  -12.522 -2.354  1.00 21.69 ? 25  LYS A N   1 
ATOM   203  C  CA  . LYS A 1 27 ? 0.715   -12.438 -1.303  1.00 22.88 ? 25  LYS A CA  1 
ATOM   204  C  C   . LYS A 1 27 ? 2.056   -13.027 -1.811  1.00 22.48 ? 25  LYS A C   1 
ATOM   205  O  O   . LYS A 1 27 ? 3.151   -12.559 -1.464  1.00 22.53 ? 25  LYS A O   1 
ATOM   206  C  CB  . LYS A 1 27 ? 0.241   -13.178 -0.053  1.00 23.21 ? 25  LYS A CB  1 
ATOM   207  C  CG  . LYS A 1 27 ? 1.167   -12.978 1.146   1.00 27.95 ? 25  LYS A CG  1 
ATOM   208  C  CD  . LYS A 1 27 ? 0.760   -13.842 2.269   1.00 33.26 ? 25  LYS A CD  1 
ATOM   209  C  CE  . LYS A 1 27 ? 1.733   -13.648 3.427   1.00 36.03 ? 25  LYS A CE  1 
ATOM   210  N  NZ  . LYS A 1 27 ? 1.002   -13.996 4.678   1.00 39.71 ? 25  LYS A NZ  1 
ATOM   211  N  N   . ASP A 1 28 ? 1.951   -14.010 -2.688  1.00 21.05 ? 26  ASP A N   1 
ATOM   212  C  CA  . ASP A 1 28 ? 3.122   -14.647 -3.314  1.00 21.84 ? 26  ASP A CA  1 
ATOM   213  C  C   . ASP A 1 28 ? 3.732   -13.912 -4.515  1.00 22.33 ? 26  ASP A C   1 
ATOM   214  O  O   . ASP A 1 28 ? 4.738   -14.360 -5.070  1.00 24.91 ? 26  ASP A O   1 
ATOM   215  C  CB  . ASP A 1 28 ? 2.715   -16.043 -3.749  1.00 22.60 ? 26  ASP A CB  1 
ATOM   216  C  CG  . ASP A 1 28 ? 3.338   -17.106 -2.919  1.00 22.72 ? 26  ASP A CG  1 
ATOM   217  O  OD1 . ASP A 1 28 ? 4.171   -16.799 -2.011  1.00 21.76 ? 26  ASP A OD1 1 
ATOM   218  O  OD2 . ASP A 1 28 ? 3.003   -18.272 -3.211  1.00 26.61 ? 26  ASP A OD2 1 
ATOM   219  N  N   . THR A 1 29 ? 3.157   -12.789 -4.927  1.00 20.49 ? 27  THR A N   1 
ATOM   220  C  CA  . THR A 1 29 ? 3.615   -12.092 -6.125  1.00 20.82 ? 27  THR A CA  1 
ATOM   221  C  C   . THR A 1 29 ? 4.504   -10.944 -5.681  1.00 21.66 ? 27  THR A C   1 
ATOM   222  O  O   . THR A 1 29 ? 4.076   -10.150 -4.847  1.00 23.48 ? 27  THR A O   1 
ATOM   223  C  CB  . THR A 1 29 ? 2.409   -11.610 -6.952  1.00 22.56 ? 27  THR A CB  1 
ATOM   224  O  OG1 . THR A 1 29 ? 1.592   -12.767 -7.291  1.00 22.28 ? 27  THR A OG1 1 
ATOM   225  C  CG2 . THR A 1 29 ? 2.848   -10.908 -8.220  1.00 26.29 ? 27  THR A CG2 1 
ATOM   226  N  N   . ILE A 1 30 ? 5.702   -10.819 -6.250  1.00 17.82 ? 28  ILE A N   1 
ATOM   227  C  CA  . ILE A 1 30 ? 6.609   -9.684  -5.866  1.00 18.12 ? 28  ILE A CA  1 
ATOM   228  C  C   . ILE A 1 30 ? 6.672   -8.645  -6.977  1.00 18.59 ? 28  ILE A C   1 
ATOM   229  O  O   . ILE A 1 30 ? 6.853   -9.014  -8.145  1.00 18.31 ? 28  ILE A O   1 
ATOM   230  C  CB  . ILE A 1 30 ? 8.045   -10.203 -5.608  1.00 17.42 ? 28  ILE A CB  1 
ATOM   231  C  CG1 . ILE A 1 30 ? 8.011   -11.291 -4.542  1.00 17.24 ? 28  ILE A CG1 1 
ATOM   232  C  CG2 . ILE A 1 30 ? 9.027   -9.038  -5.188  1.00 18.32 ? 28  ILE A CG2 1 
ATOM   233  C  CD1 . ILE A 1 30 ? 9.391   -12.058 -4.402  1.00 21.39 ? 28  ILE A CD1 1 
ATOM   234  N  N   . HIS A 1 31 ? 6.529   -7.360  -6.614  1.00 19.98 ? 29  HIS A N   1 
ATOM   235  C  CA  . HIS A 1 31 ? 6.677   -6.245  -7.563  1.00 21.85 ? 29  HIS A CA  1 
ATOM   236  C  C   . HIS A 1 31 ? 7.824   -5.376  -7.068  1.00 20.33 ? 29  HIS A C   1 
ATOM   237  O  O   . HIS A 1 31 ? 7.802   -4.938  -5.938  1.00 20.23 ? 29  HIS A O   1 
ATOM   238  C  CB  . HIS A 1 31 ? 5.400   -5.370  -7.634  1.00 24.01 ? 29  HIS A CB  1 
ATOM   239  C  CG  . HIS A 1 31 ? 5.540   -4.187  -8.561  1.00 30.44 ? 29  HIS A CG  1 
ATOM   240  N  ND1 . HIS A 1 31 ? 5.932   -2.932  -8.125  1.00 37.26 ? 29  HIS A ND1 1 
ATOM   241  C  CD2 . HIS A 1 31 ? 5.361   -4.073  -9.898  1.00 31.87 ? 29  HIS A CD2 1 
ATOM   242  C  CE1 . HIS A 1 31 ? 5.997   -2.108  -9.157  1.00 34.17 ? 29  HIS A CE1 1 
ATOM   243  N  NE2 . HIS A 1 31 ? 5.659   -2.775  -10.244 1.00 33.87 ? 29  HIS A NE2 1 
ATOM   244  N  N   . THR A 1 32 ? 8.782   -5.095  -7.942  1.00 20.26 ? 30  THR A N   1 
ATOM   245  C  CA  . THR A 1 32 ? 9.968   -4.273  -7.561  1.00 19.76 ? 30  THR A CA  1 
ATOM   246  C  C   . THR A 1 32 ? 9.964   -2.955  -8.327  1.00 19.59 ? 30  THR A C   1 
ATOM   247  O  O   . THR A 1 32 ? 9.762   -2.942  -9.534  1.00 21.20 ? 30  THR A O   1 
ATOM   248  C  CB  . THR A 1 32 ? 11.244  -5.068  -7.831  1.00 20.56 ? 30  THR A CB  1 
ATOM   249  O  OG1 . THR A 1 32 ? 11.173  -6.251  -7.031  1.00 20.38 ? 30  THR A OG1 1 
ATOM   250  C  CG2 . THR A 1 32 ? 12.528  -4.273  -7.455  1.00 21.10 ? 30  THR A CG2 1 
ATOM   251  N  N   . SER A 1 33 ? 10.187  -1.865  -7.611  1.00 19.76 ? 31  SER A N   1 
ATOM   252  C  CA  . SER A 1 33 ? 10.307  -0.525  -8.218  1.00 19.93 ? 31  SER A CA  1 
ATOM   253  C  C   . SER A 1 33 ? 11.669  0.051   -7.853  1.00 19.50 ? 31  SER A C   1 
ATOM   254  O  O   . SER A 1 33 ? 12.091  -0.074  -6.705  1.00 20.36 ? 31  SER A O   1 
ATOM   255  C  CB  . SER A 1 33 ? 9.217   0.395   -7.672  1.00 20.32 ? 31  SER A CB  1 
ATOM   256  O  OG  . SER A 1 33 ? 7.928   -0.012  -8.157  1.00 22.81 ? 31  SER A OG  1 
ATOM   257  N  N   . LYS A 1 34 ? 12.307  0.712   -8.819  1.00 19.34 ? 32  LYS A N   1 
ATOM   258  C  CA  . LYS A 1 34 ? 13.625  1.321   -8.617  1.00 18.51 ? 32  LYS A CA  1 
ATOM   259  C  C   . LYS A 1 34 ? 13.553  2.807   -8.912  1.00 18.37 ? 32  LYS A C   1 
ATOM   260  O  O   . LYS A 1 34 ? 12.714  3.269   -9.710  1.00 19.12 ? 32  LYS A O   1 
ATOM   261  C  CB  . LYS A 1 34 ? 14.657  0.647   -9.498  1.00 20.48 ? 32  LYS A CB  1 
ATOM   262  C  CG  . LYS A 1 34 ? 14.836  -0.828  -9.094  1.00 21.73 ? 32  LYS A CG  1 
ATOM   263  C  CD  . LYS A 1 34 ? 16.008  -1.481  -9.794  1.00 30.02 ? 32  LYS A CD  1 
ATOM   264  C  CE  . LYS A 1 34 ? 15.920  -2.991  -9.615  1.00 32.21 ? 32  LYS A CE  1 
ATOM   265  N  NZ  . LYS A 1 34 ? 16.217  -3.461  -8.232  1.00 35.43 ? 32  LYS A NZ  1 
ATOM   266  N  N   . SER A 1 35 ? 14.425  3.553   -8.260  1.00 18.00 ? 33  SER A N   1 
ATOM   267  C  CA  . SER A 1 35 ? 14.578  4.980   -8.582  1.00 17.75 ? 33  SER A CA  1 
ATOM   268  C  C   . SER A 1 35 ? 16.011  5.375   -8.377  1.00 17.49 ? 33  SER A C   1 
ATOM   269  O  O   . SER A 1 35 ? 16.864  4.548   -7.970  1.00 17.64 ? 33  SER A O   1 
ATOM   270  C  CB  . SER A 1 35 ? 13.687  5.818   -7.655  1.00 17.09 ? 33  SER A CB  1 
ATOM   271  O  OG  . SER A 1 35 ? 14.116  5.610   -6.330  1.00 20.68 ? 33  SER A OG  1 
ATOM   272  N  N   . GLY A 1 36 ? 16.313  6.649   -8.627  1.00 17.40 ? 34  GLY A N   1 
ATOM   273  C  CA  . GLY A 1 36 ? 17.678  7.124   -8.362  1.00 17.72 ? 34  GLY A CA  1 
ATOM   274  C  C   . GLY A 1 36 ? 18.749  6.381   -9.148  1.00 18.66 ? 34  GLY A C   1 
ATOM   275  O  O   . GLY A 1 36 ? 19.812  6.080   -8.604  1.00 18.83 ? 34  GLY A O   1 
ATOM   276  N  N   . GLY A 1 37 ? 18.458  6.096   -10.408 1.00 19.99 ? 35  GLY A N   1 
ATOM   277  C  CA  . GLY A 1 37 ? 19.403  5.396   -11.286 1.00 21.90 ? 35  GLY A CA  1 
ATOM   278  C  C   . GLY A 1 37 ? 19.710  4.011   -10.747 1.00 22.83 ? 35  GLY A C   1 
ATOM   279  O  O   . GLY A 1 37 ? 20.830  3.489   -10.949 1.00 24.14 ? 35  GLY A O   1 
ATOM   280  N  N   . GLY A 1 38 ? 18.727  3.409   -10.087 1.00 22.20 ? 36  GLY A N   1 
ATOM   281  C  CA  . GLY A 1 38 ? 18.885  2.086   -9.482  1.00 22.72 ? 36  GLY A CA  1 
ATOM   282  C  C   . GLY A 1 38 ? 19.451  2.071   -8.071  1.00 22.60 ? 36  GLY A C   1 
ATOM   283  O  O   . GLY A 1 38 ? 19.621  0.983   -7.492  1.00 23.46 ? 36  GLY A O   1 
HETATM 284  N  N   . MSE A 1 39 ? 19.746  3.234   -7.498  1.00 20.73 ? 37  MSE A N   1 
HETATM 285  C  CA  A MSE A 1 39 ? 20.308  3.307   -6.141  0.70 20.92 ? 37  MSE A CA  1 
HETATM 286  C  CA  B MSE A 1 39 ? 20.327  3.273   -6.154  0.30 21.10 ? 37  MSE A CA  1 
HETATM 287  C  C   . MSE A 1 39 ? 19.285  3.040   -5.048  1.00 21.16 ? 37  MSE A C   1 
HETATM 288  O  O   . MSE A 1 39 ? 19.648  2.821   -3.895  1.00 20.96 ? 37  MSE A O   1 
HETATM 289  C  CB  A MSE A 1 39 ? 20.979  4.662   -5.897  0.70 21.86 ? 37  MSE A CB  1 
HETATM 290  C  CB  B MSE A 1 39 ? 21.138  4.564   -5.934  0.30 21.59 ? 37  MSE A CB  1 
HETATM 291  C  CG  A MSE A 1 39 ? 22.167  4.896   -6.792  0.70 22.81 ? 37  MSE A CG  1 
HETATM 292  C  CG  B MSE A 1 39 ? 22.326  4.729   -6.899  0.30 22.44 ? 37  MSE A CG  1 
HETATM 293  SE SE  A MSE A 1 39 ? 23.094  6.527   -6.278  0.50 33.06 ? 37  MSE A SE  1 
HETATM 294  SE SE  B MSE A 1 39 ? 23.717  3.346   -6.766  0.25 27.75 ? 37  MSE A SE  1 
HETATM 295  C  CE  A MSE A 1 39 ? 21.772  7.847   -6.794  0.70 27.42 ? 37  MSE A CE  1 
HETATM 296  C  CE  B MSE A 1 39 ? 24.905  3.913   -8.211  0.30 25.87 ? 37  MSE A CE  1 
ATOM   297  N  N   . VAL A 1 40 ? 18.000  3.095   -5.412  1.00 19.89 ? 38  VAL A N   1 
ATOM   298  C  CA  . VAL A 1 40 ? 16.938  2.714   -4.469  1.00 19.73 ? 38  VAL A CA  1 
ATOM   299  C  C   . VAL A 1 40 ? 16.143  1.587   -5.107  1.00 19.62 ? 38  VAL A C   1 
ATOM   300  O  O   . VAL A 1 40 ? 15.789  1.683   -6.267  1.00 18.74 ? 38  VAL A O   1 
ATOM   301  C  CB  . VAL A 1 40 ? 16.018  3.903   -4.134  1.00 20.07 ? 38  VAL A CB  1 
ATOM   302  C  CG1 . VAL A 1 40 ? 14.743  3.442   -3.393  1.00 20.53 ? 38  VAL A CG1 1 
ATOM   303  C  CG2 . VAL A 1 40 ? 16.744  4.937   -3.277  1.00 20.92 ? 38  VAL A CG2 1 
ATOM   304  N  N   . SER A 1 41 ? 15.852  0.531   -4.339  1.00 18.52 ? 39  SER A N   1 
ATOM   305  C  CA  . SER A 1 41 ? 14.998  -0.544  -4.812  1.00 19.40 ? 39  SER A CA  1 
ATOM   306  C  C   . SER A 1 41 ? 14.007  -0.836  -3.704  1.00 19.33 ? 39  SER A C   1 
ATOM   307  O  O   . SER A 1 41 ? 14.412  -1.000  -2.529  1.00 20.57 ? 39  SER A O   1 
ATOM   308  C  CB  . SER A 1 41 ? 15.808  -1.791  -5.107  1.00 20.29 ? 39  SER A CB  1 
ATOM   309  O  OG  . SER A 1 41 ? 14.966  -2.739  -5.752  1.00 21.54 ? 39  SER A OG  1 
ATOM   310  N  N   . VAL A 1 42 ? 12.736  -0.938  -4.073  1.00 17.93 ? 40  VAL A N   1 
ATOM   311  C  CA  . VAL A 1 42 ? 11.713  -1.369  -3.104  1.00 17.89 ? 40  VAL A CA  1 
ATOM   312  C  C   . VAL A 1 42 ? 10.952  -2.545  -3.678  1.00 17.36 ? 40  VAL A C   1 
ATOM   313  O  O   . VAL A 1 42 ? 10.748  -2.611  -4.880  1.00 19.46 ? 40  VAL A O   1 
ATOM   314  C  CB  . VAL A 1 42 ? 10.747  -0.262  -2.674  1.00 17.27 ? 40  VAL A CB  1 
ATOM   315  C  CG1 . VAL A 1 42 ? 11.546  0.877   -2.024  1.00 20.62 ? 40  VAL A CG1 1 
ATOM   316  C  CG2 . VAL A 1 42 ? 9.935   0.254   -3.894  1.00 19.42 ? 40  VAL A CG2 1 
ATOM   317  N  N   . SER A 1 43 ? 10.590  -3.485  -2.818  1.00 17.66 ? 41  SER A N   1 
ATOM   318  C  CA  . SER A 1 43 ? 9.772   -4.620  -3.260  1.00 17.11 ? 41  SER A CA  1 
ATOM   319  C  C   . SER A 1 43 ? 8.514   -4.725  -2.405  1.00 15.73 ? 41  SER A C   1 
ATOM   320  O  O   . SER A 1 43 ? 8.575   -4.742  -1.173  1.00 17.49 ? 41  SER A O   1 
ATOM   321  C  CB  . SER A 1 43 ? 10.553  -5.935  -3.155  1.00 18.14 ? 41  SER A CB  1 
ATOM   322  O  OG  . SER A 1 43 ? 11.683  -5.883  -4.001  1.00 20.09 ? 41  SER A OG  1 
ATOM   323  N  N   . PHE A 1 44 ? 7.394   -4.888  -3.094  1.00 17.24 ? 42  PHE A N   1 
ATOM   324  C  CA  . PHE A 1 44 ? 6.111   -5.102  -2.459  1.00 17.67 ? 42  PHE A CA  1 
ATOM   325  C  C   . PHE A 1 44 ? 5.586   -6.465  -2.819  1.00 18.44 ? 42  PHE A C   1 
ATOM   326  O  O   . PHE A 1 44 ? 5.808   -6.942  -3.943  1.00 19.71 ? 42  PHE A O   1 
ATOM   327  C  CB  . PHE A 1 44 ? 5.106   -4.101  -3.004  1.00 17.87 ? 42  PHE A CB  1 
ATOM   328  C  CG  . PHE A 1 44 ? 5.358   -2.671  -2.564  1.00 17.85 ? 42  PHE A CG  1 
ATOM   329  C  CD1 . PHE A 1 44 ? 4.825   -2.214  -1.364  1.00 21.06 ? 42  PHE A CD1 1 
ATOM   330  C  CD2 . PHE A 1 44 ? 6.109   -1.788  -3.357  1.00 19.19 ? 42  PHE A CD2 1 
ATOM   331  C  CE1 . PHE A 1 44 ? 5.021   -0.900  -0.936  1.00 21.29 ? 42  PHE A CE1 1 
ATOM   332  C  CE2 . PHE A 1 44 ? 6.304   -0.446  -2.927  1.00 17.07 ? 42  PHE A CE2 1 
ATOM   333  C  CZ  . PHE A 1 44 ? 5.750   -0.021  -1.712  1.00 19.22 ? 42  PHE A CZ  1 
ATOM   334  N  N   . ASN A 1 45 ? 4.816   -7.044  -1.914  1.00 17.36 ? 43  ASN A N   1 
ATOM   335  C  CA  . ASN A 1 45 ? 3.975   -8.160  -2.354  1.00 17.26 ? 43  ASN A CA  1 
ATOM   336  C  C   . ASN A 1 45 ? 2.644   -7.639  -2.901  1.00 16.75 ? 43  ASN A C   1 
ATOM   337  O  O   . ASN A 1 45 ? 2.361   -6.432  -2.865  1.00 18.15 ? 43  ASN A O   1 
ATOM   338  C  CB  . ASN A 1 45 ? 3.835   -9.216  -1.250  1.00 15.62 ? 43  ASN A CB  1 
ATOM   339  C  CG  . ASN A 1 45 ? 2.995   -8.757  -0.061  1.00 16.96 ? 43  ASN A CG  1 
ATOM   340  O  OD1 . ASN A 1 45 ? 2.175   -7.825  -0.140  1.00 16.78 ? 43  ASN A OD1 1 
ATOM   341  N  ND2 . ASN A 1 45 ? 3.211   -9.417  1.073   1.00 18.66 ? 43  ASN A ND2 1 
ATOM   342  N  N   . GLY A 1 46 ? 1.822   -8.548  -3.422  1.00 17.21 ? 44  GLY A N   1 
ATOM   343  C  CA  . GLY A 1 46 ? 0.595   -8.154  -4.079  1.00 18.08 ? 44  GLY A CA  1 
ATOM   344  C  C   . GLY A 1 46 ? -0.511  -7.765  -3.124  1.00 17.86 ? 44  GLY A C   1 
ATOM   345  O  O   . GLY A 1 46 ? -1.597  -7.362  -3.561  1.00 18.30 ? 44  GLY A O   1 
ATOM   346  N  N   . LEU A 1 47 ? -0.235  -7.831  -1.825  1.00 17.98 ? 45  LEU A N   1 
ATOM   347  C  CA  . LEU A 1 47 ? -1.149  -7.254  -0.819  1.00 17.87 ? 45  LEU A CA  1 
ATOM   348  C  C   . LEU A 1 47 ? -0.777  -5.799  -0.575  1.00 18.94 ? 45  LEU A C   1 
ATOM   349  O  O   . LEU A 1 47 ? -1.495  -5.073  0.115   1.00 18.44 ? 45  LEU A O   1 
ATOM   350  C  CB  . LEU A 1 47 ? -1.056  -7.996  0.521   1.00 18.21 ? 45  LEU A CB  1 
ATOM   351  C  CG  . LEU A 1 47 ? -1.299  -9.502  0.440   1.00 18.23 ? 45  LEU A CG  1 
ATOM   352  C  CD1 . LEU A 1 47 ? -1.232  -10.130 1.853   1.00 19.91 ? 45  LEU A CD1 1 
ATOM   353  C  CD2 . LEU A 1 47 ? -2.654  -9.779  -0.180  1.00 19.38 ? 45  LEU A CD2 1 
ATOM   354  N  N   . GLY A 1 48 ? 0.345   -5.365  -1.118  1.00 17.53 ? 46  GLY A N   1 
ATOM   355  C  CA  . GLY A 1 48 ? 0.833   -3.991  -0.874  1.00 17.43 ? 46  GLY A CA  1 
ATOM   356  C  C   . GLY A 1 48 ? 1.741   -3.833  0.323   1.00 17.70 ? 46  GLY A C   1 
ATOM   357  O  O   . GLY A 1 48 ? 2.115   -2.710  0.697   1.00 21.03 ? 46  GLY A O   1 
ATOM   358  N  N   . GLU A 1 49 ? 2.121   -4.937  0.938   1.00 17.78 ? 47  GLU A N   1 
ATOM   359  C  CA  . GLU A 1 49 ? 3.135   -4.927  2.015   1.00 17.83 ? 47  GLU A CA  1 
ATOM   360  C  C   . GLU A 1 49 ? 4.541   -4.748  1.449   1.00 18.82 ? 47  GLU A C   1 
ATOM   361  O  O   . GLU A 1 49 ? 4.916   -5.343  0.413   1.00 19.44 ? 47  GLU A O   1 
ATOM   362  C  CB  . GLU A 1 49 ? 3.061   -6.238  2.809   1.00 19.41 ? 47  GLU A CB  1 
ATOM   363  C  CG  . GLU A 1 49 ? 1.657   -6.376  3.445   1.00 22.22 ? 47  GLU A CG  1 
ATOM   364  C  CD  . GLU A 1 49 ? 1.313   -7.745  4.025   1.00 28.85 ? 47  GLU A CD  1 
ATOM   365  O  OE1 . GLU A 1 49 ? 1.952   -8.750  3.677   1.00 24.45 ? 47  GLU A OE1 1 
ATOM   366  O  OE2 . GLU A 1 49 ? 0.324   -7.792  4.802   1.00 33.47 ? 47  GLU A OE2 1 
ATOM   367  N  N   . LEU A 1 50 ? 5.299   -3.887  2.099   1.00 19.07 ? 48  LEU A N   1 
ATOM   368  C  CA  . LEU A 1 50 ? 6.673   -3.623  1.695   1.00 18.27 ? 48  LEU A CA  1 
ATOM   369  C  C   . LEU A 1 50 ? 7.513   -4.742  2.298   1.00 18.53 ? 48  LEU A C   1 
ATOM   370  O  O   . LEU A 1 50 ? 7.541   -4.902  3.523   1.00 20.36 ? 48  LEU A O   1 
ATOM   371  C  CB  . LEU A 1 50 ? 7.076   -2.239  2.219   1.00 17.35 ? 48  LEU A CB  1 
ATOM   372  C  CG  . LEU A 1 50 ? 8.487   -1.817  1.855   1.00 19.70 ? 48  LEU A CG  1 
ATOM   373  C  CD1 . LEU A 1 50 ? 8.653   -1.698  0.335   1.00 19.46 ? 48  LEU A CD1 1 
ATOM   374  C  CD2 . LEU A 1 50 ? 8.733   -0.445  2.546   1.00 20.65 ? 48  LEU A CD2 1 
ATOM   375  N  N   . VAL A 1 51 ? 8.193   -5.504  1.435   1.00 19.17 ? 49  VAL A N   1 
ATOM   376  C  CA  . VAL A 1 51 ? 8.898   -6.724  1.882   1.00 19.79 ? 49  VAL A CA  1 
ATOM   377  C  C   . VAL A 1 51 ? 10.409  -6.634  1.755   1.00 20.31 ? 49  VAL A C   1 
ATOM   378  O  O   . VAL A 1 51 ? 11.142  -7.413  2.407   1.00 20.89 ? 49  VAL A O   1 
ATOM   379  C  CB  . VAL A 1 51 ? 8.344   -7.991  1.167   1.00 19.97 ? 49  VAL A CB  1 
ATOM   380  C  CG1 . VAL A 1 51 ? 6.819   -8.152  1.534   1.00 22.37 ? 49  VAL A CG1 1 
ATOM   381  C  CG2 . VAL A 1 51 ? 8.493   -7.906  -0.320  1.00 20.67 ? 49  VAL A CG2 1 
ATOM   382  N  N   . ASP A 1 52 ? 10.883  -5.676  0.955   1.00 18.81 ? 50  ASP A N   1 
ATOM   383  C  CA  . ASP A 1 52 ? 12.306  -5.391  0.912   1.00 20.15 ? 50  ASP A CA  1 
ATOM   384  C  C   . ASP A 1 52 ? 12.556  -3.944  0.555   1.00 19.35 ? 50  ASP A C   1 
ATOM   385  O  O   . ASP A 1 52 ? 11.754  -3.299  -0.134  1.00 18.33 ? 50  ASP A O   1 
ATOM   386  C  CB  . ASP A 1 52 ? 13.085  -6.295  -0.084  1.00 20.40 ? 50  ASP A CB  1 
ATOM   387  C  CG  . ASP A 1 52 ? 14.586  -6.471  0.336   1.00 23.39 ? 50  ASP A CG  1 
ATOM   388  O  OD1 . ASP A 1 52 ? 15.003  -5.990  1.407   1.00 26.54 ? 50  ASP A OD1 1 
ATOM   389  O  OD2 . ASP A 1 52 ? 15.342  -7.119  -0.381  1.00 29.92 ? 50  ASP A OD2 1 
ATOM   390  N  N   . LEU A 1 53 ? 13.690  -3.443  1.027   1.00 20.27 ? 51  LEU A N   1 
ATOM   391  C  CA  . LEU A 1 53 ? 14.016  -2.022  0.809   1.00 21.78 ? 51  LEU A CA  1 
ATOM   392  C  C   . LEU A 1 53 ? 15.542  -1.982  0.839   1.00 22.91 ? 51  LEU A C   1 
ATOM   393  O  O   . LEU A 1 53 ? 16.152  -2.466  1.822   1.00 23.29 ? 51  LEU A O   1 
ATOM   394  C  CB  . LEU A 1 53 ? 13.369  -1.187  1.920   1.00 22.67 ? 51  LEU A CB  1 
ATOM   395  C  CG  . LEU A 1 53 ? 13.416  0.337   1.829   1.00 26.34 ? 51  LEU A CG  1 
ATOM   396  C  CD1 . LEU A 1 53 ? 12.202  0.941   2.521   1.00 27.34 ? 51  LEU A CD1 1 
ATOM   397  C  CD2 . LEU A 1 53 ? 14.652  0.823   2.523   1.00 24.44 ? 51  LEU A CD2 1 
ATOM   398  N  N   . GLN A 1 54 ? 16.152  -1.521  -0.266  1.00 22.47 ? 52  GLN A N   1 
ATOM   399  C  CA  . GLN A 1 54 ? 17.621  -1.453  -0.379  1.00 23.19 ? 52  GLN A CA  1 
ATOM   400  C  C   . GLN A 1 54 ? 18.049  -0.108  -0.957  1.00 22.42 ? 52  GLN A C   1 
ATOM   401  O  O   . GLN A 1 54 ? 17.499  0.352   -1.970  1.00 22.03 ? 52  GLN A O   1 
ATOM   402  C  CB  . GLN A 1 54 ? 18.190  -2.597  -1.220  1.00 23.65 ? 52  GLN A CB  1 
ATOM   403  C  CG  . GLN A 1 54 ? 18.011  -4.047  -0.591  1.00 27.68 ? 52  GLN A CG  1 
ATOM   404  C  CD  . GLN A 1 54 ? 18.704  -4.249  0.785   1.00 32.34 ? 52  GLN A CD  1 
ATOM   405  O  OE1 . GLN A 1 54 ? 19.811  -3.759  1.013   1.00 34.63 ? 52  GLN A OE1 1 
ATOM   406  N  NE2 . GLN A 1 54 ? 18.043  -4.988  1.696   1.00 31.27 ? 52  GLN A NE2 1 
ATOM   407  N  N   . ILE A 1 55 ? 19.016  0.504   -0.272  1.00 21.20 ? 53  ILE A N   1 
ATOM   408  C  CA  . ILE A 1 55 ? 19.468  1.866   -0.568  1.00 20.20 ? 53  ILE A CA  1 
ATOM   409  C  C   . ILE A 1 55 ? 20.993  1.779   -0.755  1.00 20.45 ? 53  ILE A C   1 
ATOM   410  O  O   . ILE A 1 55 ? 21.679  1.219   0.108   1.00 20.46 ? 53  ILE A O   1 
ATOM   411  C  CB  . ILE A 1 55 ? 19.148  2.810   0.619   1.00 21.07 ? 53  ILE A CB  1 
ATOM   412  C  CG1 . ILE A 1 55 ? 17.644  2.847   0.889   1.00 19.48 ? 53  ILE A CG1 1 
ATOM   413  C  CG2 . ILE A 1 55 ? 19.721  4.242   0.367   1.00 19.51 ? 53  ILE A CG2 1 
ATOM   414  C  CD1 . ILE A 1 55 ? 17.261  3.445   2.237   1.00 20.13 ? 53  ILE A CD1 1 
ATOM   415  N  N   . ASP A 1 56 ? 21.517  2.327   -1.856  1.00 20.87 ? 54  ASP A N   1 
ATOM   416  C  CA  . ASP A 1 56 ? 22.977  2.328   -2.089  1.00 21.91 ? 54  ASP A CA  1 
ATOM   417  C  C   . ASP A 1 56 ? 23.665  3.150   -1.023  1.00 21.36 ? 54  ASP A C   1 
ATOM   418  O  O   . ASP A 1 56 ? 23.162  4.198   -0.638  1.00 21.73 ? 54  ASP A O   1 
ATOM   419  C  CB  . ASP A 1 56 ? 23.306  2.880   -3.466  1.00 22.31 ? 54  ASP A CB  1 
ATOM   420  C  CG  . ASP A 1 56 ? 24.751  2.628   -3.858  1.00 26.13 ? 54  ASP A CG  1 
ATOM   421  O  OD1 . ASP A 1 56 ? 25.017  1.582   -4.463  1.00 30.89 ? 54  ASP A OD1 1 
ATOM   422  O  OD2 . ASP A 1 56 ? 25.626  3.440   -3.511  1.00 25.00 ? 54  ASP A OD2 1 
ATOM   423  N  N   . ASP A 1 57 ? 24.806  2.662   -0.515  1.00 21.01 ? 55  ASP A N   1 
ATOM   424  C  CA  . ASP A 1 57 ? 25.540  3.406   0.506   1.00 21.58 ? 55  ASP A CA  1 
ATOM   425  C  C   . ASP A 1 57 ? 25.834  4.850   0.078   1.00 21.35 ? 55  ASP A C   1 
ATOM   426  O  O   . ASP A 1 57 ? 25.966  5.723   0.935   1.00 22.25 ? 55  ASP A O   1 
ATOM   427  C  CB  . ASP A 1 57 ? 26.868  2.722   0.872   1.00 21.29 ? 55  ASP A CB  1 
ATOM   428  C  CG  . ASP A 1 57 ? 26.701  1.513   1.762   1.00 23.72 ? 55  ASP A CG  1 
ATOM   429  O  OD1 . ASP A 1 57 ? 25.631  1.290   2.377   1.00 23.33 ? 55  ASP A OD1 1 
ATOM   430  O  OD2 . ASP A 1 57 ? 27.701  0.768   1.872   1.00 24.75 ? 55  ASP A OD2 1 
ATOM   431  N  N   . SER A 1 58 ? 25.936  5.112   -1.228  1.00 21.81 ? 56  SER A N   1 
ATOM   432  C  CA  . SER A 1 58 ? 26.267  6.475   -1.706  1.00 22.97 ? 56  SER A CA  1 
ATOM   433  C  C   . SER A 1 58 ? 25.228  7.500   -1.297  1.00 23.09 ? 56  SER A C   1 
ATOM   434  O  O   . SER A 1 58 ? 25.552  8.661   -1.031  1.00 22.84 ? 56  SER A O   1 
ATOM   435  C  CB  . SER A 1 58 ? 26.481  6.515   -3.217  1.00 23.77 ? 56  SER A CB  1 
ATOM   436  O  OG  . SER A 1 58 ? 25.357  5.998   -3.895  1.00 26.30 ? 56  SER A OG  1 
ATOM   437  N  N   . LEU A 1 59 ? 23.975  7.057   -1.197  1.00 22.11 ? 57  LEU A N   1 
ATOM   438  C  CA  . LEU A 1 59 ? 22.884  7.944   -0.820  1.00 22.15 ? 57  LEU A CA  1 
ATOM   439  C  C   . LEU A 1 59 ? 22.932  8.363   0.636   1.00 22.12 ? 57  LEU A C   1 
ATOM   440  O  O   . LEU A 1 59 ? 22.283  9.339   1.021   1.00 23.59 ? 57  LEU A O   1 
ATOM   441  C  CB  . LEU A 1 59 ? 21.511  7.330   -1.190  1.00 22.01 ? 57  LEU A CB  1 
ATOM   442  C  CG  . LEU A 1 59 ? 21.159  7.375   -2.690  1.00 22.44 ? 57  LEU A CG  1 
ATOM   443  C  CD1 . LEU A 1 59 ? 19.885  6.546   -3.029  1.00 18.98 ? 57  LEU A CD1 1 
ATOM   444  C  CD2 . LEU A 1 59 ? 20.982  8.804   -3.188  1.00 24.78 ? 57  LEU A CD2 1 
ATOM   445  N  N   . LEU A 1 60 ? 23.684  7.647   1.460   1.00 22.53 ? 58  LEU A N   1 
ATOM   446  C  CA  . LEU A 1 60 ? 23.827  8.046   2.880   1.00 22.39 ? 58  LEU A CA  1 
ATOM   447  C  C   . LEU A 1 60 ? 24.515  9.416   3.002   1.00 23.40 ? 58  LEU A C   1 
ATOM   448  O  O   . LEU A 1 60 ? 24.344  10.111  4.002   1.00 22.61 ? 58  LEU A O   1 
ATOM   449  C  CB  . LEU A 1 60 ? 24.580  6.989   3.675   1.00 23.08 ? 58  LEU A CB  1 
ATOM   450  C  CG  . LEU A 1 60 ? 23.983  5.583   3.782   1.00 24.09 ? 58  LEU A CG  1 
ATOM   451  C  CD1 . LEU A 1 60 ? 24.984  4.699   4.496   1.00 24.39 ? 58  LEU A CD1 1 
ATOM   452  C  CD2 . LEU A 1 60 ? 22.605  5.554   4.484   1.00 24.06 ? 58  LEU A CD2 1 
ATOM   453  N  N   . GLU A 1 61 ? 25.217  9.819   1.946   1.00 23.57 ? 59  GLU A N   1 
ATOM   454  C  CA  . GLU A 1 61 ? 25.876  11.138  1.868   1.00 24.78 ? 59  GLU A CA  1 
ATOM   455  C  C   . GLU A 1 61 ? 24.965  12.296  1.448   1.00 23.96 ? 59  GLU A C   1 
ATOM   456  O  O   . GLU A 1 61 ? 25.400  13.466  1.442   1.00 23.70 ? 59  GLU A O   1 
ATOM   457  C  CB  . GLU A 1 61 ? 27.037  11.067  0.871   1.00 25.29 ? 59  GLU A CB  1 
ATOM   458  C  CG  . GLU A 1 61 ? 28.068  9.999   1.189   1.00 31.35 ? 59  GLU A CG  1 
ATOM   459  C  CD  . GLU A 1 61 ? 28.637  10.108  2.588   1.00 36.84 ? 59  GLU A CD  1 
ATOM   460  O  OE1 . GLU A 1 61 ? 29.010  11.221  3.009   1.00 40.56 ? 59  GLU A OE1 1 
ATOM   461  O  OE2 . GLU A 1 61 ? 28.709  9.065   3.275   1.00 40.43 ? 59  GLU A OE2 1 
ATOM   462  N  N   . ASP A 1 62 ? 23.733  11.982  1.041   1.00 22.60 ? 60  ASP A N   1 
ATOM   463  C  CA  . ASP A 1 62 ? 22.808  12.998  0.558   1.00 22.60 ? 60  ASP A CA  1 
ATOM   464  C  C   . ASP A 1 62 ? 21.388  12.581  0.925   1.00 22.46 ? 60  ASP A C   1 
ATOM   465  O  O   . ASP A 1 62 ? 20.651  12.033  0.098   1.00 20.95 ? 60  ASP A O   1 
ATOM   466  C  CB  . ASP A 1 62 ? 22.967  13.148  -0.963  1.00 22.83 ? 60  ASP A CB  1 
ATOM   467  C  CG  . ASP A 1 62 ? 22.170  14.291  -1.548  1.00 23.27 ? 60  ASP A CG  1 
ATOM   468  O  OD1 . ASP A 1 62 ? 21.286  14.926  -0.898  1.00 24.11 ? 60  ASP A OD1 1 
ATOM   469  O  OD2 . ASP A 1 62 ? 22.426  14.569  -2.736  1.00 28.72 ? 60  ASP A OD2 1 
ATOM   470  N  N   . LYS A 1 63 ? 21.010  12.865  2.164   1.00 20.73 ? 61  LYS A N   1 
ATOM   471  C  CA  . LYS A 1 63 ? 19.727  12.442  2.647   1.00 21.42 ? 61  LYS A CA  1 
ATOM   472  C  C   . LYS A 1 63 ? 18.585  13.083  1.855   1.00 20.58 ? 61  LYS A C   1 
ATOM   473  O  O   . LYS A 1 63 ? 17.560  12.430  1.623   1.00 18.92 ? 61  LYS A O   1 
ATOM   474  C  CB  . LYS A 1 63 ? 19.575  12.714  4.147   1.00 21.31 ? 61  LYS A CB  1 
ATOM   475  C  CG  . LYS A 1 63 ? 18.371  12.017  4.770   1.00 21.34 ? 61  LYS A CG  1 
ATOM   476  C  CD  . LYS A 1 63 ? 18.181  12.454  6.248   1.00 21.04 ? 61  LYS A CD  1 
ATOM   477  C  CE  . LYS A 1 63 ? 17.633  13.881  6.342   1.00 21.54 ? 61  LYS A CE  1 
ATOM   478  N  NZ  . LYS A 1 63 ? 17.617  14.304  7.776   1.00 23.04 ? 61  LYS A NZ  1 
ATOM   479  N  N   . GLU A 1 64 ? 18.769  14.326  1.395   1.00 19.57 ? 62  GLU A N   1 
ATOM   480  C  CA  . GLU A 1 64 ? 17.717  14.975  0.605   1.00 19.96 ? 62  GLU A CA  1 
ATOM   481  C  C   . GLU A 1 64 ? 17.372  14.152  -0.630  1.00 19.44 ? 62  GLU A C   1 
ATOM   482  O  O   . GLU A 1 64 ? 16.177  13.863  -0.911  1.00 19.14 ? 62  GLU A O   1 
ATOM   483  C  CB  . GLU A 1 64 ? 18.143  16.383  0.153   1.00 19.99 ? 62  GLU A CB  1 
ATOM   484  C  CG  . GLU A 1 64 ? 17.012  17.060  -0.638  1.00 23.78 ? 62  GLU A CG  1 
ATOM   485  C  CD  . GLU A 1 64 ? 17.279  18.501  -0.994  1.00 29.34 ? 62  GLU A CD  1 
ATOM   486  O  OE1 . GLU A 1 64 ? 18.461  18.905  -1.031  1.00 27.47 ? 62  GLU A OE1 1 
ATOM   487  O  OE2 . GLU A 1 64 ? 16.274  19.213  -1.251  1.00 31.90 ? 62  GLU A OE2 1 
ATOM   488  N  N   . ALA A 1 65 ? 18.414  13.737  -1.353  1.00 18.80 ? 63  ALA A N   1 
ATOM   489  C  CA  . ALA A 1 65 ? 18.222  12.927  -2.569  1.00 19.05 ? 63  ALA A CA  1 
ATOM   490  C  C   . ALA A 1 65 ? 17.651  11.571  -2.168  1.00 19.23 ? 63  ALA A C   1 
ATOM   491  O  O   . ALA A 1 65 ? 16.761  11.023  -2.832  1.00 18.37 ? 63  ALA A O   1 
ATOM   492  C  CB  . ALA A 1 65 ? 19.548  12.712  -3.300  1.00 19.51 ? 63  ALA A CB  1 
HETATM 493  N  N   . MSE A 1 66 ? 18.202  11.013  -1.112  1.00 18.27 ? 64  MSE A N   1 
HETATM 494  C  CA  . MSE A 1 66 ? 17.725  9.690   -0.649  1.00 19.56 ? 64  MSE A CA  1 
HETATM 495  C  C   . MSE A 1 66 ? 16.226  9.670   -0.392  1.00 18.88 ? 64  MSE A C   1 
HETATM 496  O  O   . MSE A 1 66 ? 15.513  8.763   -0.829  1.00 18.07 ? 64  MSE A O   1 
HETATM 497  C  CB  . MSE A 1 66 ? 18.448  9.268   0.622   1.00 19.48 ? 64  MSE A CB  1 
HETATM 498  C  CG  . MSE A 1 66 ? 18.129  7.836   0.911   1.00 24.08 ? 64  MSE A CG  1 
HETATM 499  SE SE  . MSE A 1 66 ? 18.720  7.442   2.736   0.75 36.18 ? 64  MSE A SE  1 
HETATM 500  C  CE  . MSE A 1 66 ? 17.656  8.664   3.778   1.00 36.54 ? 64  MSE A CE  1 
ATOM   501  N  N   . GLN A 1 67 ? 15.750  10.684  0.311   1.00 18.88 ? 65  GLN A N   1 
ATOM   502  C  CA  . GLN A 1 67 ? 14.307  10.796  0.602   1.00 18.59 ? 65  GLN A CA  1 
ATOM   503  C  C   . GLN A 1 67 ? 13.443  10.936  -0.643  1.00 18.69 ? 65  GLN A C   1 
ATOM   504  O  O   . GLN A 1 67 ? 12.368  10.328  -0.744  1.00 18.60 ? 65  GLN A O   1 
ATOM   505  C  CB  . GLN A 1 67 ? 14.078  11.941  1.568   1.00 18.04 ? 65  GLN A CB  1 
ATOM   506  C  CG  . GLN A 1 67 ? 14.634  11.587  2.967   1.00 20.74 ? 65  GLN A CG  1 
ATOM   507  C  CD  . GLN A 1 67 ? 14.501  12.693  4.005   1.00 23.90 ? 65  GLN A CD  1 
ATOM   508  O  OE1 . GLN A 1 67 ? 14.625  12.434  5.191   1.00 22.55 ? 65  GLN A OE1 1 
ATOM   509  N  NE2 . GLN A 1 67 ? 14.277  13.931  3.565   1.00 23.59 ? 65  GLN A NE2 1 
ATOM   510  N  N   . ILE A 1 68 ? 13.902  11.747  -1.590  1.00 16.18 ? 66  ILE A N   1 
ATOM   511  C  CA  . ILE A 1 68 ? 13.194  11.955  -2.844  1.00 16.19 ? 66  ILE A CA  1 
ATOM   512  C  C   . ILE A 1 68 ? 13.102  10.647  -3.619  1.00 16.42 ? 66  ILE A C   1 
ATOM   513  O  O   . ILE A 1 68 ? 12.010  10.269  -4.091  1.00 16.21 ? 66  ILE A O   1 
ATOM   514  C  CB  . ILE A 1 68 ? 13.849  13.068  -3.698  1.00 15.49 ? 66  ILE A CB  1 
ATOM   515  C  CG1 . ILE A 1 68 ? 13.676  14.422  -2.978  1.00 16.24 ? 66  ILE A CG1 1 
ATOM   516  C  CG2 . ILE A 1 68 ? 13.257  13.057  -5.157  1.00 15.50 ? 66  ILE A CG2 1 
ATOM   517  C  CD1 . ILE A 1 68 ? 14.389  15.593  -3.641  1.00 15.16 ? 66  ILE A CD1 1 
ATOM   518  N  N   . TYR A 1 69 ? 14.244  9.948   -3.748  1.00 15.94 ? 67  TYR A N   1 
ATOM   519  C  CA  . TYR A 1 69 ? 14.255  8.676   -4.463  1.00 15.82 ? 67  TYR A CA  1 
ATOM   520  C  C   . TYR A 1 69 ? 13.460  7.582   -3.736  1.00 16.48 ? 67  TYR A C   1 
ATOM   521  O  O   . TYR A 1 69 ? 12.797  6.799   -4.385  1.00 16.68 ? 67  TYR A O   1 
ATOM   522  C  CB  . TYR A 1 69 ? 15.683  8.187   -4.725  1.00 15.48 ? 67  TYR A CB  1 
ATOM   523  C  CG  . TYR A 1 69 ? 16.455  9.111   -5.628  1.00 14.56 ? 67  TYR A CG  1 
ATOM   524  C  CD1 . TYR A 1 69 ? 15.831  9.706   -6.745  1.00 17.11 ? 67  TYR A CD1 1 
ATOM   525  C  CD2 . TYR A 1 69 ? 17.803  9.401   -5.379  1.00 18.05 ? 67  TYR A CD2 1 
ATOM   526  C  CE1 . TYR A 1 69 ? 16.538  10.560  -7.597  1.00 16.47 ? 67  TYR A CE1 1 
ATOM   527  C  CE2 . TYR A 1 69 ? 18.511  10.252  -6.215  1.00 17.51 ? 67  TYR A CE2 1 
ATOM   528  C  CZ  . TYR A 1 69 ? 17.872  10.825  -7.326  1.00 17.48 ? 67  TYR A CZ  1 
ATOM   529  O  OH  . TYR A 1 69 ? 18.562  11.679  -8.176  1.00 19.27 ? 67  TYR A OH  1 
ATOM   530  N  N   . LEU A 1 70 ? 13.495  7.561   -2.415  1.00 16.78 ? 68  LEU A N   1 
ATOM   531  C  CA  . LEU A 1 70 ? 12.612  6.645   -1.670  1.00 18.51 ? 68  LEU A CA  1 
ATOM   532  C  C   . LEU A 1 70 ? 11.157  6.930   -1.971  1.00 18.61 ? 68  LEU A C   1 
ATOM   533  O  O   . LEU A 1 70 ? 10.386  6.014   -2.307  1.00 17.96 ? 68  LEU A O   1 
ATOM   534  C  CB  . LEU A 1 70 ? 12.844  6.732   -0.164  1.00 18.96 ? 68  LEU A CB  1 
ATOM   535  C  CG  . LEU A 1 70 ? 14.088  5.959   0.285   1.00 21.20 ? 68  LEU A CG  1 
ATOM   536  C  CD1 . LEU A 1 70 ? 14.524  6.465   1.673   1.00 21.27 ? 68  LEU A CD1 1 
ATOM   537  C  CD2 . LEU A 1 70 ? 13.813  4.418   0.330   1.00 21.38 ? 68  LEU A CD2 1 
HETATM 538  N  N   . MSE A 1 71 ? 10.752  8.180   -1.851  1.00 18.34 ? 69  MSE A N   1 
HETATM 539  C  CA  . MSE A 1 71 ? 9.347   8.510   -2.114  1.00 18.88 ? 69  MSE A CA  1 
HETATM 540  C  C   . MSE A 1 71 ? 8.902   8.192   -3.552  1.00 19.00 ? 69  MSE A C   1 
HETATM 541  O  O   . MSE A 1 71 ? 7.778   7.704   -3.741  1.00 18.69 ? 69  MSE A O   1 
HETATM 542  C  CB  . MSE A 1 71 ? 9.098   9.978   -1.820  1.00 17.71 ? 69  MSE A CB  1 
HETATM 543  C  CG  . MSE A 1 71 ? 9.085   10.230  -0.342  1.00 20.74 ? 69  MSE A CG  1 
HETATM 544  SE SE  . MSE A 1 71 ? 8.524   12.053  0.048   0.50 25.02 ? 69  MSE A SE  1 
HETATM 545  C  CE  . MSE A 1 71 ? 6.729   11.950  -0.603  1.00 28.87 ? 69  MSE A CE  1 
ATOM   546  N  N   . SER A 1 72 ? 9.781   8.446   -4.537  1.00 17.42 ? 70  SER A N   1 
ATOM   547  C  CA  . SER A 1 72 ? 9.494   8.139   -5.918  1.00 19.19 ? 70  SER A CA  1 
ATOM   548  C  C   . SER A 1 72 ? 9.261   6.618   -6.110  1.00 19.34 ? 70  SER A C   1 
ATOM   549  O  O   . SER A 1 72 ? 8.235   6.212   -6.662  1.00 18.81 ? 70  SER A O   1 
ATOM   550  C  CB  . SER A 1 72 ? 10.693  8.568   -6.800  1.00 19.65 ? 70  SER A CB  1 
ATOM   551  O  OG  . SER A 1 72 ? 10.407  8.267   -8.138  1.00 27.50 ? 70  SER A OG  1 
ATOM   552  N  N   . ALA A 1 73 ? 10.201  5.815   -5.616  1.00 18.23 ? 71  ALA A N   1 
ATOM   553  C  CA  . ALA A 1 73 ? 10.112  4.342   -5.810  1.00 17.47 ? 71  ALA A CA  1 
ATOM   554  C  C   . ALA A 1 73 ? 8.921   3.789   -5.052  1.00 17.85 ? 71  ALA A C   1 
ATOM   555  O  O   . ALA A 1 73 ? 8.185   2.924   -5.577  1.00 17.55 ? 71  ALA A O   1 
ATOM   556  C  CB  . ALA A 1 73 ? 11.381  3.641   -5.357  1.00 18.35 ? 71  ALA A CB  1 
ATOM   557  N  N   . LEU A 1 74 ? 8.726   4.287   -3.828  1.00 17.03 ? 72  LEU A N   1 
ATOM   558  C  CA  . LEU A 1 74 ? 7.618   3.776   -2.993  1.00 17.81 ? 72  LEU A CA  1 
ATOM   559  C  C   . LEU A 1 74 ? 6.287   4.117   -3.629  1.00 18.48 ? 72  LEU A C   1 
ATOM   560  O  O   . LEU A 1 74 ? 5.400   3.243   -3.750  1.00 18.17 ? 72  LEU A O   1 
ATOM   561  C  CB  . LEU A 1 74 ? 7.715   4.328   -1.586  1.00 16.70 ? 72  LEU A CB  1 
ATOM   562  C  CG  . LEU A 1 74 ? 8.862   3.694   -0.787  1.00 17.33 ? 72  LEU A CG  1 
ATOM   563  C  CD1 . LEU A 1 74 ? 9.136   4.571   0.438   1.00 18.63 ? 72  LEU A CD1 1 
ATOM   564  C  CD2 . LEU A 1 74 ? 8.543   2.225   -0.345  1.00 16.28 ? 72  LEU A CD2 1 
ATOM   565  N  N   . ASN A 1 75 ? 6.119   5.373   -4.042  1.00 17.19 ? 73  ASN A N   1 
ATOM   566  C  CA  . ASN A 1 75 ? 4.856   5.733   -4.684  1.00 17.79 ? 73  ASN A CA  1 
ATOM   567  C  C   . ASN A 1 75 ? 4.594   4.959   -5.994  1.00 17.96 ? 73  ASN A C   1 
ATOM   568  O  O   . ASN A 1 75 ? 3.446   4.577   -6.269  1.00 17.71 ? 73  ASN A O   1 
ATOM   569  C  CB  . ASN A 1 75 ? 4.773   7.256   -4.887  1.00 17.10 ? 73  ASN A CB  1 
ATOM   570  C  CG  . ASN A 1 75 ? 4.197   7.961   -3.691  1.00 19.94 ? 73  ASN A CG  1 
ATOM   571  O  OD1 . ASN A 1 75 ? 3.145   7.576   -3.165  1.00 21.51 ? 73  ASN A OD1 1 
ATOM   572  N  ND2 . ASN A 1 75 ? 4.853   9.009   -3.262  1.00 17.87 ? 73  ASN A ND2 1 
ATOM   573  N  N   . ASP A 1 76 ? 5.652   4.724   -6.788  1.00 18.96 ? 74  ASP A N   1 
ATOM   574  C  CA  A ASP A 1 76 ? 5.519   3.954   -8.026  0.50 18.84 ? 74  ASP A CA  1 
ATOM   575  C  CA  B ASP A 1 76 ? 5.508   3.961   -8.023  0.50 19.29 ? 74  ASP A CA  1 
ATOM   576  C  C   . ASP A 1 76 ? 5.009   2.549   -7.670  1.00 18.99 ? 74  ASP A C   1 
ATOM   577  O  O   . ASP A 1 76 ? 4.092   2.030   -8.293  1.00 19.40 ? 74  ASP A O   1 
ATOM   578  C  CB  A ASP A 1 76 ? 6.862   3.854   -8.751  0.50 18.94 ? 74  ASP A CB  1 
ATOM   579  C  CB  B ASP A 1 76 ? 6.834   3.908   -8.778  0.50 19.91 ? 74  ASP A CB  1 
ATOM   580  C  CG  A ASP A 1 76 ? 7.208   5.113   -9.544  0.50 19.59 ? 74  ASP A CG  1 
ATOM   581  C  CG  B ASP A 1 76 ? 6.763   3.048   -10.017 0.50 22.05 ? 74  ASP A CG  1 
ATOM   582  O  OD1 A ASP A 1 76 ? 6.397   6.065   -9.614  0.50 19.83 ? 74  ASP A OD1 1 
ATOM   583  O  OD1 B ASP A 1 76 ? 6.504   3.578   -11.117 0.50 26.14 ? 74  ASP A OD1 1 
ATOM   584  O  OD2 A ASP A 1 76 ? 8.310   5.141   -10.106 0.50 20.37 ? 74  ASP A OD2 1 
ATOM   585  O  OD2 B ASP A 1 76 ? 6.972   1.836   -9.885  0.50 25.81 ? 74  ASP A OD2 1 
ATOM   586  N  N   . GLY A 1 77 ? 5.609   1.953   -6.642  1.00 18.52 ? 75  GLY A N   1 
ATOM   587  C  CA  . GLY A 1 77 ? 5.207   0.617   -6.176  1.00 18.49 ? 75  GLY A CA  1 
ATOM   588  C  C   . GLY A 1 77 ? 3.791   0.544   -5.624  1.00 18.11 ? 75  GLY A C   1 
ATOM   589  O  O   . GLY A 1 77 ? 3.035   -0.369  -6.006  1.00 18.01 ? 75  GLY A O   1 
ATOM   590  N  N   . TYR A 1 78 ? 3.431   1.474   -4.738  1.00 17.42 ? 76  TYR A N   1 
ATOM   591  C  CA  . TYR A 1 78 ? 2.059   1.557   -4.203  1.00 17.43 ? 76  TYR A CA  1 
ATOM   592  C  C   . TYR A 1 78 ? 1.053   1.743   -5.340  1.00 17.42 ? 76  TYR A C   1 
ATOM   593  O  O   . TYR A 1 78 ? -0.003  1.093   -5.335  1.00 17.78 ? 76  TYR A O   1 
ATOM   594  C  CB  . TYR A 1 78 ? 1.874   2.699   -3.165  1.00 17.46 ? 76  TYR A CB  1 
ATOM   595  C  CG  . TYR A 1 78 ? 2.464   2.386   -1.793  1.00 18.88 ? 76  TYR A CG  1 
ATOM   596  C  CD1 . TYR A 1 78 ? 2.003   1.296   -1.042  1.00 19.08 ? 76  TYR A CD1 1 
ATOM   597  C  CD2 . TYR A 1 78 ? 3.495   3.186   -1.248  1.00 18.48 ? 76  TYR A CD2 1 
ATOM   598  C  CE1 . TYR A 1 78 ? 2.574   0.980   0.216   1.00 14.14 ? 76  TYR A CE1 1 
ATOM   599  C  CE2 . TYR A 1 78 ? 4.053   2.907   -0.004  1.00 16.97 ? 76  TYR A CE2 1 
ATOM   600  C  CZ  . TYR A 1 78 ? 3.595   1.819   0.723   1.00 18.27 ? 76  TYR A CZ  1 
ATOM   601  O  OH  . TYR A 1 78 ? 4.139   1.490   1.921   1.00 17.94 ? 76  TYR A OH  1 
ATOM   602  N  N   . LYS A 1 79 ? 1.342   2.640   -6.293  1.00 16.59 ? 77  LYS A N   1 
ATOM   603  C  CA  . LYS A 1 79 ? 0.409   2.875   -7.398  1.00 18.22 ? 77  LYS A CA  1 
ATOM   604  C  C   . LYS A 1 79 ? 0.235   1.569   -8.204  1.00 17.54 ? 77  LYS A C   1 
ATOM   605  O  O   . LYS A 1 79 ? -0.889  1.201   -8.570  1.00 16.95 ? 77  LYS A O   1 
ATOM   606  C  CB  . LYS A 1 79 ? 0.919   4.013   -8.305  1.00 19.01 ? 77  LYS A CB  1 
ATOM   607  C  CG  . LYS A 1 79 ? -0.075  4.526   -9.360  1.00 22.24 ? 77  LYS A CG  1 
ATOM   608  C  CD  . LYS A 1 79 ? 0.614   5.571   -10.317 1.00 24.75 ? 77  LYS A CD  1 
ATOM   609  C  CE  . LYS A 1 79 ? -0.309  6.018   -11.488 1.00 30.99 ? 77  LYS A CE  1 
ATOM   610  N  NZ  . LYS A 1 79 ? 0.445   6.459   -12.713 1.00 34.85 ? 77  LYS A NZ  1 
ATOM   611  N  N   . ALA A 1 80 ? 1.350   0.882   -8.476  1.00 18.21 ? 78  ALA A N   1 
ATOM   612  C  CA  . ALA A 1 80 ? 1.312   -0.351  -9.251  1.00 18.08 ? 78  ALA A CA  1 
ATOM   613  C  C   . ALA A 1 80 ? 0.492   -1.440  -8.580  1.00 19.54 ? 78  ALA A C   1 
ATOM   614  O  O   . ALA A 1 80 ? -0.375  -2.078  -9.232  1.00 18.14 ? 78  ALA A O   1 
ATOM   615  C  CB  . ALA A 1 80 ? 2.713   -0.829  -9.622  1.00 19.39 ? 78  ALA A CB  1 
ATOM   616  N  N   . VAL A 1 81 ? 0.729   -1.650  -7.286  1.00 17.85 ? 79  VAL A N   1 
ATOM   617  C  CA  . VAL A 1 81 ? -0.022  -2.674  -6.589  1.00 18.99 ? 79  VAL A CA  1 
ATOM   618  C  C   . VAL A 1 81 ? -1.509  -2.307  -6.511  1.00 18.36 ? 79  VAL A C   1 
ATOM   619  O  O   . VAL A 1 81 ? -2.374  -3.175  -6.735  1.00 18.57 ? 79  VAL A O   1 
ATOM   620  C  CB  . VAL A 1 81 ? 0.568   -2.943  -5.209  1.00 18.14 ? 79  VAL A CB  1 
ATOM   621  C  CG1 . VAL A 1 81 ? -0.324  -3.919  -4.452  1.00 20.76 ? 79  VAL A CG1 1 
ATOM   622  C  CG2 . VAL A 1 81 ? 1.980   -3.530  -5.367  1.00 22.61 ? 79  VAL A CG2 1 
ATOM   623  N  N   . GLU A 1 82 ? -1.823  -1.049  -6.260  1.00 17.43 ? 80  GLU A N   1 
ATOM   624  C  CA  . GLU A 1 82 ? -3.241  -0.662  -6.127  1.00 18.74 ? 80  GLU A CA  1 
ATOM   625  C  C   . GLU A 1 82 ? -3.951  -0.778  -7.483  1.00 19.79 ? 80  GLU A C   1 
ATOM   626  O  O   . GLU A 1 82 ? -5.113  -1.183  -7.520  1.00 19.23 ? 80  GLU A O   1 
ATOM   627  C  CB  . GLU A 1 82 ? -3.388  0.714   -5.501  1.00 19.26 ? 80  GLU A CB  1 
ATOM   628  C  CG  . GLU A 1 82 ? -4.790  1.288   -5.433  1.00 20.16 ? 80  GLU A CG  1 
ATOM   629  C  CD  . GLU A 1 82 ? -5.727  0.524   -4.502  1.00 21.41 ? 80  GLU A CD  1 
ATOM   630  O  OE1 . GLU A 1 82 ? -5.329  -0.462  -3.837  1.00 21.88 ? 80  GLU A OE1 1 
ATOM   631  O  OE2 . GLU A 1 82 ? -6.893  0.961   -4.410  1.00 21.83 ? 80  GLU A OE2 1 
ATOM   632  N  N   . GLU A 1 83 ? -3.250  -0.414  -8.579  1.00 18.71 ? 81  GLU A N   1 
ATOM   633  C  CA  A GLU A 1 83 ? -3.800  -0.648  -9.915  0.50 20.37 ? 81  GLU A CA  1 
ATOM   634  C  CA  B GLU A 1 83 ? -3.763  -0.654  -9.937  0.50 20.67 ? 81  GLU A CA  1 
ATOM   635  C  C   . GLU A 1 83 ? -4.073  -2.123  -10.158 1.00 20.04 ? 81  GLU A C   1 
ATOM   636  O  O   . GLU A 1 83 ? -5.165  -2.483  -10.643 1.00 21.30 ? 81  GLU A O   1 
ATOM   637  C  CB  A GLU A 1 83 ? -2.894  -0.060  -10.992 0.50 21.31 ? 81  GLU A CB  1 
ATOM   638  C  CB  B GLU A 1 83 ? -2.763  -0.165  -10.992 0.50 21.76 ? 81  GLU A CB  1 
ATOM   639  C  CG  A GLU A 1 83 ? -2.990  1.431   -11.025 0.50 24.12 ? 81  GLU A CG  1 
ATOM   640  C  CG  B GLU A 1 83 ? -2.858  1.318   -11.224 0.50 26.11 ? 81  GLU A CG  1 
ATOM   641  C  CD  A GLU A 1 83 ? -2.018  2.053   -12.006 0.50 25.27 ? 81  GLU A CD  1 
ATOM   642  C  CD  B GLU A 1 83 ? -4.240  1.749   -11.684 0.50 30.02 ? 81  GLU A CD  1 
ATOM   643  O  OE1 A GLU A 1 83 ? -1.223  1.303   -12.615 0.50 27.20 ? 81  GLU A OE1 1 
ATOM   644  O  OE1 B GLU A 1 83 ? -4.679  1.287   -12.758 0.50 30.90 ? 81  GLU A OE1 1 
ATOM   645  O  OE2 A GLU A 1 83 ? -2.052  3.286   -12.156 0.50 27.70 ? 81  GLU A OE2 1 
ATOM   646  O  OE2 B GLU A 1 83 ? -4.880  2.549   -10.970 0.50 31.40 ? 81  GLU A OE2 1 
ATOM   647  N  N   . ASN A 1 84 ? -3.128  -2.993  -9.793  1.00 19.44 ? 82  ASN A N   1 
ATOM   648  C  CA  A ASN A 1 84 ? -3.383  -4.444  -9.881  0.50 20.14 ? 82  ASN A CA  1 
ATOM   649  C  CA  B ASN A 1 84 ? -3.377  -4.426  -9.912  0.50 20.11 ? 82  ASN A CA  1 
ATOM   650  C  C   . ASN A 1 84 ? -4.574  -4.857  -9.054  1.00 20.03 ? 82  ASN A C   1 
ATOM   651  O  O   . ASN A 1 84 ? -5.394  -5.675  -9.508  1.00 20.40 ? 82  ASN A O   1 
ATOM   652  C  CB  A ASN A 1 84 ? -2.207  -5.318  -9.433  0.50 20.57 ? 82  ASN A CB  1 
ATOM   653  C  CB  B ASN A 1 84 ? -2.118  -5.242  -9.582  0.50 20.31 ? 82  ASN A CB  1 
ATOM   654  C  CG  A ASN A 1 84 ? -2.567  -6.807  -9.461  0.50 22.26 ? 82  ASN A CG  1 
ATOM   655  C  CG  B ASN A 1 84 ? -1.015  -5.100  -10.643 0.50 22.37 ? 82  ASN A CG  1 
ATOM   656  O  OD1 A ASN A 1 84 ? -2.690  -7.396  -10.528 0.50 27.78 ? 82  ASN A OD1 1 
ATOM   657  O  OD1 B ASN A 1 84 ? -1.273  -4.972  -11.853 0.50 25.06 ? 82  ASN A OD1 1 
ATOM   658  N  ND2 A ASN A 1 84 ? -2.782  -7.400  -8.299  0.50 26.94 ? 82  ASN A ND2 1 
ATOM   659  N  ND2 B ASN A 1 84 ? 0.236   -5.151  -10.186 0.50 23.18 ? 82  ASN A ND2 1 
ATOM   660  N  N   . ARG A 1 85 ? -4.690  -4.299  -7.842  1.00 19.26 ? 83  ARG A N   1 
ATOM   661  C  CA  . ARG A 1 85 ? -5.802  -4.670  -6.952  1.00 20.02 ? 83  ARG A CA  1 
ATOM   662  C  C   . ARG A 1 85 ? -7.179  -4.163  -7.428  1.00 20.47 ? 83  ARG A C   1 
ATOM   663  O  O   . ARG A 1 85 ? -8.201  -4.841  -7.239  1.00 21.04 ? 83  ARG A O   1 
ATOM   664  C  CB  . ARG A 1 85 ? -5.511  -4.278  -5.520  1.00 19.94 ? 83  ARG A CB  1 
ATOM   665  C  CG  . ARG A 1 85 ? -4.342  -5.142  -4.964  1.00 18.64 ? 83  ARG A CG  1 
ATOM   666  C  CD  . ARG A 1 85 ? -4.024  -4.796  -3.491  1.00 17.62 ? 83  ARG A CD  1 
ATOM   667  N  NE  . ARG A 1 85 ? -5.101  -5.191  -2.559  1.00 17.64 ? 83  ARG A NE  1 
ATOM   668  C  CZ  . ARG A 1 85 ? -5.281  -6.428  -2.110  1.00 16.10 ? 83  ARG A CZ  1 
ATOM   669  N  NH1 . ARG A 1 85 ? -4.461  -7.433  -2.517  1.00 17.59 ? 83  ARG A NH1 1 
ATOM   670  N  NH2 . ARG A 1 85 ? -6.279  -6.685  -1.264  1.00 14.83 ? 83  ARG A NH2 1 
ATOM   671  N  N   A LYS A 1 86 ? -7.208  -2.982  -8.044  0.50 20.85 ? 84  LYS A N   1 
ATOM   672  N  N   B LYS A 1 86 ? -7.189  -2.994  -8.066  0.50 21.01 ? 84  LYS A N   1 
ATOM   673  C  CA  A LYS A 1 86 ? -8.433  -2.515  -8.692  0.50 20.63 ? 84  LYS A CA  1 
ATOM   674  C  CA  B LYS A 1 86 ? -8.393  -2.465  -8.708  0.50 21.02 ? 84  LYS A CA  1 
ATOM   675  C  C   A LYS A 1 86 ? -8.773  -3.460  -9.847  0.50 20.66 ? 84  LYS A C   1 
ATOM   676  C  C   B LYS A 1 86 ? -8.786  -3.338  -9.910  0.50 20.99 ? 84  LYS A C   1 
ATOM   677  O  O   A LYS A 1 86 ? -9.895  -3.979  -9.934  0.50 19.75 ? 84  LYS A O   1 
ATOM   678  O  O   B LYS A 1 86 ? -9.959  -3.668  -10.102 0.50 20.31 ? 84  LYS A O   1 
ATOM   679  C  CB  A LYS A 1 86 ? -8.257  -1.079  -9.194  0.50 21.21 ? 84  LYS A CB  1 
ATOM   680  C  CB  B LYS A 1 86 ? -8.124  -1.029  -9.162  0.50 21.54 ? 84  LYS A CB  1 
ATOM   681  C  CG  A LYS A 1 86 ? -8.188  -0.057  -8.077  0.50 22.60 ? 84  LYS A CG  1 
ATOM   682  C  CG  B LYS A 1 86 ? -9.290  -0.346  -9.827  0.50 23.68 ? 84  LYS A CG  1 
ATOM   683  C  CD  A LYS A 1 86 ? -7.850  1.339   -8.589  0.50 26.17 ? 84  LYS A CD  1 
ATOM   684  C  CD  B LYS A 1 86 ? -8.814  0.922   -10.499 0.50 26.74 ? 84  LYS A CD  1 
ATOM   685  C  CE  A LYS A 1 86 ? -6.435  1.405   -9.135  0.50 27.21 ? 84  LYS A CE  1 
ATOM   686  C  CE  B LYS A 1 86 ? -8.343  1.943   -9.484  0.50 27.95 ? 84  LYS A CE  1 
ATOM   687  N  NZ  A LYS A 1 86 ? -5.742  2.632   -8.694  0.50 27.60 ? 84  LYS A NZ  1 
ATOM   688  N  NZ  B LYS A 1 86 ? -7.401  2.923   -10.112 0.50 30.59 ? 84  LYS A NZ  1 
ATOM   689  N  N   . ASN A 1 87 ? -7.802  -3.708  -10.723 1.00 19.75 ? 85  ASN A N   1 
ATOM   690  C  CA  . ASN A 1 87 ? -8.045  -4.593  -11.862 1.00 21.15 ? 85  ASN A CA  1 
ATOM   691  C  C   . ASN A 1 87 ? -8.620  -5.917  -11.432 1.00 21.87 ? 85  ASN A C   1 
ATOM   692  O  O   . ASN A 1 87 ? -9.576  -6.401  -12.021 1.00 20.95 ? 85  ASN A O   1 
ATOM   693  C  CB  . ASN A 1 87 ? -6.786  -4.832  -12.711 1.00 20.51 ? 85  ASN A CB  1 
ATOM   694  C  CG  . ASN A 1 87 ? -6.303  -3.601  -13.393 1.00 22.56 ? 85  ASN A CG  1 
ATOM   695  O  OD1 . ASN A 1 87 ? -7.013  -2.593  -13.490 1.00 26.02 ? 85  ASN A OD1 1 
ATOM   696  N  ND2 . ASN A 1 87 ? -5.031  -3.637  -13.855 1.00 27.80 ? 85  ASN A ND2 1 
ATOM   697  N  N   . LEU A 1 88 ? -8.034  -6.507  -10.394 1.00 21.21 ? 86  LEU A N   1 
ATOM   698  C  CA  . LEU A 1 88 ? -8.493  -7.778  -9.908  1.00 22.69 ? 86  LEU A CA  1 
ATOM   699  C  C   . LEU A 1 88 ? -9.923  -7.760  -9.365  1.00 21.58 ? 86  LEU A C   1 
ATOM   700  O  O   . LEU A 1 88 ? -10.674 -8.717  -9.588  1.00 22.70 ? 86  LEU A O   1 
ATOM   701  C  CB  . LEU A 1 88 ? -7.521  -8.278  -8.835  1.00 22.08 ? 86  LEU A CB  1 
ATOM   702  C  CG  . LEU A 1 88 ? -7.609  -9.760  -8.482  1.00 24.87 ? 86  LEU A CG  1 
ATOM   703  C  CD1 . LEU A 1 88 ? -7.336  -10.616 -9.698  1.00 26.39 ? 86  LEU A CD1 1 
ATOM   704  C  CD2 . LEU A 1 88 ? -6.569  -10.001 -7.364  1.00 25.02 ? 86  LEU A CD2 1 
ATOM   705  N  N   . ALA A 1 89 ? -10.318 -6.685  -8.678  1.00 21.51 ? 87  ALA A N   1 
ATOM   706  C  CA  . ALA A 1 89 ? -11.706 -6.548  -8.212  1.00 21.66 ? 87  ALA A CA  1 
ATOM   707  C  C   . ALA A 1 89 ? -12.661 -6.555  -9.402  1.00 21.92 ? 87  ALA A C   1 
ATOM   708  O  O   . ALA A 1 89 ? -13.660 -7.283  -9.414  1.00 22.95 ? 87  ALA A O   1 
ATOM   709  C  CB  . ALA A 1 89 ? -11.894 -5.265  -7.423  1.00 22.06 ? 87  ALA A CB  1 
ATOM   710  N  N   . PHE A 1 90 ? -12.391 -5.701  -10.384 1.00 20.87 ? 88  PHE A N   1 
ATOM   711  C  CA  . PHE A 1 90 ? -13.269 -5.663  -11.578 1.00 20.96 ? 88  PHE A CA  1 
ATOM   712  C  C   . PHE A 1 90 ? -13.275 -6.997  -12.334 1.00 20.92 ? 88  PHE A C   1 
ATOM   713  O  O   . PHE A 1 90 ? -14.336 -7.475  -12.780 1.00 21.58 ? 88  PHE A O   1 
ATOM   714  C  CB  . PHE A 1 90 ? -12.841 -4.511  -12.503 1.00 21.30 ? 88  PHE A CB  1 
ATOM   715  C  CG  . PHE A 1 90 ? -13.306 -3.158  -12.055 1.00 21.55 ? 88  PHE A CG  1 
ATOM   716  C  CD1 . PHE A 1 90 ? -14.367 -2.529  -12.700 1.00 23.30 ? 88  PHE A CD1 1 
ATOM   717  C  CD2 . PHE A 1 90 ? -12.685 -2.496  -10.999 1.00 23.88 ? 88  PHE A CD2 1 
ATOM   718  C  CE1 . PHE A 1 90 ? -14.783 -1.249  -12.308 1.00 26.19 ? 88  PHE A CE1 1 
ATOM   719  C  CE2 . PHE A 1 90 ? -13.087 -1.242  -10.597 1.00 27.46 ? 88  PHE A CE2 1 
ATOM   720  C  CZ  . PHE A 1 90 ? -14.158 -0.600  -11.253 1.00 27.31 ? 88  PHE A CZ  1 
ATOM   721  N  N   . ASN A 1 91 ? -12.116 -7.621  -12.468 1.00 21.92 ? 89  ASN A N   1 
ATOM   722  C  CA  . ASN A 1 91 ? -12.015 -8.863  -13.251 1.00 23.97 ? 89  ASN A CA  1 
ATOM   723  C  C   . ASN A 1 91 ? -12.573 -10.082 -12.555 1.00 25.66 ? 89  ASN A C   1 
ATOM   724  O  O   . ASN A 1 91 ? -13.135 -10.962 -13.212 1.00 25.36 ? 89  ASN A O   1 
ATOM   725  C  CB  . ASN A 1 91 ? -10.590 -9.104  -13.769 1.00 24.94 ? 89  ASN A CB  1 
ATOM   726  C  CG  . ASN A 1 91 ? -10.197 -8.153  -14.901 1.00 27.20 ? 89  ASN A CG  1 
ATOM   727  O  OD1 . ASN A 1 91 ? -9.145  -7.484  -14.820 1.00 29.41 ? 89  ASN A OD1 1 
ATOM   728  N  ND2 . ASN A 1 91 ? -11.030 -8.074  -15.967 1.00 24.57 ? 89  ASN A ND2 1 
HETATM 729  N  N   . MSE A 1 92 ? -12.486 -10.121 -11.226 1.00 26.16 ? 90  MSE A N   1 
HETATM 730  C  CA  . MSE A 1 92 ? -13.082 -11.214 -10.480 1.00 27.10 ? 90  MSE A CA  1 
HETATM 731  C  C   . MSE A 1 92 ? -14.609 -11.191 -10.670 1.00 28.24 ? 90  MSE A C   1 
HETATM 732  O  O   . MSE A 1 92 ? -15.232 -12.225 -10.986 1.00 29.09 ? 90  MSE A O   1 
HETATM 733  C  CB  . MSE A 1 92 ? -12.724 -11.146 -8.992  1.00 27.11 ? 90  MSE A CB  1 
HETATM 734  C  CG  . MSE A 1 92 ? -13.393 -12.248 -8.267  1.00 27.62 ? 90  MSE A CG  1 
HETATM 735  SE SE  . MSE A 1 92 ? -13.056 -12.295 -6.400  0.75 30.31 ? 90  MSE A SE  1 
HETATM 736  C  CE  . MSE A 1 92 ? -14.893 -12.697 -5.836  1.00 24.22 ? 90  MSE A CE  1 
ATOM   737  N  N   . LEU A 1 93 ? -15.185 -10.000 -10.494 1.00 29.00 ? 91  LEU A N   1 
ATOM   738  C  CA  . LEU A 1 93 ? -16.591 -9.719  -10.756 1.00 30.88 ? 91  LEU A CA  1 
ATOM   739  C  C   . LEU A 1 93 ? -16.966 -9.934  -12.245 1.00 32.05 ? 91  LEU A C   1 
ATOM   740  O  O   . LEU A 1 93 ? -18.149 -10.141 -12.576 1.00 32.93 ? 91  LEU A O   1 
ATOM   741  C  CB  . LEU A 1 93 ? -16.932 -8.288  -10.290 1.00 30.77 ? 91  LEU A CB  1 
ATOM   742  C  CG  . LEU A 1 93 ? -16.677 -7.982  -8.802  1.00 33.47 ? 91  LEU A CG  1 
ATOM   743  C  CD1 . LEU A 1 93 ? -17.009 -6.526  -8.413  1.00 34.14 ? 91  LEU A CD1 1 
ATOM   744  C  CD2 . LEU A 1 93 ? -17.458 -8.939  -7.928  1.00 33.22 ? 91  LEU A CD2 1 
ATOM   745  N  N   . GLY A 1 94 ? -15.955 -9.936  -13.114 1.00 32.67 ? 92  GLY A N   1 
ATOM   746  C  CA  . GLY A 1 94 ? -16.133 -10.100 -14.569 1.00 34.45 ? 92  GLY A CA  1 
ATOM   747  C  C   . GLY A 1 94 ? -15.791 -11.477 -15.146 1.00 35.91 ? 92  GLY A C   1 
ATOM   748  O  O   . GLY A 1 94 ? -15.543 -12.445 -14.400 1.00 36.67 ? 92  GLY A O   1 
ATOM   749  N  N   . GLY B 1 10 ? -26.240 -3.951  -9.537  1.00 53.94 ? 8   GLY B N   1 
ATOM   750  C  CA  . GLY B 1 10 ? -26.745 -2.648  -9.002  1.00 53.79 ? 8   GLY B CA  1 
ATOM   751  C  C   . GLY B 1 10 ? -26.120 -2.297  -7.664  1.00 53.85 ? 8   GLY B C   1 
ATOM   752  O  O   . GLY B 1 10 ? -25.741 -1.144  -7.430  1.00 53.51 ? 8   GLY B O   1 
ATOM   753  N  N   . LEU B 1 11 ? -26.025 -3.308  -6.793  1.00 54.09 ? 9   LEU B N   1 
ATOM   754  C  CA  . LEU B 1 11 ? -25.397 -3.208  -5.468  1.00 54.48 ? 9   LEU B CA  1 
ATOM   755  C  C   . LEU B 1 11 ? -23.939 -2.754  -5.585  1.00 54.72 ? 9   LEU B C   1 
ATOM   756  O  O   . LEU B 1 11 ? -23.570 -1.693  -5.072  1.00 54.48 ? 9   LEU B O   1 
ATOM   757  C  CB  . LEU B 1 11 ? -25.478 -4.569  -4.743  1.00 54.33 ? 9   LEU B CB  1 
ATOM   758  C  CG  . LEU B 1 11 ? -25.039 -4.818  -3.285  1.00 54.75 ? 9   LEU B CG  1 
ATOM   759  C  CD1 . LEU B 1 11 ? -23.525 -4.709  -3.099  1.00 54.58 ? 9   LEU B CD1 1 
ATOM   760  C  CD2 . LEU B 1 11 ? -25.778 -3.933  -2.277  1.00 54.56 ? 9   LEU B CD2 1 
ATOM   761  N  N   . LEU B 1 12 ? -23.131 -3.568  -6.270  1.00 55.18 ? 10  LEU B N   1 
ATOM   762  C  CA  . LEU B 1 12 ? -21.702 -3.295  -6.474  1.00 55.66 ? 10  LEU B CA  1 
ATOM   763  C  C   . LEU B 1 12 ? -21.475 -1.958  -7.201  1.00 56.11 ? 10  LEU B C   1 
ATOM   764  O  O   . LEU B 1 12 ? -20.615 -1.173  -6.797  1.00 56.39 ? 10  LEU B O   1 
ATOM   765  C  CB  . LEU B 1 12 ? -21.009 -4.453  -7.225  1.00 55.33 ? 10  LEU B CB  1 
ATOM   766  C  CG  . LEU B 1 12 ? -21.443 -5.916  -7.031  1.00 55.21 ? 10  LEU B CG  1 
ATOM   767  C  CD1 . LEU B 1 12 ? -20.928 -6.771  -8.181  1.00 54.84 ? 10  LEU B CD1 1 
ATOM   768  C  CD2 . LEU B 1 12 ? -21.043 -6.516  -5.676  1.00 54.44 ? 10  LEU B CD2 1 
ATOM   769  N  N   . ASP B 1 13 ? -22.257 -1.701  -8.252  1.00 56.51 ? 11  ASP B N   1 
ATOM   770  C  CA  . ASP B 1 13 ? -22.191 -0.435  -8.992  1.00 56.97 ? 11  ASP B CA  1 
ATOM   771  C  C   . ASP B 1 13 ? -22.564 0.788   -8.145  1.00 57.25 ? 11  ASP B C   1 
ATOM   772  O  O   . ASP B 1 13 ? -21.883 1.820   -8.201  1.00 57.03 ? 11  ASP B O   1 
ATOM   773  C  CB  . ASP B 1 13 ? -23.071 -0.496  -10.241 1.00 57.05 ? 11  ASP B CB  1 
ATOM   774  C  CG  . ASP B 1 13 ? -22.389 -1.199  -11.399 1.00 57.56 ? 11  ASP B CG  1 
ATOM   775  O  OD1 . ASP B 1 13 ? -21.790 -2.284  -11.196 1.00 57.62 ? 11  ASP B OD1 1 
ATOM   776  O  OD2 . ASP B 1 13 ? -22.459 -0.659  -12.525 1.00 58.08 ? 11  ASP B OD2 1 
ATOM   777  N  N   . GLY B 1 14 ? -23.640 0.666   -7.363  1.00 57.66 ? 12  GLY B N   1 
ATOM   778  C  CA  . GLY B 1 14 ? -24.048 1.716   -6.422  1.00 58.27 ? 12  GLY B CA  1 
ATOM   779  C  C   . GLY B 1 14 ? -23.002 1.989   -5.348  1.00 58.69 ? 12  GLY B C   1 
ATOM   780  O  O   . GLY B 1 14 ? -22.779 3.140   -4.964  1.00 58.59 ? 12  GLY B O   1 
HETATM 781  N  N   . MSE B 1 15 ? -22.364 0.919   -4.869  1.00 59.14 ? 13  MSE B N   1 
HETATM 782  C  CA  . MSE B 1 15 ? -21.245 1.011   -3.928  1.00 59.68 ? 13  MSE B CA  1 
HETATM 783  C  C   . MSE B 1 15 ? -20.023 1.688   -4.571  1.00 60.13 ? 13  MSE B C   1 
HETATM 784  O  O   . MSE B 1 15 ? -19.348 2.507   -3.934  1.00 59.98 ? 13  MSE B O   1 
HETATM 785  C  CB  . MSE B 1 15 ? -20.863 -0.384  -3.425  1.00 59.54 ? 13  MSE B CB  1 
HETATM 786  C  CG  . MSE B 1 15 ? -20.521 -0.443  -1.948  1.00 59.77 ? 13  MSE B CG  1 
HETATM 787  SE SE  . MSE B 1 15 ? -22.078 -0.117  -0.801  0.50 58.97 ? 13  MSE B SE  1 
HETATM 788  C  CE  . MSE B 1 15 ? -23.381 -1.246  -1.705  1.00 60.81 ? 13  MSE B CE  1 
ATOM   789  N  N   . LYS B 1 16 ? -19.754 1.334   -5.831  1.00 60.54 ? 14  LYS B N   1 
ATOM   790  C  CA  . LYS B 1 16 ? -18.705 1.966   -6.631  1.00 61.05 ? 14  LYS B CA  1 
ATOM   791  C  C   . LYS B 1 16 ? -18.922 3.470   -6.724  1.00 61.60 ? 14  LYS B C   1 
ATOM   792  O  O   . LYS B 1 16 ? -17.963 4.247   -6.634  1.00 61.64 ? 14  LYS B O   1 
ATOM   793  C  CB  . LYS B 1 16 ? -18.673 1.371   -8.037  1.00 61.03 ? 14  LYS B CB  1 
ATOM   794  C  CG  . LYS B 1 16 ? -17.917 0.059   -8.154  1.00 60.69 ? 14  LYS B CG  1 
ATOM   795  C  CD  . LYS B 1 16 ? -18.332 -0.715  -9.402  1.00 60.04 ? 14  LYS B CD  1 
ATOM   796  C  CE  . LYS B 1 16 ? -18.222 0.128   -10.657 1.00 59.01 ? 14  LYS B CE  1 
ATOM   797  N  NZ  . LYS B 1 16 ? -18.565 -0.662  -11.868 1.00 58.86 ? 14  LYS B NZ  1 
ATOM   798  N  N   . LYS B 1 17 ? -20.186 3.868   -6.896  1.00 62.13 ? 15  LYS B N   1 
ATOM   799  C  CA  . LYS B 1 17 ? -20.570 5.280   -6.969  1.00 62.59 ? 15  LYS B CA  1 
ATOM   800  C  C   . LYS B 1 17 ? -20.355 5.994   -5.634  1.00 62.86 ? 15  LYS B C   1 
ATOM   801  O  O   . LYS B 1 17 ? -20.008 7.177   -5.604  1.00 63.13 ? 15  LYS B O   1 
ATOM   802  C  CB  . LYS B 1 17 ? -22.019 5.417   -7.427  1.00 62.54 ? 15  LYS B CB  1 
ATOM   803  N  N   . GLU B 1 18 ? -20.552 5.262   -4.539  1.00 63.22 ? 16  GLU B N   1 
ATOM   804  C  CA  . GLU B 1 18 ? -20.359 5.808   -3.194  1.00 63.62 ? 16  GLU B CA  1 
ATOM   805  C  C   . GLU B 1 18 ? -18.890 5.861   -2.763  1.00 63.56 ? 16  GLU B C   1 
ATOM   806  O  O   . GLU B 1 18 ? -18.503 6.735   -1.980  1.00 63.55 ? 16  GLU B O   1 
ATOM   807  C  CB  . GLU B 1 18 ? -21.181 5.023   -2.174  1.00 63.73 ? 16  GLU B CB  1 
ATOM   808  C  CG  . GLU B 1 18 ? -21.737 5.888   -1.052  1.00 64.89 ? 16  GLU B CG  1 
ATOM   809  C  CD  . GLU B 1 18 ? -22.574 5.100   -0.064  1.00 66.21 ? 16  GLU B CD  1 
ATOM   810  O  OE1 . GLU B 1 18 ? -23.594 4.497   -0.477  1.00 66.70 ? 16  GLU B OE1 1 
ATOM   811  O  OE2 . GLU B 1 18 ? -22.209 5.090   1.134   1.00 66.92 ? 16  GLU B OE2 1 
ATOM   812  N  N   . PHE B 1 19 ? -18.081 4.927   -3.272  1.00 63.48 ? 17  PHE B N   1 
ATOM   813  C  CA  . PHE B 1 19 ? -16.640 4.912   -3.019  1.00 63.36 ? 17  PHE B CA  1 
ATOM   814  C  C   . PHE B 1 19 ? -15.955 6.140   -3.619  1.00 63.46 ? 17  PHE B C   1 
ATOM   815  O  O   . PHE B 1 19 ? -14.951 6.625   -3.088  1.00 63.17 ? 17  PHE B O   1 
ATOM   816  C  CB  . PHE B 1 19 ? -15.994 3.623   -3.549  1.00 63.34 ? 17  PHE B CB  1 
ATOM   817  C  CG  . PHE B 1 19 ? -16.239 2.410   -2.683  1.00 62.94 ? 17  PHE B CG  1 
ATOM   818  C  CD1 . PHE B 1 19 ? -16.147 2.491   -1.291  1.00 63.21 ? 17  PHE B CD1 1 
ATOM   819  C  CD2 . PHE B 1 19 ? -16.536 1.182   -3.257  1.00 62.75 ? 17  PHE B CD2 1 
ATOM   820  C  CE1 . PHE B 1 19 ? -16.370 1.368   -0.485  1.00 62.85 ? 17  PHE B CE1 1 
ATOM   821  C  CE2 . PHE B 1 19 ? -16.759 0.050   -2.464  1.00 62.36 ? 17  PHE B CE2 1 
ATOM   822  C  CZ  . PHE B 1 19 ? -16.674 0.145   -1.077  1.00 63.04 ? 17  PHE B CZ  1 
ATOM   823  N  N   . SER B 1 20 ? -16.519 6.639   -4.719  1.00 63.68 ? 18  SER B N   1 
ATOM   824  C  CA  . SER B 1 20 ? -16.065 7.881   -5.348  1.00 63.92 ? 18  SER B CA  1 
ATOM   825  C  C   . SER B 1 20 ? -16.374 9.129   -4.518  1.00 63.94 ? 18  SER B C   1 
ATOM   826  O  O   . SER B 1 20 ? -15.657 10.123  -4.614  1.00 64.02 ? 18  SER B O   1 
ATOM   827  C  CB  . SER B 1 20 ? -16.646 8.023   -6.753  1.00 63.96 ? 18  SER B CB  1 
ATOM   828  O  OG  . SER B 1 20 ? -16.082 7.056   -7.618  1.00 64.43 ? 18  SER B OG  1 
ATOM   829  N  N   . GLN B 1 21 ? -17.445 9.076   -3.721  1.00 64.00 ? 19  GLN B N   1 
ATOM   830  C  CA  . GLN B 1 21 ? -17.771 10.146  -2.765  1.00 63.88 ? 19  GLN B CA  1 
ATOM   831  C  C   . GLN B 1 21 ? -16.746 10.199  -1.629  1.00 63.61 ? 19  GLN B C   1 
ATOM   832  O  O   . GLN B 1 21 ? -16.350 11.283  -1.192  1.00 63.54 ? 19  GLN B O   1 
ATOM   833  C  CB  . GLN B 1 21 ? -19.176 9.966   -2.190  1.00 63.98 ? 19  GLN B CB  1 
ATOM   834  C  CG  . GLN B 1 21 ? -20.298 10.388  -3.121  1.00 64.47 ? 19  GLN B CG  1 
ATOM   835  C  CD  . GLN B 1 21 ? -21.637 10.469  -2.407  1.00 65.33 ? 19  GLN B CD  1 
ATOM   836  O  OE1 . GLN B 1 21 ? -21.959 9.626   -1.565  1.00 65.93 ? 19  GLN B OE1 1 
ATOM   837  N  NE2 . GLN B 1 21 ? -22.427 11.487  -2.741  1.00 65.43 ? 19  GLN B NE2 1 
ATOM   838  N  N   . LEU B 1 22 ? -16.324 9.022   -1.165  1.00 63.31 ? 20  LEU B N   1 
ATOM   839  C  CA  . LEU B 1 22 ? -15.231 8.901   -0.196  1.00 62.98 ? 20  LEU B CA  1 
ATOM   840  C  C   . LEU B 1 22 ? -13.854 9.049   -0.876  1.00 62.79 ? 20  LEU B C   1 
ATOM   841  O  O   . LEU B 1 22 ? -12.925 8.273   -0.616  1.00 62.85 ? 20  LEU B O   1 
ATOM   842  C  CB  . LEU B 1 22 ? -15.337 7.571   0.562   1.00 62.88 ? 20  LEU B CB  1 
ATOM   843  N  N   . GLU B 1 23 ? -13.736 10.046  -1.754  1.00 62.37 ? 21  GLU B N   1 
ATOM   844  C  CA  . GLU B 1 23 ? -12.476 10.337  -2.444  1.00 61.87 ? 21  GLU B CA  1 
ATOM   845  C  C   . GLU B 1 23 ? -11.988 11.743  -2.119  1.00 61.05 ? 21  GLU B C   1 
ATOM   846  O  O   . GLU B 1 23 ? -10.830 11.924  -1.721  1.00 61.08 ? 21  GLU B O   1 
ATOM   847  C  CB  . GLU B 1 23 ? -12.615 10.172  -3.962  1.00 62.19 ? 21  GLU B CB  1 
ATOM   848  C  CG  . GLU B 1 23 ? -12.739 8.731   -4.450  1.00 63.15 ? 21  GLU B CG  1 
ATOM   849  C  CD  . GLU B 1 23 ? -11.420 7.983   -4.427  1.00 64.17 ? 21  GLU B CD  1 
ATOM   850  O  OE1 . GLU B 1 23 ? -11.062 7.443   -3.357  1.00 64.34 ? 21  GLU B OE1 1 
ATOM   851  O  OE2 . GLU B 1 23 ? -10.754 7.925   -5.487  1.00 64.22 ? 21  GLU B OE2 1 
ATOM   852  N  N   . GLU B 1 24 ? -12.873 12.729  -2.293  1.00 59.77 ? 22  GLU B N   1 
ATOM   853  C  CA  . GLU B 1 24 ? -12.576 14.125  -1.959  1.00 58.44 ? 22  GLU B CA  1 
ATOM   854  C  C   . GLU B 1 24 ? -12.337 14.282  -0.458  1.00 57.45 ? 22  GLU B C   1 
ATOM   855  O  O   . GLU B 1 24 ? -11.612 15.178  -0.031  1.00 57.51 ? 22  GLU B O   1 
ATOM   856  C  CB  . GLU B 1 24 ? -13.698 15.052  -2.439  1.00 58.46 ? 22  GLU B CB  1 
ATOM   857  N  N   . LYS B 1 25 ? -12.950 13.398  0.330   1.00 56.17 ? 23  LYS B N   1 
ATOM   858  C  CA  . LYS B 1 25 ? -12.660 13.281  1.756   1.00 54.67 ? 23  LYS B CA  1 
ATOM   859  C  C   . LYS B 1 25 ? -11.281 12.651  1.949   1.00 53.54 ? 23  LYS B C   1 
ATOM   860  O  O   . LYS B 1 25 ? -10.409 13.229  2.606   1.00 53.46 ? 23  LYS B O   1 
ATOM   861  C  CB  . LYS B 1 25 ? -13.736 12.448  2.455   1.00 54.72 ? 23  LYS B CB  1 
ATOM   862  N  N   . ASN B 1 26 ? -11.096 11.470  1.359   1.00 51.90 ? 24  ASN B N   1 
ATOM   863  C  CA  . ASN B 1 26 ? -9.858  10.708  1.471   1.00 50.26 ? 24  ASN B CA  1 
ATOM   864  C  C   . ASN B 1 26 ? -8.632  11.540  1.102   1.00 49.05 ? 24  ASN B C   1 
ATOM   865  O  O   . ASN B 1 26 ? -7.701  11.662  1.897   1.00 49.00 ? 24  ASN B O   1 
ATOM   866  C  CB  . ASN B 1 26 ? -9.934  9.453   0.608   1.00 50.30 ? 24  ASN B CB  1 
ATOM   867  N  N   . LYS B 1 27 ? -8.661  12.140  -0.090  1.00 47.39 ? 25  LYS B N   1 
ATOM   868  C  CA  . LYS B 1 27 ? -7.513  12.845  -0.654  1.00 45.51 ? 25  LYS B CA  1 
ATOM   869  C  C   . LYS B 1 27 ? -6.935  13.922  0.261   1.00 44.13 ? 25  LYS B C   1 
ATOM   870  O  O   . LYS B 1 27 ? -5.745  14.232  0.187   1.00 44.43 ? 25  LYS B O   1 
ATOM   871  C  CB  . LYS B 1 27 ? -7.872  13.438  -2.006  1.00 45.69 ? 25  LYS B CB  1 
ATOM   872  N  N   . ASP B 1 28 ? -7.773  14.485  1.122   1.00 42.07 ? 26  ASP B N   1 
ATOM   873  C  CA  . ASP B 1 28 ? -7.333  15.552  2.017   1.00 40.06 ? 26  ASP B CA  1 
ATOM   874  C  C   . ASP B 1 28 ? -6.851  15.031  3.378   1.00 38.36 ? 26  ASP B C   1 
ATOM   875  O  O   . ASP B 1 28 ? -6.018  15.668  4.026   1.00 38.39 ? 26  ASP B O   1 
ATOM   876  C  CB  . ASP B 1 28 ? -8.433  16.604  2.186   1.00 40.29 ? 26  ASP B CB  1 
ATOM   877  N  N   . THR B 1 29 ? -7.365  13.874  3.791   1.00 35.65 ? 27  THR B N   1 
ATOM   878  C  CA  . THR B 1 29 ? -7.073  13.318  5.110   1.00 33.51 ? 27  THR B CA  1 
ATOM   879  C  C   . THR B 1 29 ? -5.674  12.705  5.113   1.00 31.94 ? 27  THR B C   1 
ATOM   880  O  O   . THR B 1 29 ? -5.347  11.940  4.222   1.00 31.03 ? 27  THR B O   1 
ATOM   881  C  CB  . THR B 1 29 ? -8.118  12.259  5.526   1.00 33.64 ? 27  THR B CB  1 
ATOM   882  O  OG1 . THR B 1 29 ? -9.435  12.825  5.441   1.00 34.38 ? 27  THR B OG1 1 
ATOM   883  C  CG2 . THR B 1 29 ? -7.882  11.802  6.968   1.00 34.52 ? 27  THR B CG2 1 
ATOM   884  N  N   . ILE B 1 30 ? -4.873  13.060  6.109   1.00 29.85 ? 28  ILE B N   1 
ATOM   885  C  CA  . ILE B 1 30 ? -3.471  12.644  6.194   1.00 29.31 ? 28  ILE B CA  1 
ATOM   886  C  C   . ILE B 1 30 ? -3.238  11.915  7.513   1.00 28.62 ? 28  ILE B C   1 
ATOM   887  O  O   . ILE B 1 30 ? -3.672  12.385  8.565   1.00 28.25 ? 28  ILE B O   1 
ATOM   888  C  CB  . ILE B 1 30 ? -2.502  13.852  6.050   1.00 29.66 ? 28  ILE B CB  1 
ATOM   889  C  CG1 . ILE B 1 30 ? -2.578  14.428  4.633   1.00 30.67 ? 28  ILE B CG1 1 
ATOM   890  C  CG2 . ILE B 1 30 ? -1.036  13.435  6.283   1.00 29.56 ? 28  ILE B CG2 1 
ATOM   891  C  CD1 . ILE B 1 30 ? -2.705  15.951  4.596   1.00 33.48 ? 28  ILE B CD1 1 
ATOM   892  N  N   . HIS B 1 31 ? -2.569  10.767  7.440   1.00 27.56 ? 29  HIS B N   1 
ATOM   893  C  CA  . HIS B 1 31 ? -2.246  9.964   8.607   1.00 27.13 ? 29  HIS B CA  1 
ATOM   894  C  C   . HIS B 1 31 ? -0.760  9.728   8.691   1.00 25.62 ? 29  HIS B C   1 
ATOM   895  O  O   . HIS B 1 31 ? -0.122  9.337   7.702   1.00 24.49 ? 29  HIS B O   1 
ATOM   896  C  CB  . HIS B 1 31 ? -2.944  8.615   8.545   1.00 27.66 ? 29  HIS B CB  1 
ATOM   897  C  CG  . HIS B 1 31 ? -2.792  7.804   9.793   1.00 32.09 ? 29  HIS B CG  1 
ATOM   898  N  ND1 . HIS B 1 31 ? -2.189  6.562   9.806   1.00 36.76 ? 29  HIS B ND1 1 
ATOM   899  C  CD2 . HIS B 1 31 ? -3.157  8.060   11.074  1.00 35.68 ? 29  HIS B CD2 1 
ATOM   900  C  CE1 . HIS B 1 31 ? -2.199  6.083   11.036  1.00 36.23 ? 29  HIS B CE1 1 
ATOM   901  N  NE2 . HIS B 1 31 ? -2.766  6.978   11.829  1.00 38.05 ? 29  HIS B NE2 1 
ATOM   902  N  N   . THR B 1 32 ? -0.205  9.953   9.876   1.00 23.98 ? 30  THR B N   1 
ATOM   903  C  CA  . THR B 1 32 ? 1.230   9.859   10.062  1.00 23.50 ? 30  THR B CA  1 
ATOM   904  C  C   . THR B 1 32 ? 1.598   8.645   10.912  1.00 23.13 ? 30  THR B C   1 
ATOM   905  O  O   . THR B 1 32 ? 0.939   8.369   11.928  1.00 24.10 ? 30  THR B O   1 
ATOM   906  C  CB  . THR B 1 32 ? 1.759   11.160  10.666  1.00 24.04 ? 30  THR B CB  1 
ATOM   907  O  OG1 . THR B 1 32 ? 1.569   12.215  9.708   1.00 23.95 ? 30  THR B OG1 1 
ATOM   908  C  CG2 . THR B 1 32 ? 3.244   11.031  11.062  1.00 23.02 ? 30  THR B CG2 1 
ATOM   909  N  N   . SER B 1 33 ? 2.626   7.910   10.490  1.00 22.43 ? 31  SER B N   1 
ATOM   910  C  CA  . SER B 1 33 ? 3.130   6.738   11.232  1.00 22.13 ? 31  SER B CA  1 
ATOM   911  C  C   . SER B 1 33 ? 4.596   6.944   11.539  1.00 22.48 ? 31  SER B C   1 
ATOM   912  O  O   . SER B 1 33 ? 5.346   7.416   10.694  1.00 23.67 ? 31  SER B O   1 
ATOM   913  C  CB  . SER B 1 33 ? 2.970   5.443   10.404  1.00 22.35 ? 31  SER B CB  1 
ATOM   914  O  OG  . SER B 1 33 ? 1.611   5.201   10.102  1.00 22.62 ? 31  SER B OG  1 
ATOM   915  N  N   . LYS B 1 34 ? 5.019   6.573   12.745  1.00 22.30 ? 32  LYS B N   1 
ATOM   916  C  CA  . LYS B 1 34 ? 6.400   6.775   13.166  1.00 22.40 ? 32  LYS B CA  1 
ATOM   917  C  C   . LYS B 1 34 ? 7.030   5.464   13.576  1.00 22.87 ? 32  LYS B C   1 
ATOM   918  O  O   . LYS B 1 34 ? 6.326   4.520   13.994  1.00 23.64 ? 32  LYS B O   1 
ATOM   919  C  CB  . LYS B 1 34 ? 6.482   7.806   14.303  1.00 22.88 ? 32  LYS B CB  1 
ATOM   920  C  CG  . LYS B 1 34 ? 6.046   9.221   13.803  1.00 23.09 ? 32  LYS B CG  1 
ATOM   921  C  CD  . LYS B 1 34 ? 6.267   10.314  14.803  1.00 28.37 ? 32  LYS B CD  1 
ATOM   922  C  CE  . LYS B 1 34 ? 5.790   11.646  14.223  1.00 28.75 ? 32  LYS B CE  1 
ATOM   923  N  NZ  . LYS B 1 34 ? 6.112   12.710  15.225  1.00 33.23 ? 32  LYS B NZ  1 
ATOM   924  N  N   . SER B 1 35 ? 8.350   5.408   13.478  1.00 22.24 ? 33  SER B N   1 
ATOM   925  C  CA  . SER B 1 35 ? 9.099   4.253   13.964  1.00 21.86 ? 33  SER B CA  1 
ATOM   926  C  C   . SER B 1 35 ? 10.472  4.694   14.418  1.00 22.29 ? 33  SER B C   1 
ATOM   927  O  O   . SER B 1 35 ? 10.847  5.858   14.257  1.00 22.03 ? 33  SER B O   1 
ATOM   928  C  CB  . SER B 1 35 ? 9.210   3.177   12.865  1.00 21.45 ? 33  SER B CB  1 
ATOM   929  O  OG  . SER B 1 35 ? 9.996   3.663   11.787  1.00 21.78 ? 33  SER B OG  1 
ATOM   930  N  N   . GLY B 1 36 ? 11.231  3.760   14.993  1.00 22.17 ? 34  GLY B N   1 
ATOM   931  C  CA  . GLY B 1 36 ? 12.579  4.048   15.458  1.00 22.81 ? 34  GLY B CA  1 
ATOM   932  C  C   . GLY B 1 36 ? 12.560  5.139   16.501  1.00 23.17 ? 34  GLY B C   1 
ATOM   933  O  O   . GLY B 1 36 ? 13.381  6.068   16.459  1.00 23.22 ? 34  GLY B O   1 
ATOM   934  N  N   . GLY B 1 37 ? 11.626  5.031   17.435  1.00 23.11 ? 35  GLY B N   1 
ATOM   935  C  CA  . GLY B 1 37 ? 11.507  6.046   18.509  1.00 23.70 ? 35  GLY B CA  1 
ATOM   936  C  C   . GLY B 1 37 ? 11.218  7.430   17.960  1.00 22.86 ? 35  GLY B C   1 
ATOM   937  O  O   . GLY B 1 37 ? 11.617  8.463   18.549  1.00 23.39 ? 35  GLY B O   1 
ATOM   938  N  N   . GLY B 1 38 ? 10.544  7.473   16.827  1.00 22.15 ? 36  GLY B N   1 
ATOM   939  C  CA  . GLY B 1 38 ? 10.207  8.733   16.184  1.00 23.46 ? 36  GLY B CA  1 
ATOM   940  C  C   . GLY B 1 38 ? 11.237  9.262   15.206  1.00 24.26 ? 36  GLY B C   1 
ATOM   941  O  O   . GLY B 1 38 ? 11.044  10.347  14.614  1.00 24.60 ? 36  GLY B O   1 
HETATM 942  N  N   . MSE B 1 39 ? 12.332  8.520   15.029  1.00 23.42 ? 37  MSE B N   1 
HETATM 943  C  CA  . MSE B 1 39 ? 13.354  8.871   14.047  1.00 23.24 ? 37  MSE B CA  1 
HETATM 944  C  C   . MSE B 1 39 ? 12.926  8.672   12.589  1.00 22.35 ? 37  MSE B C   1 
HETATM 945  O  O   . MSE B 1 39 ? 13.542  9.214   11.708  1.00 23.12 ? 37  MSE B O   1 
HETATM 946  C  CB  . MSE B 1 39 ? 14.651  8.121   14.323  1.00 23.90 ? 37  MSE B CB  1 
HETATM 947  C  CG  . MSE B 1 39 ? 15.335  8.629   15.585  1.00 25.23 ? 37  MSE B CG  1 
HETATM 948  SE SE  . MSE B 1 39 ? 17.117  7.847   15.652  0.50 29.57 ? 37  MSE B SE  1 
HETATM 949  C  CE  . MSE B 1 39 ? 17.768  8.794   17.217  1.00 32.22 ? 37  MSE B CE  1 
ATOM   950  N  N   . VAL B 1 40 ? 11.863  7.923   12.343  1.00 20.86 ? 38  VAL B N   1 
ATOM   951  C  CA  . VAL B 1 40 ? 11.261  7.868   11.007  1.00 19.78 ? 38  VAL B CA  1 
ATOM   952  C  C   . VAL B 1 40 ? 9.822   8.321   11.122  1.00 19.79 ? 38  VAL B C   1 
ATOM   953  O  O   . VAL B 1 40 ? 9.108   7.909   12.029  1.00 20.21 ? 38  VAL B O   1 
ATOM   954  C  CB  . VAL B 1 40 ? 11.313  6.409   10.425  1.00 19.18 ? 38  VAL B CB  1 
ATOM   955  C  CG1 . VAL B 1 40 ? 10.478  6.323   9.142   1.00 20.50 ? 38  VAL B CG1 1 
ATOM   956  C  CG2 . VAL B 1 40 ? 12.763  6.019   10.177  1.00 19.28 ? 38  VAL B CG2 1 
ATOM   957  N  N   . SER B 1 41 ? 9.384   9.127   10.171  1.00 19.79 ? 39  SER B N   1 
ATOM   958  C  CA  . SER B 1 41 ? 8.015   9.514   10.078  1.00 20.39 ? 39  SER B CA  1 
ATOM   959  C  C   . SER B 1 41 ? 7.592   9.438   8.615   1.00 20.27 ? 39  SER B C   1 
ATOM   960  O  O   . SER B 1 41 ? 8.291   9.933   7.723   1.00 19.37 ? 39  SER B O   1 
ATOM   961  C  CB  . SER B 1 41 ? 7.883   10.965  10.601  1.00 21.17 ? 39  SER B CB  1 
ATOM   962  O  OG  . SER B 1 41 ? 6.557   11.431  10.470  1.00 23.46 ? 39  SER B OG  1 
ATOM   963  N  N   . VAL B 1 42 ? 6.428   8.851   8.369   1.00 18.84 ? 40  VAL B N   1 
ATOM   964  C  CA  . VAL B 1 42 ? 5.859   8.832   7.036   1.00 19.78 ? 40  VAL B CA  1 
ATOM   965  C  C   . VAL B 1 42 ? 4.401   9.220   7.118   1.00 18.85 ? 40  VAL B C   1 
ATOM   966  O  O   . VAL B 1 42 ? 3.750   8.970   8.139   1.00 20.55 ? 40  VAL B O   1 
ATOM   967  C  CB  . VAL B 1 42 ? 6.023   7.428   6.310   1.00 19.34 ? 40  VAL B CB  1 
ATOM   968  C  CG1 . VAL B 1 42 ? 7.484   7.055   6.233   1.00 21.47 ? 40  VAL B CG1 1 
ATOM   969  C  CG2 . VAL B 1 42 ? 5.188   6.302   7.003   1.00 22.38 ? 40  VAL B CG2 1 
ATOM   970  N  N   . SER B 1 43 ? 3.885   9.830   6.049   1.00 20.00 ? 41  SER B N   1 
ATOM   971  C  CA  . SER B 1 43 ? 2.474   10.220  6.025   1.00 19.83 ? 41  SER B CA  1 
ATOM   972  C  C   . SER B 1 43 ? 1.840   9.776   4.727   1.00 19.53 ? 41  SER B C   1 
ATOM   973  O  O   . SER B 1 43 ? 2.433   9.942   3.649   1.00 20.86 ? 41  SER B O   1 
ATOM   974  C  CB  . SER B 1 43 ? 2.301   11.746  6.197   1.00 20.47 ? 41  SER B CB  1 
ATOM   975  O  OG  . SER B 1 43 ? 2.927   12.179  7.400   1.00 20.03 ? 41  SER B OG  1 
ATOM   976  N  N   . PHE B 1 44 ? 0.655   9.181   4.832   1.00 20.20 ? 42  PHE B N   1 
ATOM   977  C  CA  . PHE B 1 44 ? -0.137  8.791   3.656   1.00 20.85 ? 42  PHE B CA  1 
ATOM   978  C  C   . PHE B 1 44 ? -1.437  9.600   3.640   1.00 21.00 ? 42  PHE B C   1 
ATOM   979  O  O   . PHE B 1 44 ? -2.020  9.871   4.687   1.00 20.77 ? 42  PHE B O   1 
ATOM   980  C  CB  . PHE B 1 44 ? -0.542  7.316   3.737   1.00 21.01 ? 42  PHE B CB  1 
ATOM   981  C  CG  . PHE B 1 44 ? 0.586   6.327   3.498   1.00 20.83 ? 42  PHE B CG  1 
ATOM   982  C  CD1 . PHE B 1 44 ? 0.836   5.838   2.213   1.00 22.11 ? 42  PHE B CD1 1 
ATOM   983  C  CD2 . PHE B 1 44 ? 1.371   5.895   4.558   1.00 19.45 ? 42  PHE B CD2 1 
ATOM   984  C  CE1 . PHE B 1 44 ? 1.892   4.904   1.994   1.00 18.66 ? 42  PHE B CE1 1 
ATOM   985  C  CE2 . PHE B 1 44 ? 2.409   4.972   4.381   1.00 21.02 ? 42  PHE B CE2 1 
ATOM   986  C  CZ  . PHE B 1 44 ? 2.660   4.467   3.088   1.00 18.09 ? 42  PHE B CZ  1 
ATOM   987  N  N   . ASN B 1 45 ? -1.920  9.946   2.463   1.00 21.49 ? 43  ASN B N   1 
ATOM   988  C  CA  . ASN B 1 45 ? -3.274  10.492  2.371   1.00 22.87 ? 43  ASN B CA  1 
ATOM   989  C  C   . ASN B 1 45 ? -4.305  9.353   2.251   1.00 23.57 ? 43  ASN B C   1 
ATOM   990  O  O   . ASN B 1 45 ? -3.940  8.183   2.260   1.00 23.71 ? 43  ASN B O   1 
ATOM   991  C  CB  . ASN B 1 45 ? -3.387  11.516  1.242   1.00 22.34 ? 43  ASN B CB  1 
ATOM   992  C  CG  . ASN B 1 45 ? -3.232  10.900  -0.133  1.00 22.63 ? 43  ASN B CG  1 
ATOM   993  O  OD1 . ASN B 1 45 ? -3.339  9.681   -0.318  1.00 22.65 ? 43  ASN B OD1 1 
ATOM   994  N  ND2 . ASN B 1 45 ? -3.010  11.748  -1.119  1.00 24.90 ? 43  ASN B ND2 1 
ATOM   995  N  N   . GLY B 1 46 ? -5.585  9.697   2.184   1.00 25.57 ? 44  GLY B N   1 
ATOM   996  C  CA  . GLY B 1 46 ? -6.651  8.690   2.213   1.00 26.97 ? 44  GLY B CA  1 
ATOM   997  C  C   . GLY B 1 46 ? -6.704  7.880   0.931   1.00 28.12 ? 44  GLY B C   1 
ATOM   998  O  O   . GLY B 1 46 ? -7.300  6.791   0.893   1.00 29.24 ? 44  GLY B O   1 
ATOM   999  N  N   . LEU B 1 47 ? -6.045  8.394   -0.104  1.00 27.12 ? 45  LEU B N   1 
ATOM   1000 C  CA  . LEU B 1 47 ? -5.924  7.687   -1.372  1.00 26.38 ? 45  LEU B CA  1 
ATOM   1001 C  C   . LEU B 1 47 ? -4.800  6.665   -1.369  1.00 25.25 ? 45  LEU B C   1 
ATOM   1002 O  O   . LEU B 1 47 ? -4.650  5.912   -2.332  1.00 25.32 ? 45  LEU B O   1 
ATOM   1003 C  CB  . LEU B 1 47 ? -5.745  8.675   -2.526  1.00 26.27 ? 45  LEU B CB  1 
ATOM   1004 C  CG  . LEU B 1 47 ? -6.923  9.611   -2.845  1.00 27.45 ? 45  LEU B CG  1 
ATOM   1005 C  CD1 . LEU B 1 47 ? -6.645  10.336  -4.129  1.00 29.51 ? 45  LEU B CD1 1 
ATOM   1006 C  CD2 . LEU B 1 47 ? -8.213  8.843   -2.959  1.00 27.45 ? 45  LEU B CD2 1 
ATOM   1007 N  N   . GLY B 1 48 ? -3.997  6.633   -0.298  1.00 24.45 ? 46  GLY B N   1 
ATOM   1008 C  CA  . GLY B 1 48 ? -2.838  5.737   -0.229  1.00 24.08 ? 46  GLY B CA  1 
ATOM   1009 C  C   . GLY B 1 48 ? -1.568  6.299   -0.835  1.00 22.39 ? 46  GLY B C   1 
ATOM   1010 O  O   . GLY B 1 48 ? -0.568  5.593   -0.994  1.00 23.05 ? 46  GLY B O   1 
ATOM   1011 N  N   . GLU B 1 49 ? -1.580  7.579   -1.170  1.00 21.24 ? 47  GLU B N   1 
ATOM   1012 C  CA  . GLU B 1 49 ? -0.348  8.215   -1.695  1.00 20.19 ? 47  GLU B CA  1 
ATOM   1013 C  C   . GLU B 1 49 ? 0.586   8.548   -0.549  1.00 19.17 ? 47  GLU B C   1 
ATOM   1014 O  O   . GLU B 1 49 ? 0.134   8.997   0.514   1.00 18.68 ? 47  GLU B O   1 
ATOM   1015 C  CB  . GLU B 1 49 ? -0.707  9.475   -2.497  1.00 21.51 ? 47  GLU B CB  1 
ATOM   1016 C  CG  . GLU B 1 49 ? -1.547  9.147   -3.724  1.00 23.95 ? 47  GLU B CG  1 
ATOM   1017 C  CD  . GLU B 1 49 ? -2.076  10.364  -4.438  1.00 30.43 ? 47  GLU B CD  1 
ATOM   1018 O  OE1 . GLU B 1 49 ? -2.424  11.356  -3.755  1.00 31.50 ? 47  GLU B OE1 1 
ATOM   1019 O  OE2 . GLU B 1 49 ? -2.171  10.311  -5.685  1.00 32.72 ? 47  GLU B OE2 1 
ATOM   1020 N  N   . LEU B 1 50 ? 1.882   8.297   -0.735  1.00 18.89 ? 48  LEU B N   1 
ATOM   1021 C  CA  . LEU B 1 50 ? 2.878   8.627   0.273   1.00 18.28 ? 48  LEU B CA  1 
ATOM   1022 C  C   . LEU B 1 50 ? 3.227   10.097  0.062   1.00 18.80 ? 48  LEU B C   1 
ATOM   1023 O  O   . LEU B 1 50 ? 3.765   10.450  -0.979  1.00 18.84 ? 48  LEU B O   1 
ATOM   1024 C  CB  . LEU B 1 50 ? 4.131   7.707   0.132   1.00 18.67 ? 48  LEU B CB  1 
ATOM   1025 C  CG  . LEU B 1 50 ? 5.278   7.987   1.084   1.00 19.32 ? 48  LEU B CG  1 
ATOM   1026 C  CD1 . LEU B 1 50 ? 4.902   7.781   2.566   1.00 18.49 ? 48  LEU B CD1 1 
ATOM   1027 C  CD2 . LEU B 1 50 ? 6.541   7.133   0.736   1.00 18.18 ? 48  LEU B CD2 1 
ATOM   1028 N  N   . VAL B 1 51 ? 2.888   10.957  1.029   1.00 18.86 ? 49  VAL B N   1 
ATOM   1029 C  CA  . VAL B 1 51 ? 2.981   12.404  0.815   1.00 20.28 ? 49  VAL B CA  1 
ATOM   1030 C  C   . VAL B 1 51 ? 4.065   13.053  1.675   1.00 20.86 ? 49  VAL B C   1 
ATOM   1031 O  O   . VAL B 1 51 ? 4.393   14.213  1.471   1.00 20.36 ? 49  VAL B O   1 
ATOM   1032 C  CB  . VAL B 1 51 ? 1.631   13.092  1.069   1.00 19.61 ? 49  VAL B CB  1 
ATOM   1033 C  CG1 . VAL B 1 51 ? 0.573   12.598  0.066   1.00 20.31 ? 49  VAL B CG1 1 
ATOM   1034 C  CG2 . VAL B 1 51 ? 1.188   12.885  2.498   1.00 21.07 ? 49  VAL B CG2 1 
ATOM   1035 N  N   . ASP B 1 52 ? 4.623   12.288  2.617   1.00 21.17 ? 50  ASP B N   1 
ATOM   1036 C  CA  . ASP B 1 52 ? 5.735   12.764  3.435   1.00 22.49 ? 50  ASP B CA  1 
ATOM   1037 C  C   . ASP B 1 52 ? 6.591   11.609  3.928   1.00 21.39 ? 50  ASP B C   1 
ATOM   1038 O  O   . ASP B 1 52 ? 6.078   10.516  4.233   1.00 20.76 ? 50  ASP B O   1 
ATOM   1039 C  CB  . ASP B 1 52 ? 5.251   13.582  4.650   1.00 23.97 ? 50  ASP B CB  1 
ATOM   1040 C  CG  . ASP B 1 52 ? 6.405   14.348  5.345   1.00 26.69 ? 50  ASP B CG  1 
ATOM   1041 O  OD1 . ASP B 1 52 ? 7.184   15.033  4.644   1.00 27.38 ? 50  ASP B OD1 1 
ATOM   1042 O  OD2 . ASP B 1 52 ? 6.536   14.261  6.593   1.00 26.29 ? 50  ASP B OD2 1 
ATOM   1043 N  N   . LEU B 1 53 ? 7.896   11.845  3.982   1.00 20.90 ? 51  LEU B N   1 
ATOM   1044 C  CA  . LEU B 1 53 ? 8.854   10.866  4.512   1.00 21.72 ? 51  LEU B CA  1 
ATOM   1045 C  C   . LEU B 1 53 ? 10.013  11.642  5.087   1.00 21.96 ? 51  LEU B C   1 
ATOM   1046 O  O   . LEU B 1 53 ? 10.623  12.497  4.399   1.00 22.79 ? 51  LEU B O   1 
ATOM   1047 C  CB  . LEU B 1 53 ? 9.334   9.886   3.400   1.00 21.55 ? 51  LEU B CB  1 
ATOM   1048 C  CG  . LEU B 1 53 ? 10.319  8.735   3.740   1.00 24.72 ? 51  LEU B CG  1 
ATOM   1049 C  CD1 . LEU B 1 53 ? 10.040  7.493   2.872   1.00 26.47 ? 51  LEU B CD1 1 
ATOM   1050 C  CD2 . LEU B 1 53 ? 11.764  9.159   3.526   1.00 25.98 ? 51  LEU B CD2 1 
ATOM   1051 N  N   . GLN B 1 54 ? 10.345  11.332  6.339   1.00 21.00 ? 52  GLN B N   1 
ATOM   1052 C  CA  . GLN B 1 54 ? 11.390  12.055  7.039   1.00 22.07 ? 52  GLN B CA  1 
ATOM   1053 C  C   . GLN B 1 54 ? 12.211  11.080  7.820   1.00 21.08 ? 52  GLN B C   1 
ATOM   1054 O  O   . GLN B 1 54 ? 11.653  10.222  8.536   1.00 22.49 ? 52  GLN B O   1 
ATOM   1055 C  CB  . GLN B 1 54 ? 10.797  13.075  8.003   1.00 22.21 ? 52  GLN B CB  1 
ATOM   1056 C  CG  . GLN B 1 54 ? 9.892   14.123  7.332   1.00 27.81 ? 52  GLN B CG  1 
ATOM   1057 C  CD  . GLN B 1 54 ? 10.607  15.072  6.389   1.00 32.17 ? 52  GLN B CD  1 
ATOM   1058 O  OE1 . GLN B 1 54 ? 11.803  15.366  6.554   1.00 36.20 ? 52  GLN B OE1 1 
ATOM   1059 N  NE2 . GLN B 1 54 ? 9.865   15.584  5.391   1.00 33.49 ? 52  GLN B NE2 1 
ATOM   1060 N  N   . ILE B 1 55 ? 13.524  11.203  7.669   1.00 19.34 ? 53  ILE B N   1 
ATOM   1061 C  CA  . ILE B 1 55 ? 14.496  10.338  8.356   1.00 20.21 ? 53  ILE B CA  1 
ATOM   1062 C  C   . ILE B 1 55 ? 15.429  11.208  9.176   1.00 19.78 ? 53  ILE B C   1 
ATOM   1063 O  O   . ILE B 1 55 ? 16.037  12.128  8.657   1.00 19.79 ? 53  ILE B O   1 
ATOM   1064 C  CB  . ILE B 1 55 ? 15.299  9.487   7.328   1.00 19.85 ? 53  ILE B CB  1 
ATOM   1065 C  CG1 . ILE B 1 55 ? 14.314  8.678   6.455   1.00 20.15 ? 53  ILE B CG1 1 
ATOM   1066 C  CG2 . ILE B 1 55 ? 16.363  8.578   8.030   1.00 20.05 ? 53  ILE B CG2 1 
ATOM   1067 C  CD1 . ILE B 1 55 ? 14.968  8.124   5.198   1.00 21.38 ? 53  ILE B CD1 1 
ATOM   1068 N  N   . ASP B 1 56 ? 15.552  10.889  10.466  1.00 20.10 ? 54  ASP B N   1 
ATOM   1069 C  CA  . ASP B 1 56 ? 16.516  11.560  11.343  1.00 20.46 ? 54  ASP B CA  1 
ATOM   1070 C  C   . ASP B 1 56 ? 17.945  11.292  10.819  1.00 19.44 ? 54  ASP B C   1 
ATOM   1071 O  O   . ASP B 1 56 ? 18.308  10.146  10.537  1.00 18.74 ? 54  ASP B O   1 
ATOM   1072 C  CB  . ASP B 1 56 ? 16.302  10.993  12.756  1.00 20.36 ? 54  ASP B CB  1 
ATOM   1073 C  CG  . ASP B 1 56 ? 17.061  11.729  13.857  1.00 26.52 ? 54  ASP B CG  1 
ATOM   1074 O  OD1 . ASP B 1 56 ? 18.250  12.080  13.734  1.00 25.33 ? 54  ASP B OD1 1 
ATOM   1075 O  OD2 . ASP B 1 56 ? 16.426  11.902  14.924  1.00 31.91 ? 54  ASP B OD2 1 
ATOM   1076 N  N   . ASP B 1 57 ? 18.765  12.345  10.715  1.00 17.78 ? 55  ASP B N   1 
ATOM   1077 C  CA  . ASP B 1 57 ? 20.168  12.180  10.331  1.00 18.84 ? 55  ASP B CA  1 
ATOM   1078 C  C   . ASP B 1 57 ? 20.909  11.064  11.108  1.00 18.92 ? 55  ASP B C   1 
ATOM   1079 O  O   . ASP B 1 57 ? 21.835  10.429  10.586  1.00 18.70 ? 55  ASP B O   1 
ATOM   1080 C  CB  . ASP B 1 57 ? 20.947  13.489  10.564  1.00 18.85 ? 55  ASP B CB  1 
ATOM   1081 C  CG  . ASP B 1 57 ? 20.813  14.479  9.427   1.00 21.51 ? 55  ASP B CG  1 
ATOM   1082 O  OD1 . ASP B 1 57 ? 20.291  14.116  8.347   1.00 23.66 ? 55  ASP B OD1 1 
ATOM   1083 O  OD2 . ASP B 1 57 ? 21.272  15.629  9.621   1.00 21.62 ? 55  ASP B OD2 1 
ATOM   1084 N  N   . SER B 1 58 ? 20.539  10.853  12.364  1.00 19.40 ? 56  SER B N   1 
ATOM   1085 C  CA  . SER B 1 58 ? 21.223  9.858   13.193  1.00 21.49 ? 56  SER B CA  1 
ATOM   1086 C  C   . SER B 1 58 ? 21.174  8.475   12.549  1.00 22.25 ? 56  SER B C   1 
ATOM   1087 O  O   . SER B 1 58 ? 22.071  7.653   12.734  1.00 20.76 ? 56  SER B O   1 
ATOM   1088 C  CB  . SER B 1 58 ? 20.534  9.731   14.552  1.00 22.21 ? 56  SER B CB  1 
ATOM   1089 O  OG  . SER B 1 58 ? 20.553  10.944  15.234  1.00 26.84 ? 56  SER B OG  1 
ATOM   1090 N  N   . LEU B 1 59 ? 20.104  8.205   11.812  1.00 22.56 ? 57  LEU B N   1 
ATOM   1091 C  CA  . LEU B 1 59 ? 19.938  6.866   11.265  1.00 24.00 ? 57  LEU B CA  1 
ATOM   1092 C  C   . LEU B 1 59 ? 20.867  6.594   10.094  1.00 24.65 ? 57  LEU B C   1 
ATOM   1093 O  O   . LEU B 1 59 ? 21.090  5.422   9.717   1.00 24.86 ? 57  LEU B O   1 
ATOM   1094 C  CB  . LEU B 1 59 ? 18.482  6.602   10.873  1.00 23.47 ? 57  LEU B CB  1 
ATOM   1095 C  CG  . LEU B 1 59 ? 17.524  6.207   11.989  1.00 25.53 ? 57  LEU B CG  1 
ATOM   1096 C  CD1 . LEU B 1 59 ? 16.060  6.160   11.463  1.00 23.27 ? 57  LEU B CD1 1 
ATOM   1097 C  CD2 . LEU B 1 59 ? 17.907  4.827   12.534  1.00 28.50 ? 57  LEU B CD2 1 
ATOM   1098 N  N   . LEU B 1 60 ? 21.437  7.648   9.525   1.00 24.25 ? 58  LEU B N   1 
ATOM   1099 C  CA  . LEU B 1 60 ? 22.348  7.476   8.391   1.00 24.66 ? 58  LEU B CA  1 
ATOM   1100 C  C   . LEU B 1 60 ? 23.584  6.734   8.817   1.00 24.93 ? 58  LEU B C   1 
ATOM   1101 O  O   . LEU B 1 60 ? 24.332  6.263   7.960   1.00 24.86 ? 58  LEU B O   1 
ATOM   1102 C  CB  . LEU B 1 60 ? 22.760  8.820   7.762   1.00 24.90 ? 58  LEU B CB  1 
ATOM   1103 C  CG  . LEU B 1 60 ? 21.661  9.714   7.202   1.00 25.82 ? 58  LEU B CG  1 
ATOM   1104 C  CD1 . LEU B 1 60 ? 22.283  11.064  6.861   1.00 23.62 ? 58  LEU B CD1 1 
ATOM   1105 C  CD2 . LEU B 1 60 ? 20.985  9.133   5.961   1.00 24.99 ? 58  LEU B CD2 1 
ATOM   1106 N  N   . GLU B 1 61 ? 23.789  6.645   10.139  1.00 24.59 ? 59  GLU B N   1 
ATOM   1107 C  CA  . GLU B 1 61 ? 24.945  5.972   10.735  1.00 25.72 ? 59  GLU B CA  1 
ATOM   1108 C  C   . GLU B 1 61 ? 24.768  4.435   10.749  1.00 24.86 ? 59  GLU B C   1 
ATOM   1109 O  O   . GLU B 1 61 ? 25.703  3.701   11.037  1.00 24.13 ? 59  GLU B O   1 
ATOM   1110 C  CB  . GLU B 1 61 ? 25.198  6.461   12.184  1.00 26.45 ? 59  GLU B CB  1 
ATOM   1111 C  CG  . GLU B 1 61 ? 25.314  8.007   12.363  1.00 29.30 ? 59  GLU B CG  1 
ATOM   1112 C  CD  . GLU B 1 61 ? 24.885  8.486   13.780  1.00 35.25 ? 59  GLU B CD  1 
ATOM   1113 O  OE1 . GLU B 1 61 ? 24.720  7.642   14.683  1.00 37.31 ? 59  GLU B OE1 1 
ATOM   1114 O  OE2 . GLU B 1 61 ? 24.700  9.708   13.996  1.00 35.63 ? 59  GLU B OE2 1 
ATOM   1115 N  N   . ASP B 1 62 ? 23.565  3.963   10.433  1.00 24.93 ? 60  ASP B N   1 
ATOM   1116 C  CA  . ASP B 1 62 ? 23.229  2.540   10.560  1.00 24.15 ? 60  ASP B CA  1 
ATOM   1117 C  C   . ASP B 1 62 ? 22.167  2.191   9.514   1.00 22.80 ? 60  ASP B C   1 
ATOM   1118 O  O   . ASP B 1 62 ? 20.974  2.122   9.827   1.00 22.12 ? 60  ASP B O   1 
ATOM   1119 C  CB  . ASP B 1 62 ? 22.680  2.218   11.952  1.00 24.21 ? 60  ASP B CB  1 
ATOM   1120 C  CG  . ASP B 1 62 ? 22.477  0.716   12.170  1.00 27.52 ? 60  ASP B CG  1 
ATOM   1121 O  OD1 . ASP B 1 62 ? 22.426  -0.063  11.192  1.00 26.33 ? 60  ASP B OD1 1 
ATOM   1122 O  OD2 . ASP B 1 62 ? 22.353  0.301   13.332  1.00 29.45 ? 60  ASP B OD2 1 
ATOM   1123 N  N   . LYS B 1 63 ? 22.621  1.973   8.291   1.00 22.10 ? 61  LYS B N   1 
ATOM   1124 C  CA  . LYS B 1 63 ? 21.697  1.788   7.169   1.00 21.01 ? 61  LYS B CA  1 
ATOM   1125 C  C   . LYS B 1 63 ? 20.700  0.641   7.398   1.00 21.56 ? 61  LYS B C   1 
ATOM   1126 O  O   . LYS B 1 63 ? 19.531  0.777   7.046   1.00 20.65 ? 61  LYS B O   1 
ATOM   1127 C  CB  . LYS B 1 63 ? 22.438  1.570   5.856   1.00 22.46 ? 61  LYS B CB  1 
ATOM   1128 C  CG  . LYS B 1 63 ? 21.533  1.663   4.657   1.00 20.76 ? 61  LYS B CG  1 
ATOM   1129 C  CD  . LYS B 1 63 ? 22.267  1.435   3.312   1.00 20.52 ? 61  LYS B CD  1 
ATOM   1130 C  CE  . LYS B 1 63 ? 22.754  -0.012  3.169   1.00 18.96 ? 61  LYS B CE  1 
ATOM   1131 N  NZ  . LYS B 1 63 ? 23.357  -0.215  1.792   1.00 20.48 ? 61  LYS B NZ  1 
ATOM   1132 N  N   . GLU B 1 64 ? 21.171  -0.469  7.959   1.00 21.96 ? 62  GLU B N   1 
ATOM   1133 C  CA  A GLU B 1 64 ? 20.324  -1.653  8.114   0.50 22.45 ? 62  GLU B CA  1 
ATOM   1134 C  CA  B GLU B 1 64 ? 20.327  -1.662  8.136   0.50 22.52 ? 62  GLU B CA  1 
ATOM   1135 C  C   . GLU B 1 64 ? 19.168  -1.377  9.073   1.00 22.19 ? 62  GLU B C   1 
ATOM   1136 O  O   . GLU B 1 64 ? 18.045  -1.744  8.798   1.00 20.05 ? 62  GLU B O   1 
ATOM   1137 C  CB  A GLU B 1 64 ? 21.160  -2.854  8.578   0.50 23.72 ? 62  GLU B CB  1 
ATOM   1138 C  CB  B GLU B 1 64 ? 21.156  -2.834  8.677   0.50 23.75 ? 62  GLU B CB  1 
ATOM   1139 C  CG  A GLU B 1 64 ? 22.267  -3.259  7.579   0.50 26.68 ? 62  GLU B CG  1 
ATOM   1140 C  CG  B GLU B 1 64 ? 22.296  -3.239  7.748   0.50 27.17 ? 62  GLU B CG  1 
ATOM   1141 C  CD  A GLU B 1 64 ? 23.409  -2.248  7.483   0.50 29.79 ? 62  GLU B CD  1 
ATOM   1142 C  CD  B GLU B 1 64 ? 21.805  -3.581  6.363   0.50 30.41 ? 62  GLU B CD  1 
ATOM   1143 O  OE1 A GLU B 1 64 ? 23.725  -1.570  8.489   0.50 31.00 ? 62  GLU B OE1 1 
ATOM   1144 O  OE1 B GLU B 1 64 ? 20.835  -4.371  6.249   0.50 33.03 ? 62  GLU B OE1 1 
ATOM   1145 O  OE2 A GLU B 1 64 ? 23.989  -2.128  6.379   0.50 33.14 ? 62  GLU B OE2 1 
ATOM   1146 O  OE2 B GLU B 1 64 ? 22.383  -3.057  5.386   0.50 31.46 ? 62  GLU B OE2 1 
ATOM   1147 N  N   . ALA B 1 65 ? 19.460  -0.717  10.196  1.00 20.32 ? 63  ALA B N   1 
ATOM   1148 C  CA  . ALA B 1 65 ? 18.403  -0.320  11.124  1.00 20.98 ? 63  ALA B CA  1 
ATOM   1149 C  C   . ALA B 1 65 ? 17.489  0.692   10.448  1.00 19.91 ? 63  ALA B C   1 
ATOM   1150 O  O   . ALA B 1 65 ? 16.255  0.640   10.631  1.00 19.89 ? 63  ALA B O   1 
ATOM   1151 C  CB  . ALA B 1 65 ? 19.012  0.308   12.435  1.00 20.92 ? 63  ALA B CB  1 
HETATM 1152 N  N   . MSE B 1 66 ? 18.092  1.626   9.708   1.00 19.43 ? 64  MSE B N   1 
HETATM 1153 C  CA  . MSE B 1 66 ? 17.304  2.655   9.025   1.00 20.17 ? 64  MSE B CA  1 
HETATM 1154 C  C   . MSE B 1 66 ? 16.273  1.981   8.090   1.00 18.60 ? 64  MSE B C   1 
HETATM 1155 O  O   . MSE B 1 66 ? 15.101  2.358   8.060   1.00 18.70 ? 64  MSE B O   1 
HETATM 1156 C  CB  . MSE B 1 66 ? 18.202  3.605   8.209   1.00 20.52 ? 64  MSE B CB  1 
HETATM 1157 C  CG  . MSE B 1 66 ? 17.415  4.728   7.580   1.00 22.47 ? 64  MSE B CG  1 
HETATM 1158 SE SE  . MSE B 1 66 ? 18.591  5.709   6.377   0.50 24.63 ? 64  MSE B SE  1 
HETATM 1159 C  CE  . MSE B 1 66 ? 18.815  4.318   5.067   1.00 30.03 ? 64  MSE B CE  1 
ATOM   1160 N  N   . GLN B 1 67 ? 16.731  1.001   7.319   1.00 18.18 ? 65  GLN B N   1 
ATOM   1161 C  CA  . GLN B 1 67 ? 15.841  0.330   6.358   1.00 17.40 ? 65  GLN B CA  1 
ATOM   1162 C  C   . GLN B 1 67 ? 14.726  -0.411  7.108   1.00 17.16 ? 65  GLN B C   1 
ATOM   1163 O  O   . GLN B 1 67 ? 13.557  -0.335  6.730   1.00 18.05 ? 65  GLN B O   1 
ATOM   1164 C  CB  . GLN B 1 67 ? 16.628  -0.625  5.453   1.00 17.24 ? 65  GLN B CB  1 
ATOM   1165 C  CG  . GLN B 1 67 ? 17.544  0.113   4.496   1.00 17.02 ? 65  GLN B CG  1 
ATOM   1166 C  CD  . GLN B 1 67 ? 18.536  -0.774  3.753   1.00 21.46 ? 65  GLN B CD  1 
ATOM   1167 O  OE1 . GLN B 1 67 ? 18.787  -1.943  4.108   1.00 27.59 ? 65  GLN B OE1 1 
ATOM   1168 N  NE2 . GLN B 1 67 ? 19.093  -0.228  2.707   1.00 20.64 ? 65  GLN B NE2 1 
ATOM   1169 N  N   . ILE B 1 68 ? 15.079  -1.074  8.208   1.00 16.78 ? 66  ILE B N   1 
ATOM   1170 C  CA  . ILE B 1 68 ? 14.064  -1.755  9.021   1.00 16.42 ? 66  ILE B CA  1 
ATOM   1171 C  C   . ILE B 1 68 ? 13.033  -0.757  9.545   1.00 16.96 ? 66  ILE B C   1 
ATOM   1172 O  O   . ILE B 1 68 ? 11.830  -1.016  9.497   1.00 16.52 ? 66  ILE B O   1 
ATOM   1173 C  CB  . ILE B 1 68 ? 14.733  -2.567  10.159  1.00 16.45 ? 66  ILE B CB  1 
ATOM   1174 C  CG1 . ILE B 1 68 ? 15.498  -3.787  9.532   1.00 17.78 ? 66  ILE B CG1 1 
ATOM   1175 C  CG2 . ILE B 1 68 ? 13.741  -2.999  11.252  1.00 17.53 ? 66  ILE B CG2 1 
ATOM   1176 C  CD1 . ILE B 1 68 ? 16.541  -4.519  10.495  1.00 19.49 ? 66  ILE B CD1 1 
ATOM   1177 N  N   . TYR B 1 69 ? 13.479  0.359   10.125  1.00 16.92 ? 67  TYR B N   1 
ATOM   1178 C  CA  . TYR B 1 69 ? 12.501  1.306   10.668  1.00 18.27 ? 67  TYR B CA  1 
ATOM   1179 C  C   . TYR B 1 69 ? 11.661  1.906   9.547   1.00 18.17 ? 67  TYR B C   1 
ATOM   1180 O  O   . TYR B 1 69 ? 10.451  2.154   9.756   1.00 20.07 ? 67  TYR B O   1 
ATOM   1181 C  CB  . TYR B 1 69 ? 13.160  2.424   11.460  1.00 18.78 ? 67  TYR B CB  1 
ATOM   1182 C  CG  . TYR B 1 69 ? 13.801  1.936   12.755  1.00 18.68 ? 67  TYR B CG  1 
ATOM   1183 C  CD1 . TYR B 1 69 ? 13.105  1.080   13.604  1.00 20.23 ? 67  TYR B CD1 1 
ATOM   1184 C  CD2 . TYR B 1 69 ? 15.082  2.320   13.107  1.00 21.82 ? 67  TYR B CD2 1 
ATOM   1185 C  CE1 . TYR B 1 69 ? 13.669  0.632   14.779  1.00 20.01 ? 67  TYR B CE1 1 
ATOM   1186 C  CE2 . TYR B 1 69 ? 15.664  1.872   14.304  1.00 21.68 ? 67  TYR B CE2 1 
ATOM   1187 C  CZ  . TYR B 1 69 ? 14.933  1.022   15.119  1.00 23.73 ? 67  TYR B CZ  1 
ATOM   1188 O  OH  . TYR B 1 69 ? 15.436  0.545   16.294  1.00 24.44 ? 67  TYR B OH  1 
ATOM   1189 N  N   . LEU B 1 70 ? 12.280  2.186   8.395   1.00 17.49 ? 68  LEU B N   1 
ATOM   1190 C  CA  . LEU B 1 70 ? 11.519  2.658   7.246   1.00 18.53 ? 68  LEU B CA  1 
ATOM   1191 C  C   . LEU B 1 70 ? 10.423  1.664   6.864   1.00 18.03 ? 68  LEU B C   1 
ATOM   1192 O  O   . LEU B 1 70 ? 9.267   2.043   6.749   1.00 17.41 ? 68  LEU B O   1 
ATOM   1193 C  CB  . LEU B 1 70 ? 12.394  2.963   6.037   1.00 18.32 ? 68  LEU B CB  1 
ATOM   1194 C  CG  . LEU B 1 70 ? 13.159  4.263   6.083   1.00 20.91 ? 68  LEU B CG  1 
ATOM   1195 C  CD1 . LEU B 1 70 ? 14.302  4.191   5.047   1.00 21.56 ? 68  LEU B CD1 1 
ATOM   1196 C  CD2 . LEU B 1 70 ? 12.199  5.411   5.741   1.00 20.41 ? 68  LEU B CD2 1 
HETATM 1197 N  N   . MSE B 1 71 ? 10.782  0.395   6.691   1.00 17.92 ? 69  MSE B N   1 
HETATM 1198 C  CA  . MSE B 1 71 ? 9.736   -0.611  6.416   1.00 18.99 ? 69  MSE B CA  1 
HETATM 1199 C  C   . MSE B 1 71 ? 8.630   -0.685  7.479   1.00 18.63 ? 69  MSE B C   1 
HETATM 1200 O  O   . MSE B 1 71 ? 7.441   -0.774  7.129   1.00 17.80 ? 69  MSE B O   1 
HETATM 1201 C  CB  . MSE B 1 71 ? 10.360  -1.968  6.168   1.00 19.19 ? 69  MSE B CB  1 
HETATM 1202 C  CG  . MSE B 1 71 ? 11.163  -1.948  4.877   1.00 20.16 ? 69  MSE B CG  1 
HETATM 1203 SE SE  . MSE B 1 71 ? 11.771  -3.778  4.512   0.50 21.68 ? 69  MSE B SE  1 
HETATM 1204 C  CE  . MSE B 1 71 ? 10.290  -4.760  4.734   1.00 24.97 ? 69  MSE B CE  1 
ATOM   1205 N  N   . SER B 1 72 ? 9.001   -0.606  8.765   1.00 18.82 ? 70  SER B N   1 
ATOM   1206 C  CA  . SER B 1 72 ? 8.036   -0.661  9.851   1.00 18.54 ? 70  SER B CA  1 
ATOM   1207 C  C   . SER B 1 72 ? 7.008   0.471   9.738   1.00 18.74 ? 70  SER B C   1 
ATOM   1208 O  O   . SER B 1 72 ? 5.781   0.238   9.817   1.00 17.76 ? 70  SER B O   1 
ATOM   1209 C  CB  . SER B 1 72 ? 8.779   -0.606  11.210  1.00 19.68 ? 70  SER B CB  1 
ATOM   1210 O  OG  . SER B 1 72 ? 7.835   -0.662  12.269  1.00 22.88 ? 70  SER B OG  1 
ATOM   1211 N  N   . ALA B 1 73 ? 7.511   1.702   9.585   1.00 18.01 ? 71  ALA B N   1 
ATOM   1212 C  CA  . ALA B 1 73 ? 6.624   2.873   9.506   1.00 18.53 ? 71  ALA B CA  1 
ATOM   1213 C  C   . ALA B 1 73 ? 5.724   2.850   8.257   1.00 17.70 ? 71  ALA B C   1 
ATOM   1214 O  O   . ALA B 1 73 ? 4.516   3.125   8.342   1.00 18.10 ? 71  ALA B O   1 
ATOM   1215 C  CB  . ALA B 1 73 ? 7.452   4.166   9.574   1.00 18.34 ? 71  ALA B CB  1 
ATOM   1216 N  N   . LEU B 1 74 ? 6.322   2.507   7.107   1.00 17.00 ? 72  LEU B N   1 
ATOM   1217 C  CA  . LEU B 1 74 ? 5.612   2.443   5.836   1.00 17.04 ? 72  LEU B CA  1 
ATOM   1218 C  C   . LEU B 1 74 ? 4.519   1.369   5.911   1.00 18.26 ? 72  LEU B C   1 
ATOM   1219 O  O   . LEU B 1 74 ? 3.392   1.617   5.501   1.00 17.90 ? 72  LEU B O   1 
ATOM   1220 C  CB  . LEU B 1 74 ? 6.576   2.183   4.662   1.00 17.24 ? 72  LEU B CB  1 
ATOM   1221 C  CG  . LEU B 1 74 ? 7.455   3.442   4.356   1.00 13.96 ? 72  LEU B CG  1 
ATOM   1222 C  CD1 . LEU B 1 74 ? 8.643   2.977   3.509   1.00 15.28 ? 72  LEU B CD1 1 
ATOM   1223 C  CD2 . LEU B 1 74 ? 6.661   4.520   3.622   1.00 15.29 ? 72  LEU B CD2 1 
ATOM   1224 N  N   . ASN B 1 75 ? 4.865   0.186   6.442   1.00 18.48 ? 73  ASN B N   1 
ATOM   1225 C  CA  . ASN B 1 75 ? 3.851   -0.880  6.538   1.00 18.32 ? 73  ASN B CA  1 
ATOM   1226 C  C   . ASN B 1 75 ? 2.739   -0.508  7.501   1.00 19.51 ? 73  ASN B C   1 
ATOM   1227 O  O   . ASN B 1 75 ? 1.577   -0.795  7.242   1.00 19.93 ? 73  ASN B O   1 
ATOM   1228 C  CB  . ASN B 1 75 ? 4.503   -2.225  6.892   1.00 17.77 ? 73  ASN B CB  1 
ATOM   1229 C  CG  . ASN B 1 75 ? 5.137   -2.847  5.679   1.00 17.78 ? 73  ASN B CG  1 
ATOM   1230 O  OD1 . ASN B 1 75 ? 4.562   -2.758  4.578   1.00 20.49 ? 73  ASN B OD1 1 
ATOM   1231 N  ND2 . ASN B 1 75 ? 6.311   -3.460  5.846   1.00 18.89 ? 73  ASN B ND2 1 
ATOM   1232 N  N   . ASP B 1 76 ? 3.068   0.165   8.596   1.00 20.06 ? 74  ASP B N   1 
ATOM   1233 C  CA  A ASP B 1 76 ? 2.016   0.593   9.516   0.50 20.06 ? 74  ASP B CA  1 
ATOM   1234 C  CA  B ASP B 1 76 ? 2.027   0.630   9.525   0.50 19.88 ? 74  ASP B CA  1 
ATOM   1235 C  C   . ASP B 1 76 ? 1.060   1.590   8.831   1.00 19.59 ? 74  ASP B C   1 
ATOM   1236 O  O   . ASP B 1 76 ? -0.152  1.496   8.986   1.00 18.76 ? 74  ASP B O   1 
ATOM   1237 C  CB  A ASP B 1 76 ? 2.640   1.200   10.773  0.50 20.36 ? 74  ASP B CB  1 
ATOM   1238 C  CB  B ASP B 1 76 ? 2.663   1.357   10.708  0.50 20.09 ? 74  ASP B CB  1 
ATOM   1239 C  CG  A ASP B 1 76 ? 1.607   1.618   11.791  0.50 22.50 ? 74  ASP B CG  1 
ATOM   1240 C  CG  B ASP B 1 76 ? 3.120   0.417   11.795  0.50 20.94 ? 74  ASP B CG  1 
ATOM   1241 O  OD1 A ASP B 1 76 ? 1.158   0.763   12.589  0.50 23.06 ? 74  ASP B OD1 1 
ATOM   1242 O  OD1 B ASP B 1 76 ? 2.886   -0.797  11.679  0.50 23.56 ? 74  ASP B OD1 1 
ATOM   1243 O  OD2 A ASP B 1 76 ? 1.244   2.811   11.783  0.50 26.78 ? 74  ASP B OD2 1 
ATOM   1244 O  OD2 B ASP B 1 76 ? 3.718   0.895   12.772  0.50 25.46 ? 74  ASP B OD2 1 
ATOM   1245 N  N   . GLY B 1 77 ? 1.618   2.528   8.078   1.00 18.93 ? 75  GLY B N   1 
ATOM   1246 C  CA  . GLY B 1 77 ? 0.823   3.551   7.393   1.00 18.81 ? 75  GLY B CA  1 
ATOM   1247 C  C   . GLY B 1 77 ? -0.063  2.944   6.310   1.00 18.08 ? 75  GLY B C   1 
ATOM   1248 O  O   . GLY B 1 77 ? -1.234  3.306   6.168   1.00 18.12 ? 75  GLY B O   1 
ATOM   1249 N  N   . TYR B 1 78 ? 0.490   1.987   5.581   1.00 18.06 ? 76  TYR B N   1 
ATOM   1250 C  CA  . TYR B 1 78 ? -0.260  1.335   4.494   1.00 17.71 ? 76  TYR B CA  1 
ATOM   1251 C  C   . TYR B 1 78 ? -1.337  0.460   5.119   1.00 18.49 ? 76  TYR B C   1 
ATOM   1252 O  O   . TYR B 1 78 ? -2.487  0.401   4.635   1.00 17.41 ? 76  TYR B O   1 
ATOM   1253 C  CB  . TYR B 1 78 ? 0.706   0.524   3.620   1.00 18.57 ? 76  TYR B CB  1 
ATOM   1254 C  CG  . TYR B 1 78 ? -0.045  -0.310  2.646   1.00 22.07 ? 76  TYR B CG  1 
ATOM   1255 C  CD1 . TYR B 1 78 ? -0.625  0.277   1.540   1.00 18.48 ? 76  TYR B CD1 1 
ATOM   1256 C  CD2 . TYR B 1 78 ? -0.251  -1.678  2.867   1.00 22.47 ? 76  TYR B CD2 1 
ATOM   1257 C  CE1 . TYR B 1 78 ? -1.374  -0.488  0.604   1.00 20.79 ? 76  TYR B CE1 1 
ATOM   1258 C  CE2 . TYR B 1 78 ? -1.006  -2.444  1.947   1.00 21.07 ? 76  TYR B CE2 1 
ATOM   1259 C  CZ  . TYR B 1 78 ? -1.569  -1.832  0.835   1.00 20.93 ? 76  TYR B CZ  1 
ATOM   1260 O  OH  . TYR B 1 78 ? -2.304  -2.554  -0.086  1.00 21.17 ? 76  TYR B OH  1 
ATOM   1261 N  N   . LYS B 1 79 ? -0.983  -0.227  6.204   1.00 18.57 ? 77  LYS B N   1 
ATOM   1262 C  CA  . LYS B 1 79 ? -1.988  -1.010  6.942   1.00 21.01 ? 77  LYS B CA  1 
ATOM   1263 C  C   . LYS B 1 79 ? -3.185  -0.131  7.317   1.00 21.22 ? 77  LYS B C   1 
ATOM   1264 O  O   . LYS B 1 79 ? -4.320  -0.546  7.190   1.00 21.47 ? 77  LYS B O   1 
ATOM   1265 C  CB  . LYS B 1 79 ? -1.368  -1.671  8.189   1.00 21.17 ? 77  LYS B CB  1 
ATOM   1266 C  CG  . LYS B 1 79 ? -2.355  -2.562  8.977   1.00 24.88 ? 77  LYS B CG  1 
ATOM   1267 C  CD  . LYS B 1 79 ? -1.591  -3.376  10.020  1.00 31.30 ? 77  LYS B CD  1 
ATOM   1268 C  CE  . LYS B 1 79 ? -2.488  -4.361  10.747  1.00 35.76 ? 77  LYS B CE  1 
ATOM   1269 N  NZ  . LYS B 1 79 ? -1.820  -4.806  12.012  1.00 40.14 ? 77  LYS B NZ  1 
ATOM   1270 N  N   . ALA B 1 80 ? -2.918  1.091   7.767   1.00 21.82 ? 78  ALA B N   1 
ATOM   1271 C  CA  . ALA B 1 80 ? -3.973  2.020   8.151   1.00 21.84 ? 78  ALA B CA  1 
ATOM   1272 C  C   . ALA B 1 80 ? -4.847  2.376   6.952   1.00 23.72 ? 78  ALA B C   1 
ATOM   1273 O  O   . ALA B 1 80 ? -6.081  2.348   7.066   1.00 24.15 ? 78  ALA B O   1 
ATOM   1274 C  CB  . ALA B 1 80 ? -3.376  3.274   8.824   1.00 21.91 ? 78  ALA B CB  1 
ATOM   1275 N  N   . VAL B 1 81 ? -4.221  2.664   5.797   1.00 21.56 ? 79  VAL B N   1 
ATOM   1276 C  CA  . VAL B 1 81 ? -4.969  2.981   4.571   1.00 22.25 ? 79  VAL B CA  1 
ATOM   1277 C  C   . VAL B 1 81 ? -5.876  1.808   4.196   1.00 22.29 ? 79  VAL B C   1 
ATOM   1278 O  O   . VAL B 1 81 ? -7.035  1.996   3.858   1.00 23.85 ? 79  VAL B O   1 
ATOM   1279 C  CB  . VAL B 1 81 ? -4.020  3.295   3.379   1.00 21.58 ? 79  VAL B CB  1 
ATOM   1280 C  CG1 . VAL B 1 81 ? -4.795  3.387   2.061   1.00 23.03 ? 79  VAL B CG1 1 
ATOM   1281 C  CG2 . VAL B 1 81 ? -3.126  4.579   3.653   1.00 22.27 ? 79  VAL B CG2 1 
ATOM   1282 N  N   . GLU B 1 82 ? -5.335  0.604   4.253   1.00 23.23 ? 80  GLU B N   1 
ATOM   1283 C  CA  . GLU B 1 82 ? -6.059  -0.594  3.871   1.00 24.26 ? 80  GLU B CA  1 
ATOM   1284 C  C   . GLU B 1 82 ? -7.205  -0.930  4.822   1.00 25.74 ? 80  GLU B C   1 
ATOM   1285 O  O   . GLU B 1 82 ? -8.290  -1.284  4.367   1.00 26.16 ? 80  GLU B O   1 
ATOM   1286 C  CB  . GLU B 1 82 ? -5.090  -1.735  3.804   1.00 24.50 ? 80  GLU B CB  1 
ATOM   1287 C  CG  . GLU B 1 82 ? -4.350  -1.662  2.485   1.00 23.30 ? 80  GLU B CG  1 
ATOM   1288 C  CD  . GLU B 1 82 ? -5.189  -2.267  1.420   1.00 27.06 ? 80  GLU B CD  1 
ATOM   1289 O  OE1 . GLU B 1 82 ? -5.459  -3.503  1.555   1.00 24.96 ? 80  GLU B OE1 1 
ATOM   1290 O  OE2 . GLU B 1 82 ? -5.590  -1.506  0.499   1.00 25.48 ? 80  GLU B OE2 1 
ATOM   1291 N  N   . GLU B 1 83 ? -6.958  -0.799  6.115   1.00 26.50 ? 81  GLU B N   1 
ATOM   1292 C  CA  A GLU B 1 83 ? -7.989  -1.071  7.134   0.50 28.00 ? 81  GLU B CA  1 
ATOM   1293 C  CA  B GLU B 1 83 ? -7.996  -1.083  7.118   0.50 27.89 ? 81  GLU B CA  1 
ATOM   1294 C  C   . GLU B 1 83 ? -9.159  -0.127  6.932   1.00 27.89 ? 81  GLU B C   1 
ATOM   1295 O  O   . GLU B 1 83 ? -10.327 -0.534  7.015   1.00 27.86 ? 81  GLU B O   1 
ATOM   1296 C  CB  A GLU B 1 83 ? -7.421  -0.910  8.540   0.50 28.29 ? 81  GLU B CB  1 
ATOM   1297 C  CB  B GLU B 1 83 ? -7.436  -0.957  8.522   0.50 28.12 ? 81  GLU B CB  1 
ATOM   1298 C  CG  A GLU B 1 83 ? -6.801  -2.181  9.098   0.50 31.02 ? 81  GLU B CG  1 
ATOM   1299 C  CG  B GLU B 1 83 ? -6.468  -2.059  8.900   0.50 30.24 ? 81  GLU B CG  1 
ATOM   1300 C  CD  A GLU B 1 83 ? -7.821  -3.298  9.239   0.50 32.79 ? 81  GLU B CD  1 
ATOM   1301 C  CD  B GLU B 1 83 ? -5.974  -1.898  10.310  0.50 32.03 ? 81  GLU B CD  1 
ATOM   1302 O  OE1 A GLU B 1 83 ? -8.980  -2.998  9.577   0.50 34.95 ? 81  GLU B OE1 1 
ATOM   1303 O  OE1 B GLU B 1 83 ? -6.297  -0.856  10.909  0.50 33.51 ? 81  GLU B OE1 1 
ATOM   1304 O  OE2 A GLU B 1 83 ? -7.471  -4.470  9.011   0.50 35.48 ? 81  GLU B OE2 1 
ATOM   1305 O  OE2 B GLU B 1 83 ? -5.273  -2.797  10.823  0.50 32.66 ? 81  GLU B OE2 1 
ATOM   1306 N  N   . ASN B 1 84 ? -8.841  1.135   6.655   1.00 28.11 ? 82  ASN B N   1 
ATOM   1307 C  CA  . ASN B 1 84 ? -9.847  2.144   6.354   1.00 29.52 ? 82  ASN B CA  1 
ATOM   1308 C  C   . ASN B 1 84 ? -10.686 1.788   5.127   1.00 29.57 ? 82  ASN B C   1 
ATOM   1309 O  O   . ASN B 1 84 ? -11.923 1.880   5.178   1.00 29.17 ? 82  ASN B O   1 
ATOM   1310 C  CB  . ASN B 1 84 ? -9.186  3.518   6.190   1.00 29.98 ? 82  ASN B CB  1 
ATOM   1311 C  CG  . ASN B 1 84 ? -10.174 4.624   5.950   1.00 33.76 ? 82  ASN B CG  1 
ATOM   1312 O  OD1 . ASN B 1 84 ? -10.202 5.223   4.875   1.00 39.08 ? 82  ASN B OD1 1 
ATOM   1313 N  ND2 . ASN B 1 84 ? -10.988 4.922   6.955   1.00 35.25 ? 82  ASN B ND2 1 
ATOM   1314 N  N   . ARG B 1 85 ? -10.017 1.398   4.031   1.00 28.23 ? 83  ARG B N   1 
ATOM   1315 C  CA  . ARG B 1 85 ? -10.692 0.918   2.823   1.00 29.07 ? 83  ARG B CA  1 
ATOM   1316 C  C   . ARG B 1 85 ? -11.647 -0.228  3.153   1.00 28.85 ? 83  ARG B C   1 
ATOM   1317 O  O   . ARG B 1 85 ? -12.795 -0.226  2.735   1.00 29.77 ? 83  ARG B O   1 
ATOM   1318 C  CB  . ARG B 1 85 ? -9.656  0.400   1.797   1.00 28.01 ? 83  ARG B CB  1 
ATOM   1319 C  CG  . ARG B 1 85 ? -8.987  1.472   0.987   1.00 28.35 ? 83  ARG B CG  1 
ATOM   1320 C  CD  . ARG B 1 85 ? -7.741  0.911   0.255   1.00 27.17 ? 83  ARG B CD  1 
ATOM   1321 N  NE  . ARG B 1 85 ? -7.085  1.994   -0.511  1.00 25.33 ? 83  ARG B NE  1 
ATOM   1322 C  CZ  . ARG B 1 85 ? -5.832  1.956   -0.970  1.00 26.31 ? 83  ARG B CZ  1 
ATOM   1323 N  NH1 . ARG B 1 85 ? -5.041  0.925   -0.688  1.00 25.66 ? 83  ARG B NH1 1 
ATOM   1324 N  NH2 . ARG B 1 85 ? -5.335  3.000   -1.645  1.00 27.27 ? 83  ARG B NH2 1 
ATOM   1325 N  N   . LYS B 1 86 ? -11.157 -1.213  3.899   1.00 29.34 ? 84  LYS B N   1 
ATOM   1326 C  CA  . LYS B 1 86 ? -11.913 -2.445  4.156   1.00 29.79 ? 84  LYS B CA  1 
ATOM   1327 C  C   . LYS B 1 86 ? -13.080 -2.155  5.107   1.00 29.99 ? 84  LYS B C   1 
ATOM   1328 O  O   . LYS B 1 86 ? -14.187 -2.647  4.904   1.00 29.99 ? 84  LYS B O   1 
ATOM   1329 C  CB  . LYS B 1 86 ? -11.011 -3.505  4.793   1.00 29.24 ? 84  LYS B CB  1 
ATOM   1330 C  CG  . LYS B 1 86 ? -9.957  -4.116  3.844   1.00 31.12 ? 84  LYS B CG  1 
ATOM   1331 C  CD  . LYS B 1 86 ? -8.865  -4.833  4.628   1.00 31.54 ? 84  LYS B CD  1 
ATOM   1332 C  CE  . LYS B 1 86 ? -7.927  -5.571  3.663   1.00 35.18 ? 84  LYS B CE  1 
ATOM   1333 N  NZ  . LYS B 1 86 ? -6.975  -6.497  4.381   1.00 35.49 ? 84  LYS B NZ  1 
ATOM   1334 N  N   . ASN B 1 87 ? -12.821 -1.338  6.121   1.00 30.83 ? 85  ASN B N   1 
ATOM   1335 C  CA  . ASN B 1 87 ? -13.823 -1.057  7.174   1.00 32.69 ? 85  ASN B CA  1 
ATOM   1336 C  C   . ASN B 1 87 ? -14.968 -0.212  6.671   1.00 33.44 ? 85  ASN B C   1 
ATOM   1337 O  O   . ASN B 1 87 ? -16.126 -0.448  7.042   1.00 33.32 ? 85  ASN B O   1 
ATOM   1338 C  CB  . ASN B 1 87 ? -13.164 -0.446  8.419   1.00 33.35 ? 85  ASN B CB  1 
ATOM   1339 C  CG  . ASN B 1 87 ? -12.298 -1.464  9.154   1.00 36.26 ? 85  ASN B CG  1 
ATOM   1340 O  OD1 . ASN B 1 87 ? -12.479 -2.661  8.959   1.00 41.64 ? 85  ASN B OD1 1 
ATOM   1341 N  ND2 . ASN B 1 87 ? -11.360 -1.009  9.981   1.00 38.02 ? 85  ASN B ND2 1 
ATOM   1342 N  N   . LEU B 1 88 ? -14.665 0.746   5.798   1.00 34.18 ? 86  LEU B N   1 
ATOM   1343 C  CA  . LEU B 1 88 ? -15.711 1.561   5.187   1.00 35.99 ? 86  LEU B CA  1 
ATOM   1344 C  C   . LEU B 1 88 ? -16.558 0.733   4.222   1.00 37.05 ? 86  LEU B C   1 
ATOM   1345 O  O   . LEU B 1 88 ? -17.765 0.950   4.112   1.00 37.66 ? 86  LEU B O   1 
ATOM   1346 C  CB  . LEU B 1 88 ? -15.124 2.805   4.514   1.00 35.90 ? 86  LEU B CB  1 
ATOM   1347 C  CG  . LEU B 1 88 ? -14.519 3.809   5.504   1.00 37.31 ? 86  LEU B CG  1 
ATOM   1348 C  CD1 . LEU B 1 88 ? -13.623 4.821   4.795   1.00 39.46 ? 86  LEU B CD1 1 
ATOM   1349 C  CD2 . LEU B 1 88 ? -15.597 4.520   6.336   1.00 37.87 ? 86  LEU B CD2 1 
ATOM   1350 N  N   . ALA B 1 89 ? -15.923 -0.220  3.540   1.00 37.66 ? 87  ALA B N   1 
ATOM   1351 C  CA  . ALA B 1 89 ? -16.625 -1.155  2.652   1.00 38.23 ? 87  ALA B CA  1 
ATOM   1352 C  C   . ALA B 1 89 ? -17.504 -2.154  3.427   1.00 38.88 ? 87  ALA B C   1 
ATOM   1353 O  O   . ALA B 1 89 ? -18.618 -2.497  2.981   1.00 38.60 ? 87  ALA B O   1 
ATOM   1354 C  CB  . ALA B 1 89 ? -15.617 -1.904  1.773   1.00 38.03 ? 87  ALA B CB  1 
ATOM   1355 N  N   . PHE B 1 90 ? -17.003 -2.628  4.568   1.00 39.02 ? 88  PHE B N   1 
ATOM   1356 C  CA  . PHE B 1 90 ? -17.732 -3.590  5.408   1.00 40.77 ? 88  PHE B CA  1 
ATOM   1357 C  C   . PHE B 1 90 ? -19.044 -2.968  5.901   1.00 42.24 ? 88  PHE B C   1 
ATOM   1358 O  O   . PHE B 1 90 ? -20.096 -3.633  5.935   1.00 41.88 ? 88  PHE B O   1 
ATOM   1359 C  CB  . PHE B 1 90 ? -16.864 -4.029  6.597   1.00 40.12 ? 88  PHE B CB  1 
ATOM   1360 C  CG  . PHE B 1 90 ? -17.553 -4.998  7.540   1.00 38.87 ? 88  PHE B CG  1 
ATOM   1361 C  CD1 . PHE B 1 90 ? -17.267 -6.357  7.485   1.00 37.19 ? 88  PHE B CD1 1 
ATOM   1362 C  CD2 . PHE B 1 90 ? -18.476 -4.544  8.482   1.00 38.48 ? 88  PHE B CD2 1 
ATOM   1363 C  CE1 . PHE B 1 90 ? -17.890 -7.259  8.348   1.00 36.30 ? 88  PHE B CE1 1 
ATOM   1364 C  CE2 . PHE B 1 90 ? -19.115 -5.432  9.346   1.00 37.37 ? 88  PHE B CE2 1 
ATOM   1365 C  CZ  . PHE B 1 90 ? -18.810 -6.788  9.284   1.00 37.61 ? 88  PHE B CZ  1 
ATOM   1366 N  N   . ASN B 1 91 ? -18.963 -1.694  6.282   1.00 44.00 ? 89  ASN B N   1 
ATOM   1367 C  CA  . ASN B 1 91 ? -20.098 -0.973  6.845   1.00 45.97 ? 89  ASN B CA  1 
ATOM   1368 C  C   . ASN B 1 91 ? -21.133 -0.553  5.812   1.00 47.01 ? 89  ASN B C   1 
ATOM   1369 O  O   . ASN B 1 91 ? -22.335 -0.655  6.063   1.00 47.29 ? 89  ASN B O   1 
ATOM   1370 C  CB  . ASN B 1 91 ? -19.626 0.254   7.629   1.00 46.21 ? 89  ASN B CB  1 
ATOM   1371 C  CG  . ASN B 1 91 ? -18.887 -0.111  8.902   1.00 47.26 ? 89  ASN B CG  1 
ATOM   1372 O  OD1 . ASN B 1 91 ? -18.037 0.640   9.371   1.00 49.70 ? 89  ASN B OD1 1 
ATOM   1373 N  ND2 . ASN B 1 91 ? -19.202 -1.268  9.464   1.00 48.45 ? 89  ASN B ND2 1 
HETATM 1374 N  N   . MSE B 1 92 ? -20.667 -0.066  4.665   1.00 48.32 ? 90  MSE B N   1 
HETATM 1375 C  CA  . MSE B 1 92 ? -21.555 0.432   3.613   1.00 49.21 ? 90  MSE B CA  1 
HETATM 1376 C  C   . MSE B 1 92 ? -22.638 -0.597  3.243   1.00 49.89 ? 90  MSE B C   1 
HETATM 1377 O  O   . MSE B 1 92 ? -23.817 -0.237  3.107   1.00 50.16 ? 90  MSE B O   1 
HETATM 1378 C  CB  . MSE B 1 92 ? -20.741 0.876   2.374   1.00 49.21 ? 90  MSE B CB  1 
ATOM   1379 N  N   . LEU B 1 93 ? -22.244 -1.868  3.107   1.00 50.45 ? 91  LEU B N   1 
ATOM   1380 C  CA  . LEU B 1 93 ? -23.199 -2.963  2.867   1.00 50.77 ? 91  LEU B CA  1 
ATOM   1381 C  C   . LEU B 1 93 ? -22.833 -4.275  3.563   1.00 50.69 ? 91  LEU B C   1 
ATOM   1382 O  O   . LEU B 1 93 ? -23.576 -5.263  3.473   1.00 50.74 ? 91  LEU B O   1 
ATOM   1383 C  CB  . LEU B 1 93 ? -23.408 -3.195  1.361   1.00 50.98 ? 91  LEU B CB  1 
HETATM 1384 C  C1  . EDO C 2 .  ? 22.443  11.240  -6.106  1.00 56.57 ? 101 EDO A C1  1 
HETATM 1385 O  O1  . EDO C 2 .  ? 22.809  12.012  -4.964  1.00 56.05 ? 101 EDO A O1  1 
HETATM 1386 C  C2  . EDO C 2 .  ? 21.485  12.027  -6.989  1.00 56.80 ? 101 EDO A C2  1 
HETATM 1387 O  O2  . EDO C 2 .  ? 21.585  13.432  -6.735  1.00 57.57 ? 101 EDO A O2  1 
HETATM 1388 C  C1  . EDO D 2 .  ? -2.868  -4.802  4.891   1.00 48.58 ? 103 EDO A C1  1 
HETATM 1389 O  O1  . EDO D 2 .  ? -2.272  -5.763  4.009   1.00 50.60 ? 103 EDO A O1  1 
HETATM 1390 C  C2  . EDO D 2 .  ? -1.748  -4.147  5.692   1.00 48.98 ? 103 EDO A C2  1 
HETATM 1391 O  O2  . EDO D 2 .  ? -0.727  -5.087  6.089   1.00 49.66 ? 103 EDO A O2  1 
HETATM 1392 C  C1  . EDO E 2 .  ? -2.391  4.210   -4.423  1.00 44.29 ? 102 EDO B C1  1 
HETATM 1393 O  O1  . EDO E 2 .  ? -3.191  4.431   -5.597  1.00 42.93 ? 102 EDO B O1  1 
HETATM 1394 C  C2  . EDO E 2 .  ? -1.406  5.367   -4.230  1.00 42.84 ? 102 EDO B C2  1 
HETATM 1395 O  O2  . EDO E 2 .  ? -1.066  5.973   -5.502  1.00 43.55 ? 102 EDO B O2  1 
HETATM 1396 C  C1  . EDO F 2 .  ? 1.429   12.222  -4.436  1.00 48.12 ? 101 EDO B C1  1 
HETATM 1397 O  O1  . EDO F 2 .  ? 0.046   11.968  -4.167  1.00 50.33 ? 101 EDO B O1  1 
HETATM 1398 C  C2  . EDO F 2 .  ? 2.286   11.545  -3.380  1.00 46.20 ? 101 EDO B C2  1 
HETATM 1399 O  O2  . EDO F 2 .  ? 3.371   12.393  -2.936  1.00 45.64 ? 101 EDO B O2  1 
HETATM 1400 O  O   . HOH G 3 .  ? -2.984  -1.461  -2.634  1.00 20.11 ? 98  HOH A O   1 
HETATM 1401 O  O   . HOH G 3 .  ? -6.420  -2.654  -2.205  1.00 21.66 ? 99  HOH A O   1 
HETATM 1402 O  O   . HOH G 3 .  ? 0.730   -10.767 5.106   1.00 49.14 ? 100 HOH A O   1 
HETATM 1403 O  O   . HOH G 3 .  ? 13.411  -7.064  4.328   0.50 24.44 ? 102 HOH A O   1 
HETATM 1404 O  O   . HOH G 3 .  ? 15.664  -6.670  3.806   0.50 21.02 ? 104 HOH A O   1 
HETATM 1405 O  O   . HOH G 3 .  ? -34.556 -19.386 -7.739  1.00 41.68 ? 105 HOH A O   1 
HETATM 1406 O  O   . HOH G 3 .  ? -6.887  -8.518  -13.181 1.00 28.67 ? 106 HOH A O   1 
HETATM 1407 O  O   . HOH G 3 .  ? 3.135   -20.867 -1.765  1.00 29.61 ? 107 HOH A O   1 
HETATM 1408 O  O   . HOH G 3 .  ? -13.196 -9.622  -16.758 1.00 18.36 ? 108 HOH A O   1 
HETATM 1409 O  O   . HOH G 3 .  ? -26.879 -20.314 1.340   1.00 21.86 ? 109 HOH A O   1 
HETATM 1410 O  O   . HOH G 3 .  ? -6.051  -15.914 1.728   1.00 41.25 ? 110 HOH A O   1 
HETATM 1411 O  O   . HOH G 3 .  ? -1.618  -7.155  -6.430  1.00 26.50 ? 111 HOH A O   1 
HETATM 1412 O  O   . HOH G 3 .  ? 7.053   -2.254  -6.558  1.00 32.89 ? 112 HOH A O   1 
HETATM 1413 O  O   . HOH G 3 .  ? 8.625   -6.337  -10.417 1.00 37.74 ? 113 HOH A O   1 
HETATM 1414 O  O   . HOH G 3 .  ? 15.490  -9.817  -0.482  1.00 27.32 ? 114 HOH A O   1 
HETATM 1415 O  O   . HOH G 3 .  ? 13.942  -4.201  -3.419  1.00 24.60 ? 115 HOH A O   1 
HETATM 1416 O  O   . HOH G 3 .  ? 14.344  15.217  0.579   1.00 27.11 ? 116 HOH A O   1 
HETATM 1417 O  O   . HOH G 3 .  ? 7.133   10.930  -4.681  1.00 27.66 ? 117 HOH A O   1 
HETATM 1418 O  O   . HOH G 3 .  ? 16.181  -4.332  4.148   1.00 35.46 ? 118 HOH A O   1 
HETATM 1419 O  O   . HOH G 3 .  ? -1.414  -16.892 2.081   1.00 43.22 ? 119 HOH A O   1 
HETATM 1420 O  O   . HOH G 3 .  ? 4.028   5.593   -11.118 1.00 43.56 ? 120 HOH A O   1 
HETATM 1421 O  O   . HOH G 3 .  ? 6.616   -12.773 -7.926  1.00 28.74 ? 121 HOH A O   1 
HETATM 1422 O  O   . HOH G 3 .  ? -3.833  -13.023 -8.151  1.00 50.64 ? 122 HOH A O   1 
HETATM 1423 O  O   . HOH G 3 .  ? 3.505   2.819   -10.792 1.00 25.22 ? 123 HOH A O   1 
HETATM 1424 O  O   . HOH G 3 .  ? -3.593  -5.589  1.821   1.00 30.62 ? 124 HOH A O   1 
HETATM 1425 O  O   . HOH G 3 .  ? 25.890  1.059   5.108   1.00 24.38 ? 125 HOH A O   1 
HETATM 1426 O  O   . HOH G 3 .  ? -23.428 -16.824 3.393   1.00 53.17 ? 126 HOH A O   1 
HETATM 1427 O  O   . HOH G 3 .  ? -19.138 -9.769  -15.087 1.00 46.03 ? 127 HOH A O   1 
HETATM 1428 O  O   . HOH G 3 .  ? 3.076   -7.536  -6.494  1.00 35.04 ? 128 HOH A O   1 
HETATM 1429 O  O   . HOH G 3 .  ? -3.124  3.185   -8.381  1.00 29.20 ? 129 HOH A O   1 
HETATM 1430 O  O   . HOH G 3 .  ? 22.716  14.203  4.251   1.00 27.55 ? 130 HOH A O   1 
HETATM 1431 O  O   . HOH G 3 .  ? 0.900   -6.371  -7.411  1.00 38.30 ? 131 HOH A O   1 
HETATM 1432 O  O   . HOH G 3 .  ? 9.851   11.853  -4.836  1.00 30.64 ? 132 HOH A O   1 
HETATM 1433 O  O   . HOH G 3 .  ? 22.862  1.495   -9.187  1.00 46.00 ? 133 HOH A O   1 
HETATM 1434 O  O   . HOH G 3 .  ? -0.160  -16.311 4.226   1.00 62.98 ? 134 HOH A O   1 
HETATM 1435 O  O   . HOH G 3 .  ? 5.978   -6.899  5.127   1.00 38.65 ? 135 HOH A O   1 
HETATM 1436 O  O   . HOH G 3 .  ? -1.528  -11.685 5.164   1.00 53.04 ? 136 HOH A O   1 
HETATM 1437 O  O   . HOH G 3 .  ? 5.218   -14.996 -0.263  1.00 37.77 ? 137 HOH A O   1 
HETATM 1438 O  O   . HOH G 3 .  ? 16.945  16.996  7.375   1.00 33.22 ? 138 HOH A O   1 
HETATM 1439 O  O   . HOH G 3 .  ? 1.285   -22.701 -3.365  1.00 50.75 ? 139 HOH A O   1 
HETATM 1440 O  O   . HOH G 3 .  ? 25.295  -0.181  -0.736  1.00 35.46 ? 140 HOH A O   1 
HETATM 1441 O  O   . HOH G 3 .  ? 2.905   10.293  -6.238  1.00 45.20 ? 141 HOH A O   1 
HETATM 1442 O  O   . HOH G 3 .  ? 16.244  3.871   -11.489 1.00 32.42 ? 142 HOH A O   1 
HETATM 1443 O  O   . HOH G 3 .  ? 1.494   -18.791 -5.294  1.00 28.40 ? 143 HOH A O   1 
HETATM 1444 O  O   . HOH G 3 .  ? -3.328  -6.059  -13.547 1.00 45.04 ? 144 HOH A O   1 
HETATM 1445 O  O   . HOH G 3 .  ? -7.979  -8.803  1.756   1.00 34.33 ? 145 HOH A O   1 
HETATM 1446 O  O   . HOH G 3 .  ? 28.392  6.154   2.214   1.00 35.64 ? 146 HOH A O   1 
HETATM 1447 O  O   . HOH G 3 .  ? 10.396  6.151   -9.597  1.00 40.30 ? 147 HOH A O   1 
HETATM 1448 O  O   . HOH G 3 .  ? 5.888   -11.478 1.010   1.00 31.62 ? 148 HOH A O   1 
HETATM 1449 O  O   . HOH G 3 .  ? -4.660  -7.413  -11.746 1.00 33.33 ? 149 HOH A O   1 
HETATM 1450 O  O   . HOH G 3 .  ? -0.829  0.130   -2.937  1.00 25.16 ? 150 HOH A O   1 
HETATM 1451 O  O   . HOH G 3 .  ? 21.043  16.102  1.653   1.00 33.32 ? 151 HOH A O   1 
HETATM 1452 O  O   . HOH G 3 .  ? 12.471  -2.937  -11.064 1.00 48.39 ? 152 HOH A O   1 
HETATM 1453 O  O   . HOH G 3 .  ? -3.521  -12.622 3.259   1.00 43.35 ? 153 HOH A O   1 
HETATM 1454 O  O   . HOH G 3 .  ? 0.053   -2.451  -11.944 1.00 41.11 ? 154 HOH A O   1 
HETATM 1455 O  O   . HOH G 3 .  ? 6.578   7.951   -8.193  1.00 37.90 ? 155 HOH A O   1 
HETATM 1456 O  O   . HOH G 3 .  ? 6.653   -0.347  -10.940 1.00 48.73 ? 156 HOH A O   1 
HETATM 1457 O  O   . HOH G 3 .  ? 11.274  0.374   -11.517 1.00 30.56 ? 157 HOH A O   1 
HETATM 1458 O  O   . HOH G 3 .  ? -15.293 -20.329 -5.605  1.00 44.91 ? 158 HOH A O   1 
HETATM 1459 O  O   . HOH G 3 .  ? 0.484   -16.732 -0.095  1.00 37.20 ? 159 HOH A O   1 
HETATM 1460 O  O   . HOH G 3 .  ? 5.819   -12.886 -1.140  1.00 39.18 ? 160 HOH A O   1 
HETATM 1461 O  O   . HOH G 3 .  ? -7.778  -19.677 0.166   1.00 44.01 ? 161 HOH A O   1 
HETATM 1462 O  O   . HOH G 3 .  ? 24.817  12.617  4.978   1.00 37.06 ? 162 HOH A O   1 
HETATM 1463 O  O   . HOH G 3 .  ? 17.928  -7.359  0.267   1.00 37.66 ? 163 HOH A O   1 
HETATM 1464 O  O   . HOH G 3 .  ? -24.067 -19.222 3.619   1.00 48.47 ? 164 HOH A O   1 
HETATM 1465 O  O   . HOH G 3 .  ? 1.946   -4.736  7.356   1.00 40.63 ? 165 HOH A O   1 
HETATM 1466 O  O   . HOH G 3 .  ? 9.938   3.193   -10.035 1.00 40.83 ? 166 HOH A O   1 
HETATM 1467 O  O   . HOH G 3 .  ? 2.733   -16.950 0.825   1.00 43.80 ? 167 HOH A O   1 
HETATM 1468 O  O   . HOH G 3 .  ? 20.862  -1.676  0.737   1.00 41.88 ? 168 HOH A O   1 
HETATM 1469 O  O   . HOH G 3 .  ? 4.132   7.119   -8.890  1.00 36.43 ? 169 HOH A O   1 
HETATM 1470 O  O   . HOH G 3 .  ? -3.571  -1.882  -15.694 1.00 35.18 ? 170 HOH A O   1 
HETATM 1471 O  O   . HOH G 3 .  ? 1.012   -11.130 8.227   1.00 53.74 ? 171 HOH A O   1 
HETATM 1472 O  O   . HOH G 3 .  ? -16.444 -19.366 1.455   1.00 30.90 ? 172 HOH A O   1 
HETATM 1473 O  O   . HOH G 3 .  ? 7.852   10.189  -8.633  1.00 49.89 ? 173 HOH A O   1 
HETATM 1474 O  O   . HOH G 3 .  ? 5.895   10.037  -6.915  1.00 42.08 ? 174 HOH A O   1 
HETATM 1475 O  O   . HOH G 3 .  ? 10.957  -10.891 -7.694  1.00 39.58 ? 175 HOH A O   1 
HETATM 1476 O  O   . HOH G 3 .  ? -24.365 -21.256 1.333   1.00 38.43 ? 176 HOH A O   1 
HETATM 1477 O  O   . HOH G 3 .  ? 1.467   1.909   -12.205 1.00 37.54 ? 177 HOH A O   1 
HETATM 1478 O  O   . HOH G 3 .  ? 9.615   -9.249  3.954   1.00 40.65 ? 178 HOH A O   1 
HETATM 1479 O  O   . HOH G 3 .  ? -6.943  0.514   -13.599 1.00 51.53 ? 179 HOH A O   1 
HETATM 1480 O  O   . HOH G 3 .  ? 0.019   -9.260  -7.261  1.00 40.33 ? 180 HOH A O   1 
HETATM 1481 O  O   . HOH G 3 .  ? 19.805  -0.522  -4.311  1.00 35.69 ? 181 HOH A O   1 
HETATM 1482 O  O   . HOH G 3 .  ? 23.763  16.154  2.587   1.00 40.30 ? 182 HOH A O   1 
HETATM 1483 O  O   . HOH G 3 .  ? 14.320  14.379  7.063   1.00 34.67 ? 183 HOH A O   1 
HETATM 1484 O  O   . HOH G 3 .  ? 9.764   -8.285  -9.172  1.00 45.91 ? 184 HOH A O   1 
HETATM 1485 O  O   . HOH G 3 .  ? 12.688  -10.116 -6.038  1.00 32.00 ? 185 HOH A O   1 
HETATM 1486 O  O   . HOH G 3 .  ? 20.855  17.453  -2.197  1.00 43.83 ? 186 HOH A O   1 
HETATM 1487 O  O   . HOH H 3 .  ? -5.969  5.153   11.075  1.00 38.43 ? 98  HOH B O   1 
HETATM 1488 O  O   . HOH H 3 .  ? 3.275   5.916   14.812  1.00 37.40 ? 99  HOH B O   1 
HETATM 1489 O  O   . HOH H 3 .  ? 10.522  -3.638  9.621   1.00 20.37 ? 100 HOH B O   1 
HETATM 1490 O  O   . HOH H 3 .  ? 12.282  12.288  11.487  1.00 35.02 ? 103 HOH B O   1 
HETATM 1491 O  O   . HOH H 3 .  ? 5.715   13.264  -3.801  1.00 45.34 ? 104 HOH B O   1 
HETATM 1492 O  O   . HOH H 3 .  ? 8.151   -4.149  8.168   1.00 26.78 ? 105 HOH B O   1 
HETATM 1493 O  O   . HOH H 3 .  ? 3.527   -1.093  2.706   1.00 20.36 ? 106 HOH B O   1 
HETATM 1494 O  O   . HOH H 3 .  ? 5.538   12.078  7.973   1.00 28.22 ? 107 HOH B O   1 
HETATM 1495 O  O   . HOH H 3 .  ? -5.130  6.299   6.858   1.00 46.73 ? 108 HOH B O   1 
HETATM 1496 O  O   . HOH H 3 .  ? 18.662  1.403   16.115  1.00 52.82 ? 109 HOH B O   1 
HETATM 1497 O  O   . HOH H 3 .  ? 17.783  14.998  11.038  1.00 21.45 ? 111 HOH B O   1 
HETATM 1498 O  O   . HOH H 3 .  ? 4.879   -2.270  10.524  1.00 27.80 ? 112 HOH B O   1 
HETATM 1499 O  O   . HOH H 3 .  ? -13.786 1.768   1.408   1.00 28.14 ? 113 HOH B O   1 
HETATM 1500 O  O   . HOH H 3 .  ? 13.035  11.344  17.199  0.50 29.47 ? 114 HOH B O   1 
HETATM 1501 O  O   . HOH H 3 .  ? 23.998  12.356  13.115  0.50 24.35 ? 115 HOH B O   1 
HETATM 1502 O  O   . HOH H 3 .  ? -4.593  0.678   11.299  1.00 58.19 ? 116 HOH B O   1 
HETATM 1503 O  O   . HOH H 3 .  ? -1.750  10.916  11.962  1.00 34.31 ? 117 HOH B O   1 
HETATM 1504 O  O   . HOH H 3 .  ? 20.964  5.736   16.326  1.00 66.35 ? 118 HOH B O   1 
HETATM 1505 O  O   . HOH H 3 .  ? -1.391  0.445   11.049  1.00 37.13 ? 119 HOH B O   1 
HETATM 1506 O  O   . HOH H 3 .  ? 3.853   15.241  -0.885  1.00 37.59 ? 120 HOH B O   1 
HETATM 1507 O  O   . HOH H 3 .  ? 6.880   -6.685  11.027  1.00 33.36 ? 121 HOH B O   1 
HETATM 1508 O  O   . HOH H 3 .  ? -7.992  4.640   3.008   1.00 25.97 ? 122 HOH B O   1 
HETATM 1509 O  O   . HOH H 3 .  ? 26.929  8.735   6.933   1.00 50.97 ? 123 HOH B O   1 
HETATM 1510 O  O   . HOH H 3 .  ? 23.157  -1.719  -1.162  1.00 48.31 ? 124 HOH B O   1 
HETATM 1511 O  O   . HOH H 3 .  ? -2.337  1.835   -1.675  1.00 31.48 ? 125 HOH B O   1 
HETATM 1512 O  O   . HOH H 3 .  ? 0.682   6.814   7.964   1.00 30.30 ? 126 HOH B O   1 
HETATM 1513 O  O   . HOH H 3 .  ? 23.967  -2.924  1.876   1.00 42.43 ? 127 HOH B O   1 
HETATM 1514 O  O   . HOH H 3 .  ? 21.317  15.271  6.253   1.00 32.83 ? 128 HOH B O   1 
HETATM 1515 O  O   . HOH H 3 .  ? 11.666  14.190  0.028   1.00 35.82 ? 129 HOH B O   1 
HETATM 1516 O  O   . HOH H 3 .  ? -8.343  -8.311  6.129   1.00 44.08 ? 130 HOH B O   1 
HETATM 1517 O  O   . HOH H 3 .  ? 25.423  2.170   7.536   1.00 27.89 ? 131 HOH B O   1 
HETATM 1518 O  O   . HOH H 3 .  ? -1.872  5.883   6.771   1.00 27.22 ? 133 HOH B O   1 
HETATM 1519 O  O   . HOH H 3 .  ? -5.085  -7.710  2.279   1.00 31.92 ? 134 HOH B O   1 
HETATM 1520 O  O   . HOH H 3 .  ? 3.009   15.259  7.167   1.00 40.08 ? 135 HOH B O   1 
HETATM 1521 O  O   . HOH H 3 .  ? 21.521  -3.827  3.154   1.00 53.38 ? 136 HOH B O   1 
HETATM 1522 O  O   . HOH H 3 .  ? 15.186  14.785  11.170  1.00 50.25 ? 137 HOH B O   1 
HETATM 1523 O  O   . HOH H 3 .  ? -7.969  4.753   -1.068  1.00 35.66 ? 138 HOH B O   1 
HETATM 1524 O  O   . HOH H 3 .  ? 6.035   0.973   13.089  1.00 33.54 ? 139 HOH B O   1 
HETATM 1525 O  O   . HOH H 3 .  ? 19.381  16.790  4.310   1.00 35.51 ? 140 HOH B O   1 
HETATM 1526 O  O   . HOH H 3 .  ? 26.521  4.525   7.684   1.00 35.04 ? 141 HOH B O   1 
HETATM 1527 O  O   . HOH H 3 .  ? 10.632  14.140  2.413   1.00 29.94 ? 142 HOH B O   1 
HETATM 1528 O  O   . HOH H 3 .  ? 1.402   -3.139  5.608   1.00 31.64 ? 143 HOH B O   1 
HETATM 1529 O  O   . HOH H 3 .  ? 2.083   -3.054  9.876   1.00 33.64 ? 144 HOH B O   1 
HETATM 1530 O  O   . HOH H 3 .  ? 8.093   15.486  8.344   1.00 43.02 ? 145 HOH B O   1 
HETATM 1531 O  O   . HOH H 3 .  ? -0.463  4.501   12.102  1.00 39.60 ? 146 HOH B O   1 
HETATM 1532 O  O   . HOH H 3 .  ? 19.012  -1.077  16.753  1.00 44.15 ? 147 HOH B O   1 
HETATM 1533 O  O   . HOH H 3 .  ? 6.218   -4.396  9.556   1.00 48.06 ? 148 HOH B O   1 
HETATM 1534 O  O   . HOH H 3 .  ? 4.353   3.174   12.972  1.00 33.98 ? 149 HOH B O   1 
HETATM 1535 O  O   . HOH H 3 .  ? 4.236   -5.733  6.911   1.00 47.33 ? 150 HOH B O   1 
HETATM 1536 O  O   . HOH H 3 .  ? 1.355   6.394   -5.011  1.00 31.48 ? 151 HOH B O   1 
HETATM 1537 O  O   . HOH H 3 .  ? -7.253  2.888   9.605   1.00 33.13 ? 152 HOH B O   1 
HETATM 1538 O  O   . HOH H 3 .  ? 8.285   14.546  2.330   1.00 44.64 ? 153 HOH B O   1 
HETATM 1539 O  O   . HOH H 3 .  ? -2.748  14.554  -0.110  1.00 33.91 ? 154 HOH B O   1 
HETATM 1540 O  O   . HOH H 3 .  ? 0.990   16.126  -1.061  1.00 39.53 ? 155 HOH B O   1 
HETATM 1541 O  O   . HOH H 3 .  ? 24.632  11.146  10.215  1.00 35.33 ? 156 HOH B O   1 
# 
